data_6E81
# 
_entry.id   6E81 
# 
_audit_conform.dict_name       mmcif_pdbx.dic 
_audit_conform.dict_version    5.379 
_audit_conform.dict_location   http://mmcif.pdb.org/dictionaries/ascii/mmcif_pdbx.dic 
# 
loop_
_database_2.database_id 
_database_2.database_code 
_database_2.pdbx_database_accession 
_database_2.pdbx_DOI 
PDB   6E81         pdb_00006e81 10.2210/pdb6e81/pdb 
WWPDB D_1000235869 ?            ?                   
# 
_pdbx_database_related.db_name        PDB 
_pdbx_database_related.details        . 
_pdbx_database_related.db_id          5BJP 
_pdbx_database_related.content_type   unspecified 
# 
_pdbx_database_status.status_code                     REL 
_pdbx_database_status.status_code_sf                  REL 
_pdbx_database_status.status_code_mr                  ? 
_pdbx_database_status.entry_id                        6E81 
_pdbx_database_status.recvd_initial_deposition_date   2018-07-27 
_pdbx_database_status.SG_entry                        N 
_pdbx_database_status.deposit_site                    RCSB 
_pdbx_database_status.process_site                    RCSB 
_pdbx_database_status.status_code_cs                  ? 
_pdbx_database_status.methods_development_category    ? 
_pdbx_database_status.pdb_format_compatible           Y 
_pdbx_database_status.status_code_nmr_data            ? 
# 
loop_
_audit_author.name 
_audit_author.pdbx_ordinal 
_audit_author.identifier_ORCID 
'Sjekloca, L.'        1 0000-0002-4508-1743 
;Ferre-D'Amare, A.R.
;
2 0000-0003-4549-1619 
# 
_citation.abstract                  ? 
_citation.abstract_id_CAS           ? 
_citation.book_id_ISBN              ? 
_citation.book_publisher            ? 
_citation.book_publisher_city       ? 
_citation.book_title                ? 
_citation.coordinate_linkage        ? 
_citation.country                   US 
_citation.database_id_Medline       ? 
_citation.details                   ? 
_citation.id                        primary 
_citation.journal_abbrev            'Cell Chem Biol' 
_citation.journal_id_ASTM           ? 
_citation.journal_id_CSD            ? 
_citation.journal_id_ISSN           2451-9456 
_citation.journal_full              ? 
_citation.journal_issue             ? 
_citation.journal_volume            26 
_citation.language                  ? 
_citation.page_first                1159 
_citation.page_last                 ? 
_citation.title                     
'Binding between G Quadruplexes at the Homodimer Interface of the Corn RNA Aptamer Strongly Activates Thioflavin T Fluorescence.' 
_citation.year                      2019 
_citation.database_id_CSD           ? 
_citation.pdbx_database_id_DOI      10.1016/j.chembiol.2019.04.012 
_citation.pdbx_database_id_PubMed   31178406 
_citation.unpublished_flag          ? 
# 
loop_
_citation_author.citation_id 
_citation_author.name 
_citation_author.ordinal 
_citation_author.identifier_ORCID 
primary 'Sjekloca, L.'        1 ? 
primary 
;Ferre-D'Amare, A.R.
;
2 ? 
# 
_cell.angle_alpha                  90.000 
_cell.angle_alpha_esd              ? 
_cell.angle_beta                   90.000 
_cell.angle_beta_esd               ? 
_cell.angle_gamma                  120.000 
_cell.angle_gamma_esd              ? 
_cell.entry_id                     6E81 
_cell.details                      ? 
_cell.formula_units_Z              ? 
_cell.length_a                     131.404 
_cell.length_a_esd                 ? 
_cell.length_b                     131.404 
_cell.length_b_esd                 ? 
_cell.length_c                     40.632 
_cell.length_c_esd                 ? 
_cell.volume                       ? 
_cell.volume_esd                   ? 
_cell.Z_PDB                        18 
_cell.reciprocal_angle_alpha       ? 
_cell.reciprocal_angle_beta        ? 
_cell.reciprocal_angle_gamma       ? 
_cell.reciprocal_angle_alpha_esd   ? 
_cell.reciprocal_angle_beta_esd    ? 
_cell.reciprocal_angle_gamma_esd   ? 
_cell.reciprocal_length_a          ? 
_cell.reciprocal_length_b          ? 
_cell.reciprocal_length_c          ? 
_cell.reciprocal_length_a_esd      ? 
_cell.reciprocal_length_b_esd      ? 
_cell.reciprocal_length_c_esd      ? 
_cell.pdbx_unique_axis             ? 
# 
_symmetry.entry_id                         6E81 
_symmetry.cell_setting                     ? 
_symmetry.Int_Tables_number                155 
_symmetry.space_group_name_Hall            ? 
_symmetry.space_group_name_H-M             'H 3 2' 
_symmetry.pdbx_full_space_group_name_H-M   ? 
# 
loop_
_entity.id 
_entity.type 
_entity.src_method 
_entity.pdbx_description 
_entity.formula_weight 
_entity.pdbx_number_of_molecules 
_entity.pdbx_ec 
_entity.pdbx_mutation 
_entity.pdbx_fragment 
_entity.details 
1 polymer     syn 'RNA (36-MER)'                                                    11794.100 1 ? ? ? ? 
2 non-polymer syn '2-[4-(dimethylamino)phenyl]-3,6-dimethyl-1,3-benzothiazol-3-ium' 283.411   1 ? ? ? ? 
3 non-polymer syn 'POTASSIUM ION'                                                   39.098    1 ? ? ? ? 
# 
_entity_poly.entity_id                      1 
_entity_poly.type                           polyribonucleotide 
_entity_poly.nstd_linkage                   no 
_entity_poly.nstd_monomer                   no 
_entity_poly.pdbx_seq_one_letter_code       GGCGCGAGGAAGGAGGUCUGAGGAGGUCACUGCGCC 
_entity_poly.pdbx_seq_one_letter_code_can   GGCGCGAGGAAGGAGGUCUGAGGAGGUCACUGCGCC 
_entity_poly.pdbx_strand_id                 A 
_entity_poly.pdbx_target_identifier         ? 
# 
loop_
_entity_poly_seq.entity_id 
_entity_poly_seq.num 
_entity_poly_seq.mon_id 
_entity_poly_seq.hetero 
1 1  G n 
1 2  G n 
1 3  C n 
1 4  G n 
1 5  C n 
1 6  G n 
1 7  A n 
1 8  G n 
1 9  G n 
1 10 A n 
1 11 A n 
1 12 G n 
1 13 G n 
1 14 A n 
1 15 G n 
1 16 G n 
1 17 U n 
1 18 C n 
1 19 U n 
1 20 G n 
1 21 A n 
1 22 G n 
1 23 G n 
1 24 A n 
1 25 G n 
1 26 G n 
1 27 U n 
1 28 C n 
1 29 A n 
1 30 C n 
1 31 U n 
1 32 G n 
1 33 C n 
1 34 G n 
1 35 C n 
1 36 C n 
# 
_pdbx_entity_src_syn.entity_id              1 
_pdbx_entity_src_syn.pdbx_src_id            1 
_pdbx_entity_src_syn.pdbx_alt_source_flag   sample 
_pdbx_entity_src_syn.pdbx_beg_seq_num       1 
_pdbx_entity_src_syn.pdbx_end_seq_num       36 
_pdbx_entity_src_syn.organism_scientific    'synthetic construct' 
_pdbx_entity_src_syn.organism_common_name   ? 
_pdbx_entity_src_syn.ncbi_taxonomy_id       32630 
_pdbx_entity_src_syn.details                ? 
# 
_struct_ref.id                         1 
_struct_ref.db_name                    PDB 
_struct_ref.db_code                    6E81 
_struct_ref.pdbx_db_accession          6E81 
_struct_ref.pdbx_db_isoform            ? 
_struct_ref.entity_id                  1 
_struct_ref.pdbx_seq_one_letter_code   ? 
_struct_ref.pdbx_align_begin           1 
# 
_struct_ref_seq.align_id                      1 
_struct_ref_seq.ref_id                        1 
_struct_ref_seq.pdbx_PDB_id_code              6E81 
_struct_ref_seq.pdbx_strand_id                A 
_struct_ref_seq.seq_align_beg                 1 
_struct_ref_seq.pdbx_seq_align_beg_ins_code   ? 
_struct_ref_seq.seq_align_end                 36 
_struct_ref_seq.pdbx_seq_align_end_ins_code   ? 
_struct_ref_seq.pdbx_db_accession             6E81 
_struct_ref_seq.db_align_beg                  1 
_struct_ref_seq.pdbx_db_align_beg_ins_code    ? 
_struct_ref_seq.db_align_end                  36 
_struct_ref_seq.pdbx_db_align_end_ins_code    ? 
_struct_ref_seq.pdbx_auth_seq_align_beg       1 
_struct_ref_seq.pdbx_auth_seq_align_end       36 
# 
loop_
_chem_comp.id 
_chem_comp.type 
_chem_comp.mon_nstd_flag 
_chem_comp.name 
_chem_comp.pdbx_synonyms 
_chem_comp.formula 
_chem_comp.formula_weight 
A   'RNA linking' y "ADENOSINE-5'-MONOPHOSPHATE"                                      ?              'C10 H14 N5 O7 P' 347.221 
C   'RNA linking' y "CYTIDINE-5'-MONOPHOSPHATE"                                       ?              'C9 H14 N3 O8 P'  323.197 
G   'RNA linking' y "GUANOSINE-5'-MONOPHOSPHATE"                                      ?              'C10 H14 N5 O8 P' 363.221 
K   non-polymer   . 'POTASSIUM ION'                                                   ?              'K 1'             39.098  
TFX non-polymer   . '2-[4-(dimethylamino)phenyl]-3,6-dimethyl-1,3-benzothiazol-3-ium' 'Thioflavin T' 'C17 H19 N2 S 1'  283.411 
U   'RNA linking' y "URIDINE-5'-MONOPHOSPHATE"                                        ?              'C9 H13 N2 O9 P'  324.181 
# 
_exptl.absorpt_coefficient_mu     ? 
_exptl.absorpt_correction_T_max   ? 
_exptl.absorpt_correction_T_min   ? 
_exptl.absorpt_correction_type    ? 
_exptl.absorpt_process_details    ? 
_exptl.entry_id                   6E81 
_exptl.crystals_number            1 
_exptl.details                    ? 
_exptl.method                     'X-RAY DIFFRACTION' 
_exptl.method_details             ? 
# 
_exptl_crystal.colour                      ? 
_exptl_crystal.density_diffrn              ? 
_exptl_crystal.density_Matthews            2.86 
_exptl_crystal.density_method              ? 
_exptl_crystal.density_percent_sol         57.02 
_exptl_crystal.description                 'rectangular plate-shaped' 
_exptl_crystal.F_000                       ? 
_exptl_crystal.id                          1 
_exptl_crystal.preparation                 ? 
_exptl_crystal.size_max                    ? 
_exptl_crystal.size_mid                    ? 
_exptl_crystal.size_min                    ? 
_exptl_crystal.size_rad                    ? 
_exptl_crystal.colour_lustre               ? 
_exptl_crystal.colour_modifier             ? 
_exptl_crystal.colour_primary              ? 
_exptl_crystal.density_meas                ? 
_exptl_crystal.density_meas_esd            ? 
_exptl_crystal.density_meas_gt             ? 
_exptl_crystal.density_meas_lt             ? 
_exptl_crystal.density_meas_temp           ? 
_exptl_crystal.density_meas_temp_esd       ? 
_exptl_crystal.density_meas_temp_gt        ? 
_exptl_crystal.density_meas_temp_lt        ? 
_exptl_crystal.pdbx_crystal_image_url      ? 
_exptl_crystal.pdbx_crystal_image_format   ? 
_exptl_crystal.pdbx_mosaicity              ? 
_exptl_crystal.pdbx_mosaicity_esd          ? 
# 
_exptl_crystal_grow.apparatus       ? 
_exptl_crystal_grow.atmosphere      ? 
_exptl_crystal_grow.crystal_id      1 
_exptl_crystal_grow.details         ? 
_exptl_crystal_grow.method          'VAPOR DIFFUSION, HANGING DROP' 
_exptl_crystal_grow.method_ref      ? 
_exptl_crystal_grow.pH              ? 
_exptl_crystal_grow.pressure        ? 
_exptl_crystal_grow.pressure_esd    ? 
_exptl_crystal_grow.seeding         ? 
_exptl_crystal_grow.seeding_ref     ? 
_exptl_crystal_grow.temp            288 
_exptl_crystal_grow.temp_details    ? 
_exptl_crystal_grow.temp_esd        ? 
_exptl_crystal_grow.time            ? 
_exptl_crystal_grow.pdbx_details    '20% PEG 4000, 5% PEG400, 0.2M ammonium acetate pH 6.7, 0.1 M sodium citrate pH 5.6' 
_exptl_crystal_grow.pdbx_pH_range   ? 
# 
_diffrn.ambient_environment              ? 
_diffrn.ambient_temp                     100 
_diffrn.ambient_temp_details             ? 
_diffrn.ambient_temp_esd                 ? 
_diffrn.crystal_id                       1 
_diffrn.crystal_support                  ? 
_diffrn.crystal_treatment                ? 
_diffrn.details                          ? 
_diffrn.id                               1 
_diffrn.ambient_pressure                 ? 
_diffrn.ambient_pressure_esd             ? 
_diffrn.ambient_pressure_gt              ? 
_diffrn.ambient_pressure_lt              ? 
_diffrn.ambient_temp_gt                  ? 
_diffrn.ambient_temp_lt                  ? 
_diffrn.pdbx_serial_crystal_experiment   ? 
# 
_diffrn_detector.details                      ? 
_diffrn_detector.detector                     PIXEL 
_diffrn_detector.diffrn_id                    1 
_diffrn_detector.type                         'DECTRIS PILATUS3 6M' 
_diffrn_detector.area_resol_mean              ? 
_diffrn_detector.dtime                        ? 
_diffrn_detector.pdbx_frames_total            ? 
_diffrn_detector.pdbx_collection_time_total   ? 
_diffrn_detector.pdbx_collection_date         2017-04-21 
_diffrn_detector.pdbx_frequency               ? 
# 
_diffrn_radiation.collimation                      ? 
_diffrn_radiation.diffrn_id                        1 
_diffrn_radiation.filter_edge                      ? 
_diffrn_radiation.inhomogeneity                    ? 
_diffrn_radiation.monochromator                    ? 
_diffrn_radiation.polarisn_norm                    ? 
_diffrn_radiation.polarisn_ratio                   ? 
_diffrn_radiation.probe                            ? 
_diffrn_radiation.type                             ? 
_diffrn_radiation.xray_symbol                      ? 
_diffrn_radiation.wavelength_id                    1 
_diffrn_radiation.pdbx_monochromatic_or_laue_m_l   M 
_diffrn_radiation.pdbx_wavelength_list             ? 
_diffrn_radiation.pdbx_wavelength                  ? 
_diffrn_radiation.pdbx_diffrn_protocol             'SINGLE WAVELENGTH' 
_diffrn_radiation.pdbx_analyzer                    ? 
_diffrn_radiation.pdbx_scattering_type             x-ray 
# 
_diffrn_radiation_wavelength.id           1 
_diffrn_radiation_wavelength.wavelength   1.00003 
_diffrn_radiation_wavelength.wt           1.0 
# 
_diffrn_source.current                     ? 
_diffrn_source.details                     ? 
_diffrn_source.diffrn_id                   1 
_diffrn_source.power                       ? 
_diffrn_source.size                        ? 
_diffrn_source.source                      SYNCHROTRON 
_diffrn_source.target                      ? 
_diffrn_source.type                        'ALS BEAMLINE 5.0.2' 
_diffrn_source.voltage                     ? 
_diffrn_source.take-off_angle              ? 
_diffrn_source.pdbx_wavelength_list        1.00003 
_diffrn_source.pdbx_wavelength             ? 
_diffrn_source.pdbx_synchrotron_beamline   5.0.2 
_diffrn_source.pdbx_synchrotron_site       ALS 
# 
_reflns.B_iso_Wilson_estimate            85.560 
_reflns.entry_id                         6E81 
_reflns.data_reduction_details           ? 
_reflns.data_reduction_method            ? 
_reflns.d_resolution_high                2.720 
_reflns.d_resolution_low                 66.260 
_reflns.details                          ? 
_reflns.limit_h_max                      ? 
_reflns.limit_h_min                      ? 
_reflns.limit_k_max                      ? 
_reflns.limit_k_min                      ? 
_reflns.limit_l_max                      ? 
_reflns.limit_l_min                      ? 
_reflns.number_all                       ? 
_reflns.number_obs                       3756 
_reflns.observed_criterion               ? 
_reflns.observed_criterion_F_max         ? 
_reflns.observed_criterion_F_min         ? 
_reflns.observed_criterion_I_max         ? 
_reflns.observed_criterion_I_min         ? 
_reflns.observed_criterion_sigma_F       ? 
_reflns.observed_criterion_sigma_I       ? 
_reflns.percent_possible_obs             99.400 
_reflns.R_free_details                   ? 
_reflns.Rmerge_F_all                     ? 
_reflns.Rmerge_F_obs                     ? 
_reflns.Friedel_coverage                 ? 
_reflns.number_gt                        ? 
_reflns.threshold_expression             ? 
_reflns.pdbx_redundancy                  38.500 
_reflns.pdbx_Rmerge_I_obs                0.068 
_reflns.pdbx_Rmerge_I_all                ? 
_reflns.pdbx_Rsym_value                  ? 
_reflns.pdbx_netI_over_av_sigmaI         ? 
_reflns.pdbx_netI_over_sigmaI            25.100 
_reflns.pdbx_res_netI_over_av_sigmaI_2   ? 
_reflns.pdbx_res_netI_over_sigmaI_2      ? 
_reflns.pdbx_chi_squared                 ? 
_reflns.pdbx_scaling_rejects             8 
_reflns.pdbx_d_res_high_opt              ? 
_reflns.pdbx_d_res_low_opt               ? 
_reflns.pdbx_d_res_opt_method            ? 
_reflns.phase_calculation_details        ? 
_reflns.pdbx_Rrim_I_all                  0.069 
_reflns.pdbx_Rpim_I_all                  0.011 
_reflns.pdbx_d_opt                       ? 
_reflns.pdbx_number_measured_all         144541 
_reflns.pdbx_diffrn_id                   1 
_reflns.pdbx_ordinal                     1 
_reflns.pdbx_CC_half                     1.000 
_reflns.pdbx_R_split                     ? 
# 
loop_
_reflns_shell.d_res_high 
_reflns_shell.d_res_low 
_reflns_shell.meanI_over_sigI_all 
_reflns_shell.meanI_over_sigI_obs 
_reflns_shell.number_measured_all 
_reflns_shell.number_measured_obs 
_reflns_shell.number_possible 
_reflns_shell.number_unique_all 
_reflns_shell.number_unique_obs 
_reflns_shell.percent_possible_all 
_reflns_shell.percent_possible_obs 
_reflns_shell.Rmerge_F_all 
_reflns_shell.Rmerge_F_obs 
_reflns_shell.Rmerge_I_all 
_reflns_shell.Rmerge_I_obs 
_reflns_shell.meanI_over_sigI_gt 
_reflns_shell.meanI_over_uI_all 
_reflns_shell.meanI_over_uI_gt 
_reflns_shell.number_measured_gt 
_reflns_shell.number_unique_gt 
_reflns_shell.percent_possible_gt 
_reflns_shell.Rmerge_F_gt 
_reflns_shell.Rmerge_I_gt 
_reflns_shell.pdbx_redundancy 
_reflns_shell.pdbx_Rsym_value 
_reflns_shell.pdbx_chi_squared 
_reflns_shell.pdbx_netI_over_sigmaI_all 
_reflns_shell.pdbx_netI_over_sigmaI_obs 
_reflns_shell.pdbx_Rrim_I_all 
_reflns_shell.pdbx_Rpim_I_all 
_reflns_shell.pdbx_rejects 
_reflns_shell.pdbx_ordinal 
_reflns_shell.pdbx_diffrn_id 
_reflns_shell.pdbx_CC_half 
_reflns_shell.pdbx_R_split 
2.720  2.790  ? ? ? ? ? ? 275 98.800 ? ? ? ? ?     ? ? ? ? ? ? ? ? 40.800 ? ? ? ? ?     1.277 ? 1 1 0.345 ? 
12.170 66.260 ? ? ? ? ? ? 51  99.200 ? ? ? ? 0.023 ? ? ? ? ? ? ? ? 34.900 ? ? ? ? 0.023 0.004 ? 2 1 1.000 ? 
# 
_refine.aniso_B[1][1]                            ? 
_refine.aniso_B[1][2]                            ? 
_refine.aniso_B[1][3]                            ? 
_refine.aniso_B[2][2]                            ? 
_refine.aniso_B[2][3]                            ? 
_refine.aniso_B[3][3]                            ? 
_refine.B_iso_max                                185.230 
_refine.B_iso_mean                               111.8520 
_refine.B_iso_min                                55.750 
_refine.correlation_coeff_Fo_to_Fc               ? 
_refine.correlation_coeff_Fo_to_Fc_free          ? 
_refine.details                                  ? 
_refine.diff_density_max                         ? 
_refine.diff_density_max_esd                     ? 
_refine.diff_density_min                         ? 
_refine.diff_density_min_esd                     ? 
_refine.diff_density_rms                         ? 
_refine.diff_density_rms_esd                     ? 
_refine.entry_id                                 6E81 
_refine.pdbx_refine_id                           'X-RAY DIFFRACTION' 
_refine.ls_abs_structure_details                 ? 
_refine.ls_abs_structure_Flack                   ? 
_refine.ls_abs_structure_Flack_esd               ? 
_refine.ls_abs_structure_Rogers                  ? 
_refine.ls_abs_structure_Rogers_esd              ? 
_refine.ls_d_res_high                            2.7210 
_refine.ls_d_res_low                             38.2660 
_refine.ls_extinction_coef                       ? 
_refine.ls_extinction_coef_esd                   ? 
_refine.ls_extinction_expression                 ? 
_refine.ls_extinction_method                     ? 
_refine.ls_goodness_of_fit_all                   ? 
_refine.ls_goodness_of_fit_all_esd               ? 
_refine.ls_goodness_of_fit_obs                   ? 
_refine.ls_goodness_of_fit_obs_esd               ? 
_refine.ls_hydrogen_treatment                    ? 
_refine.ls_matrix_type                           ? 
_refine.ls_number_constraints                    ? 
_refine.ls_number_parameters                     ? 
_refine.ls_number_reflns_all                     ? 
_refine.ls_number_reflns_obs                     3629 
_refine.ls_number_reflns_R_free                  369 
_refine.ls_number_reflns_R_work                  ? 
_refine.ls_number_restraints                     ? 
_refine.ls_percent_reflns_obs                    98.4300 
_refine.ls_percent_reflns_R_free                 10.1700 
_refine.ls_R_factor_all                          ? 
_refine.ls_R_factor_obs                          0.2494 
_refine.ls_R_factor_R_free                       0.2590 
_refine.ls_R_factor_R_free_error                 ? 
_refine.ls_R_factor_R_free_error_details         ? 
_refine.ls_R_factor_R_work                       0.2481 
_refine.ls_R_Fsqd_factor_obs                     ? 
_refine.ls_R_I_factor_obs                        ? 
_refine.ls_redundancy_reflns_all                 ? 
_refine.ls_redundancy_reflns_obs                 ? 
_refine.ls_restrained_S_all                      ? 
_refine.ls_restrained_S_obs                      ? 
_refine.ls_shift_over_esd_max                    ? 
_refine.ls_shift_over_esd_mean                   ? 
_refine.ls_structure_factor_coef                 ? 
_refine.ls_weighting_details                     ? 
_refine.ls_weighting_scheme                      ? 
_refine.ls_wR_factor_all                         ? 
_refine.ls_wR_factor_obs                         ? 
_refine.ls_wR_factor_R_free                      ? 
_refine.ls_wR_factor_R_work                      ? 
_refine.occupancy_max                            ? 
_refine.occupancy_min                            ? 
_refine.solvent_model_details                    ? 
_refine.solvent_model_param_bsol                 ? 
_refine.solvent_model_param_ksol                 ? 
_refine.ls_R_factor_gt                           ? 
_refine.ls_goodness_of_fit_gt                    ? 
_refine.ls_goodness_of_fit_ref                   ? 
_refine.ls_shift_over_su_max                     ? 
_refine.ls_shift_over_su_max_lt                  ? 
_refine.ls_shift_over_su_mean                    ? 
_refine.ls_shift_over_su_mean_lt                 ? 
_refine.pdbx_ls_sigma_I                          ? 
_refine.pdbx_ls_sigma_F                          1.340 
_refine.pdbx_ls_sigma_Fsqd                       ? 
_refine.pdbx_data_cutoff_high_absF               ? 
_refine.pdbx_data_cutoff_high_rms_absF           ? 
_refine.pdbx_data_cutoff_low_absF                ? 
_refine.pdbx_isotropic_thermal_model             ? 
_refine.pdbx_ls_cross_valid_method               THROUGHOUT 
_refine.pdbx_method_to_determine_struct          'MOLECULAR REPLACEMENT' 
_refine.pdbx_starting_model                      5BJP 
_refine.pdbx_stereochemistry_target_values       ? 
_refine.pdbx_R_Free_selection_details            ? 
_refine.pdbx_stereochem_target_val_spec_case     ? 
_refine.pdbx_overall_ESU_R                       ? 
_refine.pdbx_overall_ESU_R_Free                  ? 
_refine.pdbx_solvent_vdw_probe_radii             1.1100 
_refine.pdbx_solvent_ion_probe_radii             ? 
_refine.pdbx_solvent_shrinkage_radii             0.9000 
_refine.pdbx_real_space_R                        ? 
_refine.pdbx_density_correlation                 ? 
_refine.pdbx_pd_number_of_powder_patterns        ? 
_refine.pdbx_pd_number_of_points                 ? 
_refine.pdbx_pd_meas_number_of_points            ? 
_refine.pdbx_pd_proc_ls_prof_R_factor            ? 
_refine.pdbx_pd_proc_ls_prof_wR_factor           ? 
_refine.pdbx_pd_Marquardt_correlation_coeff      ? 
_refine.pdbx_pd_Fsqrd_R_factor                   ? 
_refine.pdbx_pd_ls_matrix_band_width             ? 
_refine.pdbx_overall_phase_error                 41.5900 
_refine.pdbx_overall_SU_R_free_Cruickshank_DPI   ? 
_refine.pdbx_overall_SU_R_free_Blow_DPI          ? 
_refine.pdbx_overall_SU_R_Blow_DPI               ? 
_refine.pdbx_TLS_residual_ADP_flag               ? 
_refine.pdbx_diffrn_id                           1 
_refine.overall_SU_B                             ? 
_refine.overall_SU_ML                            0.3300 
_refine.overall_SU_R_Cruickshank_DPI             ? 
_refine.overall_SU_R_free                        ? 
_refine.overall_FOM_free_R_set                   ? 
_refine.overall_FOM_work_R_set                   ? 
_refine.pdbx_average_fsc_overall                 ? 
_refine.pdbx_average_fsc_work                    ? 
_refine.pdbx_average_fsc_free                    ? 
# 
_refine_hist.cycle_id                         final 
_refine_hist.pdbx_refine_id                   'X-RAY DIFFRACTION' 
_refine_hist.d_res_high                       2.7210 
_refine_hist.d_res_low                        38.2660 
_refine_hist.pdbx_number_atoms_ligand         41 
_refine_hist.number_atoms_solvent             0 
_refine_hist.number_atoms_total               826 
_refine_hist.pdbx_number_residues_total       36 
_refine_hist.pdbx_B_iso_mean_ligand           67.75 
_refine_hist.pdbx_number_atoms_protein        0 
_refine_hist.pdbx_number_atoms_nucleic_acid   785 
# 
loop_
_refine_ls_restr.pdbx_refine_id 
_refine_ls_restr.criterion 
_refine_ls_restr.dev_ideal 
_refine_ls_restr.dev_ideal_target 
_refine_ls_restr.number 
_refine_ls_restr.rejects 
_refine_ls_restr.type 
_refine_ls_restr.weight 
_refine_ls_restr.pdbx_restraint_function 
'X-RAY DIFFRACTION' ? 0.006  ? 924  ? f_bond_d           ? ? 
'X-RAY DIFFRACTION' ? 1.224  ? 1438 ? f_angle_d          ? ? 
'X-RAY DIFFRACTION' ? 0.055  ? 180  ? f_chiral_restr     ? ? 
'X-RAY DIFFRACTION' ? 0.007  ? 42   ? f_plane_restr      ? ? 
'X-RAY DIFFRACTION' ? 21.100 ? 433  ? f_dihedral_angle_d ? ? 
# 
loop_
_refine_ls_shell.pdbx_refine_id 
_refine_ls_shell.d_res_high 
_refine_ls_shell.d_res_low 
_refine_ls_shell.number_reflns_all 
_refine_ls_shell.number_reflns_obs 
_refine_ls_shell.number_reflns_R_free 
_refine_ls_shell.number_reflns_R_work 
_refine_ls_shell.percent_reflns_obs 
_refine_ls_shell.percent_reflns_R_free 
_refine_ls_shell.R_factor_all 
_refine_ls_shell.R_factor_obs 
_refine_ls_shell.R_factor_R_free 
_refine_ls_shell.R_factor_R_free_error 
_refine_ls_shell.R_factor_R_work 
_refine_ls_shell.redundancy_reflns_all 
_refine_ls_shell.redundancy_reflns_obs 
_refine_ls_shell.wR_factor_all 
_refine_ls_shell.wR_factor_obs 
_refine_ls_shell.wR_factor_R_free 
_refine_ls_shell.wR_factor_R_work 
_refine_ls_shell.pdbx_total_number_of_bins_used 
_refine_ls_shell.pdbx_phase_error 
_refine_ls_shell.pdbx_fsc_work 
_refine_ls_shell.pdbx_fsc_free 
'X-RAY DIFFRACTION' 2.7208 3.1143  1198 . 117 1081 99.0000 . . . 0.3798 0.0000 0.3375 . . . . . . 3 . . . 
'X-RAY DIFFRACTION' 3.1143 3.9231  1188 . 129 1059 98.0000 . . . 0.3393 0.0000 0.2750 . . . . . . 3 . . . 
'X-RAY DIFFRACTION' 3.9231 38.2697 1243 . 123 1120 99.0000 . . . 0.2196 0.0000 0.2260 . . . . . . 3 . . . 
# 
_struct.entry_id                     6E81 
_struct.title                        'Crystal structure of the Corn aptamer in complex with ThT' 
_struct.pdbx_model_details           ? 
_struct.pdbx_formula_weight          ? 
_struct.pdbx_formula_weight_method   ? 
_struct.pdbx_model_type_details      ? 
_struct.pdbx_CASP_flag               N 
# 
_struct_keywords.entry_id        6E81 
_struct_keywords.text            'polyribonucleotide, fluorigenic aptamer, G-quadruplex, thioflavin T, RNA' 
_struct_keywords.pdbx_keywords   RNA 
# 
loop_
_struct_asym.id 
_struct_asym.pdbx_blank_PDB_chainid_flag 
_struct_asym.pdbx_modified 
_struct_asym.entity_id 
_struct_asym.details 
A N N 1 ? 
B N N 2 ? 
C N N 3 ? 
# 
loop_
_struct_conn.id 
_struct_conn.conn_type_id 
_struct_conn.pdbx_leaving_atom_flag 
_struct_conn.pdbx_PDB_id 
_struct_conn.ptnr1_label_asym_id 
_struct_conn.ptnr1_label_comp_id 
_struct_conn.ptnr1_label_seq_id 
_struct_conn.ptnr1_label_atom_id 
_struct_conn.pdbx_ptnr1_label_alt_id 
_struct_conn.pdbx_ptnr1_PDB_ins_code 
_struct_conn.pdbx_ptnr1_standard_comp_id 
_struct_conn.ptnr1_symmetry 
_struct_conn.ptnr2_label_asym_id 
_struct_conn.ptnr2_label_comp_id 
_struct_conn.ptnr2_label_seq_id 
_struct_conn.ptnr2_label_atom_id 
_struct_conn.pdbx_ptnr2_label_alt_id 
_struct_conn.pdbx_ptnr2_PDB_ins_code 
_struct_conn.ptnr1_auth_asym_id 
_struct_conn.ptnr1_auth_comp_id 
_struct_conn.ptnr1_auth_seq_id 
_struct_conn.ptnr2_auth_asym_id 
_struct_conn.ptnr2_auth_comp_id 
_struct_conn.ptnr2_auth_seq_id 
_struct_conn.ptnr2_symmetry 
_struct_conn.pdbx_ptnr3_label_atom_id 
_struct_conn.pdbx_ptnr3_label_seq_id 
_struct_conn.pdbx_ptnr3_label_comp_id 
_struct_conn.pdbx_ptnr3_label_asym_id 
_struct_conn.pdbx_ptnr3_label_alt_id 
_struct_conn.pdbx_ptnr3_PDB_ins_code 
_struct_conn.details 
_struct_conn.pdbx_dist_value 
_struct_conn.pdbx_value_order 
_struct_conn.pdbx_role 
metalc1  metalc ? ? A G 12 O6 ? ? ? 1_555 C K .  K  ? ? A G 12 A K 102 1_555 ? ? ? ? ? ? ?             2.754 ? ? 
metalc2  metalc ? ? A G 13 O6 ? ? ? 1_555 C K .  K  ? ? A G 13 A K 102 1_555 ? ? ? ? ? ? ?             2.986 ? ? 
metalc3  metalc ? ? A G 15 O6 ? ? ? 1_555 C K .  K  ? ? A G 15 A K 102 1_555 ? ? ? ? ? ? ?             2.717 ? ? 
metalc4  metalc ? ? A G 16 O6 ? ? ? 1_555 C K .  K  ? ? A G 16 A K 102 1_555 ? ? ? ? ? ? ?             2.611 ? ? 
metalc5  metalc ? ? A G 22 O6 ? ? ? 1_555 C K .  K  ? ? A G 22 A K 102 1_555 ? ? ? ? ? ? ?             2.805 ? ? 
metalc6  metalc ? ? A G 23 O6 ? ? ? 1_555 C K .  K  ? ? A G 23 A K 102 1_555 ? ? ? ? ? ? ?             2.786 ? ? 
metalc7  metalc ? ? A G 25 O6 ? ? ? 1_555 C K .  K  ? ? A G 25 A K 102 1_555 ? ? ? ? ? ? ?             2.616 ? ? 
metalc8  metalc ? ? A G 26 O6 ? ? ? 1_555 C K .  K  ? ? A G 26 A K 102 1_555 ? ? ? ? ? ? ?             2.809 ? ? 
hydrog1  hydrog ? ? A G 1  N1 ? ? ? 1_555 A C 36 N3 ? ? A G 1  A C 36  1_555 ? ? ? ? ? ? WATSON-CRICK  ?     ? ? 
hydrog2  hydrog ? ? A G 1  N2 ? ? ? 1_555 A C 36 O2 ? ? A G 1  A C 36  1_555 ? ? ? ? ? ? WATSON-CRICK  ?     ? ? 
hydrog3  hydrog ? ? A G 1  O6 ? ? ? 1_555 A C 36 N4 ? ? A G 1  A C 36  1_555 ? ? ? ? ? ? WATSON-CRICK  ?     ? ? 
hydrog4  hydrog ? ? A G 2  N1 ? ? ? 1_555 A C 35 N3 ? ? A G 2  A C 35  1_555 ? ? ? ? ? ? WATSON-CRICK  ?     ? ? 
hydrog5  hydrog ? ? A G 2  N2 ? ? ? 1_555 A C 35 O2 ? ? A G 2  A C 35  1_555 ? ? ? ? ? ? WATSON-CRICK  ?     ? ? 
hydrog6  hydrog ? ? A G 2  O6 ? ? ? 1_555 A C 35 N4 ? ? A G 2  A C 35  1_555 ? ? ? ? ? ? WATSON-CRICK  ?     ? ? 
hydrog7  hydrog ? ? A C 3  N3 ? ? ? 1_555 A G 34 N1 ? ? A C 3  A G 34  1_555 ? ? ? ? ? ? WATSON-CRICK  ?     ? ? 
hydrog8  hydrog ? ? A C 3  N4 ? ? ? 1_555 A G 34 O6 ? ? A C 3  A G 34  1_555 ? ? ? ? ? ? WATSON-CRICK  ?     ? ? 
hydrog9  hydrog ? ? A C 3  O2 ? ? ? 1_555 A G 34 N2 ? ? A C 3  A G 34  1_555 ? ? ? ? ? ? WATSON-CRICK  ?     ? ? 
hydrog10 hydrog ? ? A G 4  N1 ? ? ? 1_555 A C 33 N3 ? ? A G 4  A C 33  1_555 ? ? ? ? ? ? WATSON-CRICK  ?     ? ? 
hydrog11 hydrog ? ? A G 4  N2 ? ? ? 1_555 A C 33 O2 ? ? A G 4  A C 33  1_555 ? ? ? ? ? ? WATSON-CRICK  ?     ? ? 
hydrog12 hydrog ? ? A G 4  O6 ? ? ? 1_555 A C 33 N4 ? ? A G 4  A C 33  1_555 ? ? ? ? ? ? WATSON-CRICK  ?     ? ? 
hydrog13 hydrog ? ? A C 5  O2 ? ? ? 1_555 A G 32 N1 ? ? A C 5  A G 32  1_555 ? ? ? ? ? ? 'C-G PAIR'    ?     ? ? 
hydrog14 hydrog ? ? A C 5  N3 ? ? ? 1_555 A C 33 N4 ? ? A C 5  A C 33  1_555 ? ? ? ? ? ? 'C-C MISPAIR' ?     ? ? 
hydrog15 hydrog ? ? A A 7  N6 ? ? ? 1_555 A A 14 N7 ? ? A A 7  A A 14  1_555 ? ? ? ? ? ? TYPE_2_PAIR   ?     ? ? 
hydrog16 hydrog ? ? A A 7  N7 ? ? ? 1_555 A A 14 N6 ? ? A A 7  A A 14  1_555 ? ? ? ? ? ? TYPE_2_PAIR   ?     ? ? 
hydrog17 hydrog ? ? A G 8  N1 ? ? ? 1_555 A A 14 N7 ? ? A G 8  A A 14  1_555 ? ? ? ? ? ? TYPE_9_PAIR   ?     ? ? 
hydrog18 hydrog ? ? A G 8  O6 ? ? ? 1_555 A A 14 N6 ? ? A G 8  A A 14  1_555 ? ? ? ? ? ? TYPE_9_PAIR   ?     ? ? 
hydrog19 hydrog ? ? A G 9  N1 ? ? ? 1_555 A C 18 N3 ? ? A G 9  A C 18  1_555 ? ? ? ? ? ? WATSON-CRICK  ?     ? ? 
hydrog20 hydrog ? ? A G 9  N2 ? ? ? 1_555 A C 18 O2 ? ? A G 9  A C 18  1_555 ? ? ? ? ? ? WATSON-CRICK  ?     ? ? 
hydrog21 hydrog ? ? A G 9  O6 ? ? ? 1_555 A C 18 N4 ? ? A G 9  A C 18  1_555 ? ? ? ? ? ? WATSON-CRICK  ?     ? ? 
hydrog22 hydrog ? ? A G 9  N2 ? ? ? 1_555 A U 27 O2 ? ? A G 9  A U 27  1_555 ? ? ? ? ? ? 'G-U MISPAIR' ?     ? ? 
hydrog23 hydrog ? ? A G 12 N1 ? ? ? 1_555 A G 15 O6 ? ? A G 12 A G 15  1_555 ? ? ? ? ? ? TYPE_6_PAIR   ?     ? ? 
hydrog24 hydrog ? ? A G 12 N2 ? ? ? 1_555 A G 15 N7 ? ? A G 12 A G 15  1_555 ? ? ? ? ? ? TYPE_6_PAIR   ?     ? ? 
hydrog25 hydrog ? ? A G 12 N7 ? ? ? 1_555 A G 25 N2 ? ? A G 12 A G 25  1_555 ? ? ? ? ? ? TYPE_6_PAIR   ?     ? ? 
hydrog26 hydrog ? ? A G 12 O6 ? ? ? 1_555 A G 25 N1 ? ? A G 12 A G 25  1_555 ? ? ? ? ? ? TYPE_6_PAIR   ?     ? ? 
hydrog27 hydrog ? ? A G 13 N1 ? ? ? 1_555 A G 15 O6 ? ? A G 13 A G 15  1_555 ? ? ? ? ? ? TYPE_6_PAIR   ?     ? ? 
hydrog28 hydrog ? ? A G 13 N2 ? ? ? 1_555 A G 15 N7 ? ? A G 13 A G 15  1_555 ? ? ? ? ? ? TYPE_6_PAIR   ?     ? ? 
hydrog29 hydrog ? ? A G 13 N1 ? ? ? 1_555 A G 16 O6 ? ? A G 13 A G 16  1_555 ? ? ? ? ? ? TYPE_6_PAIR   ?     ? ? 
hydrog30 hydrog ? ? A G 13 N2 ? ? ? 1_555 A G 16 N7 ? ? A G 13 A G 16  1_555 ? ? ? ? ? ? TYPE_6_PAIR   ?     ? ? 
hydrog31 hydrog ? ? A G 13 N7 ? ? ? 1_555 A G 26 N2 ? ? A G 13 A G 26  1_555 ? ? ? ? ? ? TYPE_6_PAIR   ?     ? ? 
hydrog32 hydrog ? ? A G 13 O6 ? ? ? 1_555 A G 26 N1 ? ? A G 13 A G 26  1_555 ? ? ? ? ? ? TYPE_6_PAIR   ?     ? ? 
hydrog33 hydrog ? ? A G 15 N1 ? ? ? 1_555 A G 22 O6 ? ? A G 15 A G 22  1_555 ? ? ? ? ? ? TYPE_6_PAIR   ?     ? ? 
hydrog34 hydrog ? ? A G 15 N2 ? ? ? 1_555 A G 22 N7 ? ? A G 15 A G 22  1_555 ? ? ? ? ? ? TYPE_6_PAIR   ?     ? ? 
hydrog35 hydrog ? ? A G 16 N1 ? ? ? 1_555 A G 23 O6 ? ? A G 16 A G 23  1_555 ? ? ? ? ? ? TYPE_6_PAIR   ?     ? ? 
hydrog36 hydrog ? ? A G 16 N2 ? ? ? 1_555 A G 23 N7 ? ? A G 16 A G 23  1_555 ? ? ? ? ? ? TYPE_6_PAIR   ?     ? ? 
hydrog37 hydrog ? ? A C 18 O2 ? ? ? 1_555 A G 20 N2 ? ? A C 18 A G 20  1_555 ? ? ? ? ? ? 'C-G PAIR'    ?     ? ? 
hydrog38 hydrog ? ? A G 20 N1 ? ? ? 1_555 A C 28 N3 ? ? A G 20 A C 28  1_555 ? ? ? ? ? ? WATSON-CRICK  ?     ? ? 
hydrog39 hydrog ? ? A G 20 N2 ? ? ? 1_555 A C 28 O2 ? ? A G 20 A C 28  1_555 ? ? ? ? ? ? WATSON-CRICK  ?     ? ? 
hydrog40 hydrog ? ? A G 20 O6 ? ? ? 1_555 A C 28 N4 ? ? A G 20 A C 28  1_555 ? ? ? ? ? ? WATSON-CRICK  ?     ? ? 
hydrog41 hydrog ? ? A A 21 N6 ? ? ? 1_555 A U 27 O4 ? ? A A 21 A U 27  1_555 ? ? ? ? ? ? 'A-U PAIR'    ?     ? ? 
hydrog42 hydrog ? ? A G 22 N1 ? ? ? 1_555 A G 25 O6 ? ? A G 22 A G 25  1_555 ? ? ? ? ? ? TYPE_6_PAIR   ?     ? ? 
hydrog43 hydrog ? ? A G 22 N2 ? ? ? 1_555 A G 25 N7 ? ? A G 22 A G 25  1_555 ? ? ? ? ? ? TYPE_6_PAIR   ?     ? ? 
hydrog44 hydrog ? ? A G 23 N1 ? ? ? 1_555 A G 26 O6 ? ? A G 23 A G 26  1_555 ? ? ? ? ? ? TYPE_6_PAIR   ?     ? ? 
hydrog45 hydrog ? ? A G 23 N2 ? ? ? 1_555 A G 26 N7 ? ? A G 23 A G 26  1_555 ? ? ? ? ? ? TYPE_6_PAIR   ?     ? ? 
# 
loop_
_struct_conn_type.id 
_struct_conn_type.criteria 
_struct_conn_type.reference 
metalc ? ? 
hydrog ? ? 
# 
loop_
_struct_site.id 
_struct_site.pdbx_evidence_code 
_struct_site.pdbx_auth_asym_id 
_struct_site.pdbx_auth_comp_id 
_struct_site.pdbx_auth_seq_id 
_struct_site.pdbx_auth_ins_code 
_struct_site.pdbx_num_residues 
_struct_site.details 
AC1 Software A TFX 101 ? 8 'binding site for residue TFX A 101' 
AC2 Software A K   102 ? 8 'binding site for residue K A 102'   
# 
loop_
_struct_site_gen.id 
_struct_site_gen.site_id 
_struct_site_gen.pdbx_num_res 
_struct_site_gen.label_comp_id 
_struct_site_gen.label_asym_id 
_struct_site_gen.label_seq_id 
_struct_site_gen.pdbx_auth_ins_code 
_struct_site_gen.auth_comp_id 
_struct_site_gen.auth_asym_id 
_struct_site_gen.auth_seq_id 
_struct_site_gen.label_atom_id 
_struct_site_gen.label_alt_id 
_struct_site_gen.symmetry 
_struct_site_gen.details 
1  AC1 8 G A 12 ? G A 12 . ? 12_556 ? 
2  AC1 8 G A 12 ? G A 12 . ? 1_555  ? 
3  AC1 8 G A 15 ? G A 15 . ? 1_555  ? 
4  AC1 8 G A 15 ? G A 15 . ? 12_556 ? 
5  AC1 8 G A 22 ? G A 22 . ? 1_555  ? 
6  AC1 8 G A 22 ? G A 22 . ? 12_556 ? 
7  AC1 8 G A 25 ? G A 25 . ? 12_556 ? 
8  AC1 8 G A 25 ? G A 25 . ? 1_555  ? 
9  AC2 8 G A 12 ? G A 12 . ? 1_555  ? 
10 AC2 8 G A 13 ? G A 13 . ? 1_555  ? 
11 AC2 8 G A 15 ? G A 15 . ? 1_555  ? 
12 AC2 8 G A 16 ? G A 16 . ? 1_555  ? 
13 AC2 8 G A 22 ? G A 22 . ? 1_555  ? 
14 AC2 8 G A 23 ? G A 23 . ? 1_555  ? 
15 AC2 8 G A 25 ? G A 25 . ? 1_555  ? 
16 AC2 8 G A 26 ? G A 26 . ? 1_555  ? 
# 
_atom_sites.entry_id                    6E81 
_atom_sites.fract_transf_matrix[1][1]   0.00110316 
_atom_sites.fract_transf_matrix[1][2]   0.00836147 
_atom_sites.fract_transf_matrix[1][3]   -0.00246742 
_atom_sites.fract_transf_matrix[2][1]   0.00716352 
_atom_sites.fract_transf_matrix[2][2]   0.00233886 
_atom_sites.fract_transf_matrix[2][3]   -0.00451941 
_atom_sites.fract_transf_matrix[3][1]   -0.01178413 
_atom_sites.fract_transf_matrix[3][2]   -0.00467044 
_atom_sites.fract_transf_matrix[3][3]   -0.02109556 
_atom_sites.fract_transf_vector[1]      0.239520 
_atom_sites.fract_transf_vector[2]      0.448065 
_atom_sites.fract_transf_vector[3]      0.495815 
# 
loop_
_atom_type.symbol 
C 
K 
N 
O 
P 
S 
# 
loop_
_atom_site.group_PDB 
_atom_site.id 
_atom_site.type_symbol 
_atom_site.label_atom_id 
_atom_site.label_alt_id 
_atom_site.label_comp_id 
_atom_site.label_asym_id 
_atom_site.label_entity_id 
_atom_site.label_seq_id 
_atom_site.pdbx_PDB_ins_code 
_atom_site.Cartn_x 
_atom_site.Cartn_y 
_atom_site.Cartn_z 
_atom_site.occupancy 
_atom_site.B_iso_or_equiv 
_atom_site.pdbx_formal_charge 
_atom_site.auth_seq_id 
_atom_site.auth_comp_id 
_atom_site.auth_asym_id 
_atom_site.auth_atom_id 
_atom_site.pdbx_PDB_model_num 
ATOM   1   P P     . G   A 1 1  ? 11.866  -1.851  8.848   1.00 146.84 ? 1   G   A P     1 
ATOM   2   O OP1   . G   A 1 1  ? 10.658  -1.077  9.235   1.00 143.11 ? 1   G   A OP1   1 
ATOM   3   O OP2   . G   A 1 1  ? 11.715  -3.242  8.340   1.00 139.86 ? 1   G   A OP2   1 
ATOM   4   O "O5'" . G   A 1 1  ? 12.637  -0.994  7.745   1.00 138.54 ? 1   G   A "O5'" 1 
ATOM   5   C "C5'" . G   A 1 1  ? 12.973  0.370   7.979   1.00 124.28 ? 1   G   A "C5'" 1 
ATOM   6   C "C4'" . G   A 1 1  ? 14.301  0.736   7.357   1.00 119.95 ? 1   G   A "C4'" 1 
ATOM   7   O "O4'" . G   A 1 1  ? 15.314  -0.212  7.778   1.00 118.66 ? 1   G   A "O4'" 1 
ATOM   8   C "C3'" . G   A 1 1  ? 14.365  0.690   5.837   1.00 127.52 ? 1   G   A "C3'" 1 
ATOM   9   O "O3'" . G   A 1 1  ? 13.852  1.860   5.227   1.00 132.73 ? 1   G   A "O3'" 1 
ATOM   10  C "C2'" . G   A 1 1  ? 15.849  0.474   5.561   1.00 128.68 ? 1   G   A "C2'" 1 
ATOM   11  O "O2'" . G   A 1 1  ? 16.563  1.699   5.646   1.00 132.91 ? 1   G   A "O2'" 1 
ATOM   12  C "C1'" . G   A 1 1  ? 16.261  -0.399  6.744   1.00 120.36 ? 1   G   A "C1'" 1 
ATOM   13  N N9    . G   A 1 1  ? 16.356  -1.838  6.420   1.00 126.70 ? 1   G   A N9    1 
ATOM   14  C C8    . G   A 1 1  ? 15.692  -2.866  7.057   1.00 126.55 ? 1   G   A C8    1 
ATOM   15  N N7    . G   A 1 1  ? 15.992  -4.051  6.585   1.00 126.49 ? 1   G   A N7    1 
ATOM   16  C C5    . G   A 1 1  ? 16.918  -3.798  5.573   1.00 129.48 ? 1   G   A C5    1 
ATOM   17  C C6    . G   A 1 1  ? 17.602  -4.697  4.698   1.00 130.42 ? 1   G   A C6    1 
ATOM   18  O O6    . G   A 1 1  ? 17.526  -5.937  4.641   1.00 131.35 ? 1   G   A O6    1 
ATOM   19  N N1    . G   A 1 1  ? 18.457  -4.011  3.828   1.00 129.57 ? 1   G   A N1    1 
ATOM   20  C C2    . G   A 1 1  ? 18.641  -2.643  3.795   1.00 127.60 ? 1   G   A C2    1 
ATOM   21  N N2    . G   A 1 1  ? 19.514  -2.178  2.879   1.00 128.15 ? 1   G   A N2    1 
ATOM   22  N N3    . G   A 1 1  ? 18.010  -1.799  4.606   1.00 126.64 ? 1   G   A N3    1 
ATOM   23  C C4    . G   A 1 1  ? 17.168  -2.435  5.466   1.00 129.62 ? 1   G   A C4    1 
ATOM   24  P P     . G   A 1 2  ? 13.282  1.801   3.726   1.00 133.66 ? 2   G   A P     1 
ATOM   25  O OP1   . G   A 1 2  ? 12.840  3.182   3.384   1.00 128.23 ? 2   G   A OP1   1 
ATOM   26  O OP2   . G   A 1 2  ? 12.302  0.685   3.642   1.00 127.77 ? 2   G   A OP2   1 
ATOM   27  O "O5'" . G   A 1 2  ? 14.557  1.424   2.838   1.00 124.97 ? 2   G   A "O5'" 1 
ATOM   28  C "C5'" . G   A 1 2  ? 15.478  2.423   2.423   1.00 118.61 ? 2   G   A "C5'" 1 
ATOM   29  C "C4'" . G   A 1 2  ? 16.298  1.980   1.235   1.00 117.81 ? 2   G   A "C4'" 1 
ATOM   30  O "O4'" . G   A 1 2  ? 17.230  0.952   1.645   1.00 118.96 ? 2   G   A "O4'" 1 
ATOM   31  C "C3'" . G   A 1 2  ? 15.538  1.341   0.079   1.00 126.74 ? 2   G   A "C3'" 1 
ATOM   32  O "O3'" . G   A 1 2  ? 14.941  2.274   -0.796  1.00 137.41 ? 2   G   A "O3'" 1 
ATOM   33  C "C2'" . G   A 1 2  ? 16.607  0.504   -0.602  1.00 129.17 ? 2   G   A "C2'" 1 
ATOM   34  O "O2'" . G   A 1 2  ? 17.426  1.316   -1.433  1.00 127.42 ? 2   G   A "O2'" 1 
ATOM   35  C "C1'" . G   A 1 2  ? 17.418  0.025   0.596   1.00 125.10 ? 2   G   A "C1'" 1 
ATOM   36  N N9    . G   A 1 2  ? 16.953  -1.297  1.047   1.00 122.16 ? 2   G   A N9    1 
ATOM   37  C C8    . G   A 1 2  ? 16.090  -1.602  2.071   1.00 121.38 ? 2   G   A C8    1 
ATOM   38  N N7    . G   A 1 2  ? 15.884  -2.888  2.190   1.00 123.20 ? 2   G   A N7    1 
ATOM   39  C C5    . G   A 1 2  ? 16.647  -3.454  1.179   1.00 125.27 ? 2   G   A C5    1 
ATOM   40  C C6    . G   A 1 2  ? 16.826  -4.811  0.811   1.00 127.79 ? 2   G   A C6    1 
ATOM   41  O O6    . G   A 1 2  ? 16.316  -5.817  1.328   1.00 128.70 ? 2   G   A O6    1 
ATOM   42  N N1    . G   A 1 2  ? 17.688  -4.923  -0.278  1.00 129.26 ? 2   G   A N1    1 
ATOM   43  C C2    . G   A 1 2  ? 18.292  -3.865  -0.921  1.00 128.42 ? 2   G   A C2    1 
ATOM   44  N N2    . G   A 1 2  ? 19.089  -4.162  -1.954  1.00 130.12 ? 2   G   A N2    1 
ATOM   45  N N3    . G   A 1 2  ? 18.134  -2.599  -0.588  1.00 126.08 ? 2   G   A N3    1 
ATOM   46  C C4    . G   A 1 2  ? 17.304  -2.479  0.462   1.00 124.64 ? 2   G   A C4    1 
ATOM   47  P P     . C   A 1 3  ? 13.765  1.788   -1.771  1.00 137.75 ? 3   C   A P     1 
ATOM   48  O OP1   . C   A 1 3  ? 13.368  2.933   -2.629  1.00 137.09 ? 3   C   A OP1   1 
ATOM   49  O OP2   . C   A 1 3  ? 12.752  1.094   -0.931  1.00 142.19 ? 3   C   A OP2   1 
ATOM   50  O "O5'" . C   A 1 3  ? 14.442  0.672   -2.679  1.00 136.05 ? 3   C   A "O5'" 1 
ATOM   51  C "C5'" . C   A 1 3  ? 15.238  1.012   -3.803  1.00 133.00 ? 3   C   A "C5'" 1 
ATOM   52  C "C4'" . C   A 1 3  ? 15.475  -0.199  -4.667  1.00 136.07 ? 3   C   A "C4'" 1 
ATOM   53  O "O4'" . C   A 1 3  ? 16.180  -1.213  -3.907  1.00 133.31 ? 3   C   A "O4'" 1 
ATOM   54  C "C3'" . C   A 1 3  ? 14.219  -0.901  -5.164  1.00 133.64 ? 3   C   A "C3'" 1 
ATOM   55  O "O3'" . C   A 1 3  ? 13.699  -0.294  -6.334  1.00 131.96 ? 3   C   A "O3'" 1 
ATOM   56  C "C2'" . C   A 1 3  ? 14.689  -2.335  -5.385  1.00 134.23 ? 3   C   A "C2'" 1 
ATOM   57  O "O2'" . C   A 1 3  ? 15.310  -2.472  -6.654  1.00 132.31 ? 3   C   A "O2'" 1 
ATOM   58  C "C1'" . C   A 1 3  ? 15.748  -2.500  -4.294  1.00 130.90 ? 3   C   A "C1'" 1 
ATOM   59  N N1    . C   A 1 3  ? 15.221  -3.195  -3.101  1.00 126.82 ? 3   C   A N1    1 
ATOM   60  C C2    . C   A 1 3  ? 15.238  -4.589  -3.077  1.00 124.73 ? 3   C   A C2    1 
ATOM   61  O O2    . C   A 1 3  ? 15.683  -5.197  -4.064  1.00 125.95 ? 3   C   A O2    1 
ATOM   62  N N3    . C   A 1 3  ? 14.759  -5.225  -1.980  1.00 127.64 ? 3   C   A N3    1 
ATOM   63  C C4    . C   A 1 3  ? 14.280  -4.518  -0.947  1.00 126.31 ? 3   C   A C4    1 
ATOM   64  N N4    . C   A 1 3  ? 13.819  -5.184  0.117   1.00 123.36 ? 3   C   A N4    1 
ATOM   65  C C5    . C   A 1 3  ? 14.259  -3.093  -0.948  1.00 129.55 ? 3   C   A C5    1 
ATOM   66  C C6    . C   A 1 3  ? 14.738  -2.482  -2.037  1.00 128.97 ? 3   C   A C6    1 
ATOM   67  P P     . G   A 1 4  ? 12.143  -0.430  -6.709  1.00 131.04 ? 4   G   A P     1 
ATOM   68  O OP1   . G   A 1 4  ? 11.973  0.321   -7.981  1.00 138.99 ? 4   G   A OP1   1 
ATOM   69  O OP2   . G   A 1 4  ? 11.294  -0.077  -5.544  1.00 117.25 ? 4   G   A OP2   1 
ATOM   70  O "O5'" . G   A 1 4  ? 11.965  -1.982  -7.017  1.00 131.03 ? 4   G   A "O5'" 1 
ATOM   71  C "C5'" . G   A 1 4  ? 12.473  -2.534  -8.222  1.00 129.59 ? 4   G   A "C5'" 1 
ATOM   72  C "C4'" . G   A 1 4  ? 12.522  -4.042  -8.188  1.00 135.89 ? 4   G   A "C4'" 1 
ATOM   73  O "O4'" . G   A 1 4  ? 13.338  -4.511  -7.083  1.00 136.77 ? 4   G   A "O4'" 1 
ATOM   74  C "C3'" . G   A 1 4  ? 11.204  -4.770  -7.990  1.00 134.37 ? 4   G   A "C3'" 1 
ATOM   75  O "O3'" . G   A 1 4  ? 10.407  -4.811  -9.158  1.00 133.89 ? 4   G   A "O3'" 1 
ATOM   76  C "C2'" . G   A 1 4  ? 11.667  -6.144  -7.525  1.00 135.28 ? 4   G   A "C2'" 1 
ATOM   77  O "O2'" . G   A 1 4  ? 12.103  -6.923  -8.628  1.00 137.88 ? 4   G   A "O2'" 1 
ATOM   78  C "C1'" . G   A 1 4  ? 12.881  -5.782  -6.664  1.00 138.42 ? 4   G   A "C1'" 1 
ATOM   79  N N9    . G   A 1 4  ? 12.512  -5.730  -5.239  1.00 136.05 ? 4   G   A N9    1 
ATOM   80  C C8    . G   A 1 4  ? 12.358  -4.633  -4.423  1.00 126.27 ? 4   G   A C8    1 
ATOM   81  N N7    . G   A 1 4  ? 11.995  -4.954  -3.211  1.00 119.57 ? 4   G   A N7    1 
ATOM   82  C C5    . G   A 1 4  ? 11.895  -6.341  -3.240  1.00 129.68 ? 4   G   A C5    1 
ATOM   83  C C6    . G   A 1 4  ? 11.532  -7.261  -2.228  1.00 132.09 ? 4   G   A C6    1 
ATOM   84  O O6    . G   A 1 4  ? 11.219  -7.021  -1.062  1.00 142.19 ? 4   G   A O6    1 
ATOM   85  N N1    . G   A 1 4  ? 11.557  -8.575  -2.674  1.00 134.53 ? 4   G   A N1    1 
ATOM   86  C C2    . G   A 1 4  ? 11.881  -8.962  -3.944  1.00 137.87 ? 4   G   A C2    1 
ATOM   87  N N2    . G   A 1 4  ? 11.847  -10.280 -4.177  1.00 139.67 ? 4   G   A N2    1 
ATOM   88  N N3    . G   A 1 4  ? 12.219  -8.118  -4.906  1.00 138.86 ? 4   G   A N3    1 
ATOM   89  C C4    . G   A 1 4  ? 12.205  -6.835  -4.484  1.00 138.48 ? 4   G   A C4    1 
ATOM   90  P P     . C   A 1 5  ? 8.808   -4.786  -9.030  1.00 132.14 ? 5   C   A P     1 
ATOM   91  O OP1   . C   A 1 5  ? 8.270   -4.714  -10.416 1.00 136.11 ? 5   C   A OP1   1 
ATOM   92  O OP2   . C   A 1 5  ? 8.433   -3.775  -8.003  1.00 111.24 ? 5   C   A OP2   1 
ATOM   93  O "O5'" . C   A 1 5  ? 8.441   -6.218  -8.446  1.00 115.36 ? 5   C   A "O5'" 1 
ATOM   94  C "C5'" . C   A 1 5  ? 8.559   -7.372  -9.253  1.00 117.43 ? 5   C   A "C5'" 1 
ATOM   95  C "C4'" . C   A 1 5  ? 8.504   -8.610  -8.409  1.00 119.54 ? 5   C   A "C4'" 1 
ATOM   96  O "O4'" . C   A 1 5  ? 9.501   -8.517  -7.354  1.00 136.30 ? 5   C   A "O4'" 1 
ATOM   97  C "C3'" . C   A 1 5  ? 7.209   -8.835  -7.656  1.00 117.92 ? 5   C   A "C3'" 1 
ATOM   98  O "O3'" . C   A 1 5  ? 6.184   -9.385  -8.453  1.00 127.89 ? 5   C   A "O3'" 1 
ATOM   99  C "C2'" . C   A 1 5  ? 7.653   -9.733  -6.516  1.00 124.95 ? 5   C   A "C2'" 1 
ATOM   100 O "O2'" . C   A 1 5  ? 7.852   -11.066 -6.959  1.00 123.64 ? 5   C   A "O2'" 1 
ATOM   101 C "C1'" . C   A 1 5  ? 9.013   -9.127  -6.178  1.00 134.57 ? 5   C   A "C1'" 1 
ATOM   102 N N1    . C   A 1 5  ? 8.898   -8.094  -5.122  1.00 119.64 ? 5   C   A N1    1 
ATOM   103 C C2    . C   A 1 5  ? 8.635   -8.480  -3.808  1.00 131.90 ? 5   C   A C2    1 
ATOM   104 O O2    . C   A 1 5  ? 8.520   -9.680  -3.532  1.00 126.95 ? 5   C   A O2    1 
ATOM   105 N N3    . C   A 1 5  ? 8.520   -7.533  -2.850  1.00 136.69 ? 5   C   A N3    1 
ATOM   106 C C4    . C   A 1 5  ? 8.650   -6.240  -3.155  1.00 135.96 ? 5   C   A C4    1 
ATOM   107 N N4    . C   A 1 5  ? 8.529   -5.348  -2.165  1.00 130.76 ? 5   C   A N4    1 
ATOM   108 C C5    . C   A 1 5  ? 8.912   -5.814  -4.488  1.00 124.27 ? 5   C   A C5    1 
ATOM   109 C C6    . C   A 1 5  ? 9.022   -6.768  -5.422  1.00 121.87 ? 5   C   A C6    1 
ATOM   110 P P     . G   A 1 6  ? 4.664   -8.946  -8.182  1.00 131.01 ? 6   G   A P     1 
ATOM   111 O OP1   . G   A 1 6  ? 3.860   -9.114  -9.418  1.00 140.02 ? 6   G   A OP1   1 
ATOM   112 O OP2   . G   A 1 6  ? 4.723   -7.625  -7.506  1.00 131.52 ? 6   G   A OP2   1 
ATOM   113 O "O5'" . G   A 1 6  ? 4.148   -10.014 -7.121  1.00 127.50 ? 6   G   A "O5'" 1 
ATOM   114 C "C5'" . G   A 1 6  ? 4.258   -11.404 -7.379  1.00 125.41 ? 6   G   A "C5'" 1 
ATOM   115 C "C4'" . G   A 1 6  ? 4.342   -12.176 -6.090  1.00 119.23 ? 6   G   A "C4'" 1 
ATOM   116 O "O4'" . G   A 1 6  ? 5.483   -11.707 -5.324  1.00 120.31 ? 6   G   A "O4'" 1 
ATOM   117 C "C3'" . G   A 1 6  ? 3.164   -11.995 -5.146  1.00 117.15 ? 6   G   A "C3'" 1 
ATOM   118 O "O3'" . G   A 1 6  ? 2.065   -12.826 -5.455  1.00 120.51 ? 6   G   A "O3'" 1 
ATOM   119 C "C2'" . G   A 1 6  ? 3.777   -12.303 -3.794  1.00 129.84 ? 6   G   A "C2'" 1 
ATOM   120 O "O2'" . G   A 1 6  ? 3.930   -13.706 -3.644  1.00 138.99 ? 6   G   A "O2'" 1 
ATOM   121 C "C1'" . G   A 1 6  ? 5.158   -11.667 -3.949  1.00 129.20 ? 6   G   A "C1'" 1 
ATOM   122 N N9    . G   A 1 6  ? 5.170   -10.251 -3.508  1.00 126.53 ? 6   G   A N9    1 
ATOM   123 C C8    . G   A 1 6  ? 5.508   -9.169  -4.282  1.00 127.05 ? 6   G   A C8    1 
ATOM   124 N N7    . G   A 1 6  ? 5.449   -8.018  -3.683  1.00 125.10 ? 6   G   A N7    1 
ATOM   125 C C5    . G   A 1 6  ? 5.021   -8.346  -2.412  1.00 123.83 ? 6   G   A C5    1 
ATOM   126 C C6    . G   A 1 6  ? 4.755   -7.495  -1.305  1.00 112.44 ? 6   G   A C6    1 
ATOM   127 O O6    . G   A 1 6  ? 4.861   -6.264  -1.234  1.00 110.52 ? 6   G   A O6    1 
ATOM   128 N N1    . G   A 1 6  ? 4.341   -8.225  -0.197  1.00 118.61 ? 6   G   A N1    1 
ATOM   129 C C2    . G   A 1 6  ? 4.191   -9.592  -0.169  1.00 130.07 ? 6   G   A C2    1 
ATOM   130 N N2    . G   A 1 6  ? 3.780   -10.123 0.993   1.00 131.54 ? 6   G   A N2    1 
ATOM   131 N N3    . G   A 1 6  ? 4.433   -10.392 -1.200  1.00 132.31 ? 6   G   A N3    1 
ATOM   132 C C4    . G   A 1 6  ? 4.841   -9.712  -2.286  1.00 126.49 ? 6   G   A C4    1 
ATOM   133 P P     . A   A 1 7  ? 0.643   -12.167 -5.793  1.00 138.67 ? 7   A   A P     1 
ATOM   134 O OP1   . A   A 1 7  ? -0.210  -13.167 -6.493  1.00 139.29 ? 7   A   A OP1   1 
ATOM   135 O OP2   . A   A 1 7  ? 0.905   -10.862 -6.463  1.00 140.86 ? 7   A   A OP2   1 
ATOM   136 O "O5'" . A   A 1 7  ? 0.003   -11.905 -4.358  1.00 129.86 ? 7   A   A "O5'" 1 
ATOM   137 C "C5'" . A   A 1 7  ? -0.301  -12.983 -3.486  1.00 127.24 ? 7   A   A "C5'" 1 
ATOM   138 C "C4'" . A   A 1 7  ? 0.002   -12.608 -2.063  1.00 131.46 ? 7   A   A "C4'" 1 
ATOM   139 O "O4'" . A   A 1 7  ? 1.314   -11.989 -2.034  1.00 134.11 ? 7   A   A "O4'" 1 
ATOM   140 C "C3'" . A   A 1 7  ? -0.923  -11.564 -1.440  1.00 125.50 ? 7   A   A "C3'" 1 
ATOM   141 O "O3'" . A   A 1 7  ? -2.088  -12.122 -0.854  1.00 123.41 ? 7   A   A "O3'" 1 
ATOM   142 C "C2'" . A   A 1 7  ? -0.020  -10.877 -0.431  1.00 124.34 ? 7   A   A "C2'" 1 
ATOM   143 O "O2'" . A   A 1 7  ? 0.143   -11.672 0.736   1.00 120.42 ? 7   A   A "O2'" 1 
ATOM   144 C "C1'" . A   A 1 7  ? 1.307   -10.871 -1.178  1.00 127.40 ? 7   A   A "C1'" 1 
ATOM   145 N N9    . A   A 1 7  ? 1.478   -9.652  -1.995  1.00 125.03 ? 7   A   A N9    1 
ATOM   146 C C8    . A   A 1 7  ? 1.719   -9.556  -3.345  1.00 122.37 ? 7   A   A C8    1 
ATOM   147 N N7    . A   A 1 7  ? 1.833   -8.327  -3.788  1.00 116.37 ? 7   A   A N7    1 
ATOM   148 C C5    . A   A 1 7  ? 1.646   -7.552  -2.649  1.00 122.02 ? 7   A   A C5    1 
ATOM   149 C C6    . A   A 1 7  ? 1.642   -6.156  -2.438  1.00 123.60 ? 7   A   A C6    1 
ATOM   150 N N6    . A   A 1 7  ? 1.830   -5.242  -3.401  1.00 128.93 ? 7   A   A N6    1 
ATOM   151 N N1    . A   A 1 7  ? 1.432   -5.727  -1.176  1.00 109.11 ? 7   A   A N1    1 
ATOM   152 C C2    . A   A 1 7  ? 1.240   -6.628  -0.209  1.00 107.49 ? 7   A   A C2    1 
ATOM   153 N N3    . A   A 1 7  ? 1.223   -7.951  -0.277  1.00 107.76 ? 7   A   A N3    1 
ATOM   154 C C4    . A   A 1 7  ? 1.431   -8.357  -1.539  1.00 119.60 ? 7   A   A C4    1 
ATOM   155 P P     . G   A 1 8  ? -3.517  -12.000 -1.584  1.00 129.91 ? 8   G   A P     1 
ATOM   156 O OP1   . G   A 1 8  ? -4.378  -13.121 -1.110  1.00 123.48 ? 8   G   A OP1   1 
ATOM   157 O OP2   . G   A 1 8  ? -3.275  -11.803 -3.038  1.00 125.27 ? 8   G   A OP2   1 
ATOM   158 O "O5'" . G   A 1 8  ? -4.135  -10.640 -1.023  1.00 137.08 ? 8   G   A "O5'" 1 
ATOM   159 C "C5'" . G   A 1 8  ? -4.452  -10.480 0.354   1.00 135.43 ? 8   G   A "C5'" 1 
ATOM   160 C "C4'" . G   A 1 8  ? -4.448  -9.025  0.758   1.00 127.82 ? 8   G   A "C4'" 1 
ATOM   161 O "O4'" . G   A 1 8  ? -3.100  -8.493  0.622   1.00 132.07 ? 8   G   A "O4'" 1 
ATOM   162 C "C3'" . G   A 1 8  ? -5.312  -8.099  -0.092  1.00 116.66 ? 8   G   A "C3'" 1 
ATOM   163 O "O3'" . G   A 1 8  ? -6.669  -8.060  0.324   1.00 113.32 ? 8   G   A "O3'" 1 
ATOM   164 C "C2'" . G   A 1 8  ? -4.597  -6.759  0.035   1.00 120.67 ? 8   G   A "C2'" 1 
ATOM   165 O "O2'" . G   A 1 8  ? -4.898  -6.144  1.279   1.00 129.05 ? 8   G   A "O2'" 1 
ATOM   166 C "C1'" . G   A 1 8  ? -3.138  -7.198  0.066   1.00 124.66 ? 8   G   A "C1'" 1 
ATOM   167 N N9    . G   A 1 8  ? -2.572  -7.296  -1.288  1.00 119.13 ? 8   G   A N9    1 
ATOM   168 C C8    . G   A 1 8  ? -2.381  -8.494  -1.917  1.00 127.99 ? 8   G   A C8    1 
ATOM   169 N N7    . G   A 1 8  ? -1.878  -8.389  -3.105  1.00 133.56 ? 8   G   A N7    1 
ATOM   170 C C5    . G   A 1 8  ? -1.724  -7.024  -3.264  1.00 119.22 ? 8   G   A C5    1 
ATOM   171 C C6    . G   A 1 8  ? -1.209  -6.339  -4.379  1.00 115.93 ? 8   G   A C6    1 
ATOM   172 O O6    . G   A 1 8  ? -0.802  -6.854  -5.433  1.00 127.69 ? 8   G   A O6    1 
ATOM   173 N N1    . G   A 1 8  ? -1.207  -4.960  -4.169  1.00 108.58 ? 8   G   A N1    1 
ATOM   174 C C2    . G   A 1 8  ? -1.648  -4.331  -3.027  1.00 103.88 ? 8   G   A C2    1 
ATOM   175 N N2    . G   A 1 8  ? -1.568  -2.988  -3.027  1.00 94.57  ? 8   G   A N2    1 
ATOM   176 N N3    . G   A 1 8  ? -2.133  -4.977  -1.969  1.00 99.43  ? 8   G   A N3    1 
ATOM   177 C C4    . G   A 1 8  ? -2.143  -6.317  -2.156  1.00 110.96 ? 8   G   A C4    1 
ATOM   178 P P     . G   A 1 9  ? -7.844  -8.372  -0.731  1.00 109.25 ? 9   G   A P     1 
ATOM   179 O OP1   . G   A 1 9  ? -8.310  -9.751  -0.408  1.00 108.85 ? 9   G   A OP1   1 
ATOM   180 O OP2   . G   A 1 9  ? -7.347  -8.015  -2.094  1.00 111.90 ? 9   G   A OP2   1 
ATOM   181 O "O5'" . G   A 1 9  ? -8.994  -7.304  -0.413  1.00 100.92 ? 9   G   A "O5'" 1 
ATOM   182 C "C5'" . G   A 1 9  ? -9.889  -7.472  0.682   1.00 102.76 ? 9   G   A "C5'" 1 
ATOM   183 C "C4'" . G   A 1 9  ? -10.100 -6.187  1.456   1.00 96.49  ? 9   G   A "C4'" 1 
ATOM   184 O "O4'" . G   A 1 9  ? -8.847  -5.753  2.026   1.00 103.14 ? 9   G   A "O4'" 1 
ATOM   185 C "C3'" . G   A 1 9  ? -10.563 -4.982  0.659   1.00 99.27  ? 9   G   A "C3'" 1 
ATOM   186 O "O3'" . G   A 1 9  ? -11.947 -4.994  0.405   1.00 110.44 ? 9   G   A "O3'" 1 
ATOM   187 C "C2'" . G   A 1 9  ? -10.119 -3.812  1.520   1.00 100.12 ? 9   G   A "C2'" 1 
ATOM   188 O "O2'" . G   A 1 9  ? -11.020 -3.626  2.606   1.00 110.00 ? 9   G   A "O2'" 1 
ATOM   189 C "C1'" . G   A 1 9  ? -8.807  -4.340  2.086   1.00 102.51 ? 9   G   A "C1'" 1 
ATOM   190 N N9    . G   A 1 9  ? -7.603  -3.879  1.366   1.00 97.28  ? 9   G   A N9    1 
ATOM   191 C C8    . G   A 1 9  ? -7.050  -4.424  0.234   1.00 88.98  ? 9   G   A C8    1 
ATOM   192 N N7    . G   A 1 9  ? -5.944  -3.830  -0.126  1.00 91.51  ? 9   G   A N7    1 
ATOM   193 C C5    . G   A 1 9  ? -5.743  -2.845  0.837   1.00 97.86  ? 9   G   A C5    1 
ATOM   194 C C6    . G   A 1 9  ? -4.705  -1.885  0.981   1.00 97.55  ? 9   G   A C6    1 
ATOM   195 O O6    . G   A 1 9  ? -3.716  -1.699  0.263   1.00 100.43 ? 9   G   A O6    1 
ATOM   196 N N1    . G   A 1 9  ? -4.895  -1.087  2.098   1.00 101.56 ? 9   G   A N1    1 
ATOM   197 C C2    . G   A 1 9  ? -5.941  -1.196  2.979   1.00 107.00 ? 9   G   A C2    1 
ATOM   198 N N2    . G   A 1 9  ? -5.939  -0.325  4.004   1.00 110.24 ? 9   G   A N2    1 
ATOM   199 N N3    . G   A 1 9  ? -6.912  -2.087  2.862   1.00 100.18 ? 9   G   A N3    1 
ATOM   200 C C4    . G   A 1 9  ? -6.754  -2.869  1.773   1.00 100.27 ? 9   G   A C4    1 
ATOM   201 P P     . A   A 1 10 ? -12.442 -5.194  -1.099  1.00 113.53 ? 10  A   A P     1 
ATOM   202 O OP1   . A   A 1 10 ? -13.732 -5.927  -1.008  1.00 116.62 ? 10  A   A OP1   1 
ATOM   203 O OP2   . A   A 1 10 ? -11.323 -5.807  -1.880  1.00 98.75  ? 10  A   A OP2   1 
ATOM   204 O "O5'" . A   A 1 10 ? -12.663 -3.697  -1.615  1.00 110.36 ? 10  A   A "O5'" 1 
ATOM   205 C "C5'" . A   A 1 10 ? -13.642 -2.855  -1.022  1.00 98.00  ? 10  A   A "C5'" 1 
ATOM   206 C "C4'" . A   A 1 10 ? -13.231 -1.407  -1.072  1.00 95.39  ? 10  A   A "C4'" 1 
ATOM   207 O "O4'" . A   A 1 10 ? -11.932 -1.263  -0.456  1.00 104.58 ? 10  A   A "O4'" 1 
ATOM   208 C "C3'" . A   A 1 10 ? -13.060 -0.799  -2.453  1.00 101.70 ? 10  A   A "C3'" 1 
ATOM   209 O "O3'" . A   A 1 10 ? -14.291 -0.338  -2.983  1.00 107.56 ? 10  A   A "O3'" 1 
ATOM   210 C "C2'" . A   A 1 10 ? -12.066 0.336   -2.216  1.00 102.80 ? 10  A   A "C2'" 1 
ATOM   211 O "O2'" . A   A 1 10 ? -12.734 1.508   -1.792  1.00 103.81 ? 10  A   A "O2'" 1 
ATOM   212 C "C1'" . A   A 1 10 ? -11.239 -0.185  -1.039  1.00 100.48 ? 10  A   A "C1'" 1 
ATOM   213 N N9    . A   A 1 10 ? -9.897  -0.635  -1.434  1.00 100.33 ? 10  A   A N9    1 
ATOM   214 C C8    . A   A 1 10 ? -9.526  -1.734  -2.167  1.00 106.56 ? 10  A   A C8    1 
ATOM   215 N N7    . A   A 1 10 ? -8.225  -1.825  -2.335  1.00 113.60 ? 10  A   A N7    1 
ATOM   216 C C5    . A   A 1 10 ? -7.725  -0.707  -1.669  1.00 104.34 ? 10  A   A C5    1 
ATOM   217 C C6    . A   A 1 10 ? -6.427  -0.209  -1.469  1.00 102.66 ? 10  A   A C6    1 
ATOM   218 N N6    . A   A 1 10 ? -5.323  -0.795  -1.936  1.00 103.87 ? 10  A   A N6    1 
ATOM   219 N N1    . A   A 1 10 ? -6.297  0.930   -0.763  1.00 105.69 ? 10  A   A N1    1 
ATOM   220 C C2    . A   A 1 10 ? -7.397  1.530   -0.292  1.00 101.86 ? 10  A   A C2    1 
ATOM   221 N N3    . A   A 1 10 ? -8.664  1.157   -0.421  1.00 91.79  ? 10  A   A N3    1 
ATOM   222 C C4    . A   A 1 10 ? -8.752  0.028   -1.125  1.00 95.03  ? 10  A   A C4    1 
ATOM   223 P P     . A   A 1 11 ? -15.166 -1.257  -3.974  1.00 107.67 ? 11  A   A P     1 
ATOM   224 O OP1   . A   A 1 11 ? -16.591 -1.000  -3.643  1.00 111.02 ? 11  A   A OP1   1 
ATOM   225 O OP2   . A   A 1 11 ? -14.601 -2.633  -4.026  1.00 88.81  ? 11  A   A OP2   1 
ATOM   226 O "O5'" . A   A 1 11 ? -14.929 -0.622  -5.405  1.00 101.74 ? 11  A   A "O5'" 1 
ATOM   227 C "C5'" . A   A 1 11 ? -16.026 -0.406  -6.276  1.00 90.26  ? 11  A   A "C5'" 1 
ATOM   228 C "C4'" . A   A 1 11 ? -15.931 0.946   -6.918  1.00 90.30  ? 11  A   A "C4'" 1 
ATOM   229 O "O4'" . A   A 1 11 ? -16.692 1.912   -6.139  1.00 91.99  ? 11  A   A "O4'" 1 
ATOM   230 C "C3'" . A   A 1 11 ? -14.513 1.496   -7.001  1.00 85.82  ? 11  A   A "C3'" 1 
ATOM   231 O "O3'" . A   A 1 11 ? -14.390 2.242   -8.199  1.00 87.26  ? 11  A   A "O3'" 1 
ATOM   232 C "C2'" . A   A 1 11 ? -14.451 2.438   -5.806  1.00 82.53  ? 11  A   A "C2'" 1 
ATOM   233 O "O2'" . A   A 1 11 ? -13.495 3.467   -5.915  1.00 91.48  ? 11  A   A "O2'" 1 
ATOM   234 C "C1'" . A   A 1 11 ? -15.859 2.997   -5.808  1.00 72.40  ? 11  A   A "C1'" 1 
ATOM   235 N N9    . A   A 1 11 ? -16.278 3.544   -4.529  1.00 72.50  ? 11  A   A N9    1 
ATOM   236 C C8    . A   A 1 11 ? -16.532 2.897   -3.353  1.00 77.68  ? 11  A   A C8    1 
ATOM   237 N N7    . A   A 1 11 ? -16.883 3.732   -2.404  1.00 88.38  ? 11  A   A N7    1 
ATOM   238 C C5    . A   A 1 11 ? -16.864 4.988   -3.010  1.00 76.05  ? 11  A   A C5    1 
ATOM   239 C C6    . A   A 1 11 ? -17.137 6.290   -2.548  1.00 73.98  ? 11  A   A C6    1 
ATOM   240 N N6    . A   A 1 11 ? -17.509 6.573   -1.292  1.00 80.14  ? 11  A   A N6    1 
ATOM   241 N N1    . A   A 1 11 ? -17.018 7.312   -3.433  1.00 73.13  ? 11  A   A N1    1 
ATOM   242 C C2    . A   A 1 11 ? -16.646 7.041   -4.692  1.00 82.70  ? 11  A   A C2    1 
ATOM   243 N N3    . A   A 1 11 ? -16.357 5.857   -5.235  1.00 79.98  ? 11  A   A N3    1 
ATOM   244 C C4    . A   A 1 11 ? -16.481 4.876   -4.322  1.00 76.19  ? 11  A   A C4    1 
ATOM   245 P P     . G   A 1 12 ? -13.615 1.572   -9.421  1.00 82.87  ? 12  G   A P     1 
ATOM   246 O OP1   . G   A 1 12 ? -13.960 2.292   -10.674 1.00 99.03  ? 12  G   A OP1   1 
ATOM   247 O OP2   . G   A 1 12 ? -13.812 0.105   -9.289  1.00 76.14  ? 12  G   A OP2   1 
ATOM   248 O "O5'" . G   A 1 12 ? -12.089 1.867   -9.085  1.00 101.12 ? 12  G   A "O5'" 1 
ATOM   249 C "C5'" . G   A 1 12 ? -11.056 1.406   -9.940  1.00 93.76  ? 12  G   A "C5'" 1 
ATOM   250 C "C4'" . G   A 1 12 ? -9.828  1.038   -9.155  1.00 89.18  ? 12  G   A "C4'" 1 
ATOM   251 O "O4'" . G   A 1 12 ? -9.244  2.231   -8.554  1.00 88.53  ? 12  G   A "O4'" 1 
ATOM   252 C "C3'" . G   A 1 12 ? -10.044 0.057   -8.001  1.00 85.21  ? 12  G   A "C3'" 1 
ATOM   253 O "O3'" . G   A 1 12 ? -8.842  -0.667  -7.865  1.00 78.70  ? 12  G   A "O3'" 1 
ATOM   254 C "C2'" . G   A 1 12 ? -10.121 0.987   -6.802  1.00 87.58  ? 12  G   A "C2'" 1 
ATOM   255 O "O2'" . G   A 1 12 ? -9.865  0.378   -5.550  1.00 75.65  ? 12  G   A "O2'" 1 
ATOM   256 C "C1'" . G   A 1 12 ? -9.039  1.984   -7.181  1.00 91.56  ? 12  G   A "C1'" 1 
ATOM   257 N N9    . G   A 1 12 ? -9.034  3.232   -6.424  1.00 81.15  ? 12  G   A N9    1 
ATOM   258 C C8    . G   A 1 12 ? -10.052 3.807   -5.716  1.00 84.09  ? 12  G   A C8    1 
ATOM   259 N N7    . G   A 1 12 ? -9.690  4.911   -5.119  1.00 86.20  ? 12  G   A N7    1 
ATOM   260 C C5    . G   A 1 12 ? -8.355  5.054   -5.443  1.00 82.48  ? 12  G   A C5    1 
ATOM   261 C C6    . G   A 1 12 ? -7.443  6.059   -5.076  1.00 76.97  ? 12  G   A C6    1 
ATOM   262 O O6    . G   A 1 12 ? -7.666  7.049   -4.370  1.00 71.34  ? 12  G   A O6    1 
ATOM   263 N N1    . G   A 1 12 ? -6.187  5.816   -5.627  1.00 84.54  ? 12  G   A N1    1 
ATOM   264 C C2    . G   A 1 12 ? -5.861  4.733   -6.420  1.00 91.45  ? 12  G   A C2    1 
ATOM   265 N N2    . G   A 1 12 ? -4.604  4.630   -6.877  1.00 96.74  ? 12  G   A N2    1 
ATOM   266 N N3    . G   A 1 12 ? -6.713  3.789   -6.761  1.00 88.47  ? 12  G   A N3    1 
ATOM   267 C C4    . G   A 1 12 ? -7.931  4.017   -6.236  1.00 82.01  ? 12  G   A C4    1 
ATOM   268 P P     . G   A 1 13 ? -8.827  -2.244  -7.634  1.00 84.00  ? 13  G   A P     1 
ATOM   269 O OP1   . G   A 1 13 ? -9.485  -2.926  -8.778  1.00 105.17 ? 13  G   A OP1   1 
ATOM   270 O OP2   . G   A 1 13 ? -9.318  -2.526  -6.266  1.00 85.78  ? 13  G   A OP2   1 
ATOM   271 O "O5'" . G   A 1 13 ? -7.270  -2.529  -7.756  1.00 91.74  ? 13  G   A "O5'" 1 
ATOM   272 C "C5'" . G   A 1 13 ? -6.505  -1.686  -8.611  1.00 84.02  ? 13  G   A "C5'" 1 
ATOM   273 C "C4'" . G   A 1 13 ? -5.121  -1.429  -8.085  1.00 89.69  ? 13  G   A "C4'" 1 
ATOM   274 O "O4'" . G   A 1 13 ? -5.053  -0.128  -7.436  1.00 102.10 ? 13  G   A "O4'" 1 
ATOM   275 C "C3'" . G   A 1 13 ? -4.599  -2.454  -7.086  1.00 95.22  ? 13  G   A "C3'" 1 
ATOM   276 O "O3'" . G   A 1 13 ? -3.263  -2.796  -7.438  1.00 104.89 ? 13  G   A "O3'" 1 
ATOM   277 C "C2'" . G   A 1 13 ? -4.658  -1.715  -5.738  1.00 89.24  ? 13  G   A "C2'" 1 
ATOM   278 O "O2'" . G   A 1 13 ? -3.689  -2.128  -4.797  1.00 89.56  ? 13  G   A "O2'" 1 
ATOM   279 C "C1'" . G   A 1 13 ? -4.476  -0.251  -6.144  1.00 92.04  ? 13  G   A "C1'" 1 
ATOM   280 N N9    . G   A 1 13 ? -5.180  0.701   -5.270  1.00 94.66  ? 13  G   A N9    1 
ATOM   281 C C8    . G   A 1 13 ? -6.518  0.629   -4.955  1.00 94.85  ? 13  G   A C8    1 
ATOM   282 N N7    . G   A 1 13 ? -6.948  1.591   -4.176  1.00 91.06  ? 13  G   A N7    1 
ATOM   283 C C5    . G   A 1 13 ? -5.833  2.371   -3.957  1.00 84.82  ? 13  G   A C5    1 
ATOM   284 C C6    . G   A 1 13 ? -5.712  3.557   -3.187  1.00 86.99  ? 13  G   A C6    1 
ATOM   285 O O6    . G   A 1 13 ? -6.583  4.153   -2.536  1.00 98.29  ? 13  G   A O6    1 
ATOM   286 N N1    . G   A 1 13 ? -4.416  4.052   -3.217  1.00 85.67  ? 13  G   A N1    1 
ATOM   287 C C2    . G   A 1 13 ? -3.386  3.458   -3.900  1.00 80.66  ? 13  G   A C2    1 
ATOM   288 N N2    . G   A 1 13 ? -2.215  4.086   -3.809  1.00 81.45  ? 13  G   A N2    1 
ATOM   289 N N3    . G   A 1 13 ? -3.481  2.351   -4.625  1.00 87.73  ? 13  G   A N3    1 
ATOM   290 C C4    . G   A 1 13 ? -4.732  1.850   -4.623  1.00 93.46  ? 13  G   A C4    1 
ATOM   291 P P     . A   A 1 14 ? -3.022  -3.963  -8.518  1.00 146.32 ? 14  A   A P     1 
ATOM   292 O OP1   . A   A 1 14 ? -4.349  -4.356  -9.058  1.00 150.24 ? 14  A   A OP1   1 
ATOM   293 O OP2   . A   A 1 14 ? -2.163  -4.998  -7.884  1.00 147.21 ? 14  A   A OP2   1 
ATOM   294 O "O5'" . A   A 1 14 ? -2.202  -3.274  -9.703  1.00 147.69 ? 14  A   A "O5'" 1 
ATOM   295 C "C5'" . A   A 1 14 ? -2.362  -1.896  -10.029 1.00 133.35 ? 14  A   A "C5'" 1 
ATOM   296 C "C4'" . A   A 1 14 ? -1.368  -1.065  -9.272  1.00 132.80 ? 14  A   A "C4'" 1 
ATOM   297 O "O4'" . A   A 1 14 ? -0.921  -1.855  -8.140  1.00 146.94 ? 14  A   A "O4'" 1 
ATOM   298 C "C3'" . A   A 1 14 ? -0.108  -0.695  -10.041 1.00 144.26 ? 14  A   A "C3'" 1 
ATOM   299 O "O3'" . A   A 1 14 ? 0.445   0.481   -9.451  1.00 152.48 ? 14  A   A "O3'" 1 
ATOM   300 C "C2'" . A   A 1 14 ? 0.817   -1.859  -9.710  1.00 163.00 ? 14  A   A "C2'" 1 
ATOM   301 O "O2'" . A   A 1 14 ? 2.190   -1.576  -9.883  1.00 180.62 ? 14  A   A "O2'" 1 
ATOM   302 C "C1'" . A   A 1 14 ? 0.471   -2.091  -8.242  1.00 161.74 ? 14  A   A "C1'" 1 
ATOM   303 N N9    . A   A 1 14 ? 0.767   -3.436  -7.701  1.00 165.99 ? 14  A   A N9    1 
ATOM   304 C C8    . A   A 1 14 ? 0.795   -3.706  -6.351  1.00 162.86 ? 14  A   A C8    1 
ATOM   305 N N7    . A   A 1 14 ? 1.069   -4.949  -6.046  1.00 164.70 ? 14  A   A N7    1 
ATOM   306 C C5    . A   A 1 14 ? 1.234   -5.571  -7.278  1.00 163.18 ? 14  A   A C5    1 
ATOM   307 C C6    . A   A 1 14 ? 1.539   -6.907  -7.621  1.00 158.16 ? 14  A   A C6    1 
ATOM   308 N N6    . A   A 1 14 ? 1.733   -7.880  -6.729  1.00 156.23 ? 14  A   A N6    1 
ATOM   309 N N1    . A   A 1 14 ? 1.643   -7.225  -8.929  1.00 161.26 ? 14  A   A N1    1 
ATOM   310 C C2    . A   A 1 14 ? 1.449   -6.257  -9.831  1.00 160.78 ? 14  A   A C2    1 
ATOM   311 N N3    . A   A 1 14 ? 1.156   -4.970  -9.632  1.00 162.74 ? 14  A   A N3    1 
ATOM   312 C C4    . A   A 1 14 ? 1.051   -4.661  -8.316  1.00 164.21 ? 14  A   A C4    1 
ATOM   313 P P     . G   A 1 15 ? 0.385   1.899   -10.198 1.00 142.75 ? 15  G   A P     1 
ATOM   314 O OP1   . G   A 1 15 ? -0.826  2.592   -9.688  1.00 138.87 ? 15  G   A OP1   1 
ATOM   315 O OP2   . G   A 1 15 ? 0.471   1.630   -11.668 1.00 120.47 ? 15  G   A OP2   1 
ATOM   316 O "O5'" . G   A 1 15 ? 1.698   2.663   -9.669  1.00 124.56 ? 15  G   A "O5'" 1 
ATOM   317 C "C5'" . G   A 1 15 ? 1.913   2.928   -8.283  1.00 98.40  ? 15  G   A "C5'" 1 
ATOM   318 C "C4'" . G   A 1 15 ? 2.184   4.400   -8.024  1.00 92.12  ? 15  G   A "C4'" 1 
ATOM   319 O "O4'" . G   A 1 15 ? 1.016   5.200   -8.363  1.00 90.15  ? 15  G   A "O4'" 1 
ATOM   320 C "C3'" . G   A 1 15 ? 2.481   4.783   -6.583  1.00 100.15 ? 15  G   A "C3'" 1 
ATOM   321 O "O3'" . G   A 1 15 ? 3.825   4.547   -6.214  1.00 107.75 ? 15  G   A "O3'" 1 
ATOM   322 C "C2'" . G   A 1 15 ? 2.106   6.261   -6.533  1.00 106.75 ? 15  G   A "C2'" 1 
ATOM   323 O "O2'" . G   A 1 15 ? 3.168   7.055   -7.044  1.00 117.28 ? 15  G   A "O2'" 1 
ATOM   324 C "C1'" . G   A 1 15 ? 0.922   6.322   -7.502  1.00 93.23  ? 15  G   A "C1'" 1 
ATOM   325 N N9    . G   A 1 15 ? -0.389  6.293   -6.806  1.00 92.95  ? 15  G   A N9    1 
ATOM   326 C C8    . G   A 1 15 ? -1.277  5.250   -6.904  1.00 87.20  ? 15  G   A C8    1 
ATOM   327 N N7    . G   A 1 15 ? -2.369  5.424   -6.209  1.00 90.27  ? 15  G   A N7    1 
ATOM   328 C C5    . G   A 1 15 ? -2.221  6.652   -5.607  1.00 77.41  ? 15  G   A C5    1 
ATOM   329 C C6    . G   A 1 15 ? -3.108  7.322   -4.735  1.00 83.03  ? 15  G   A C6    1 
ATOM   330 O O6    . G   A 1 15 ? -4.210  6.952   -4.328  1.00 103.56 ? 15  G   A O6    1 
ATOM   331 N N1    . G   A 1 15 ? -2.619  8.548   -4.320  1.00 84.83  ? 15  G   A N1    1 
ATOM   332 C C2    . G   A 1 15 ? -1.402  9.042   -4.712  1.00 94.16  ? 15  G   A C2    1 
ATOM   333 N N2    . G   A 1 15 ? -1.109  10.246  -4.194  1.00 92.57  ? 15  G   A N2    1 
ATOM   334 N N3    . G   A 1 15 ? -0.553  8.418   -5.534  1.00 95.38  ? 15  G   A N3    1 
ATOM   335 C C4    . G   A 1 15 ? -1.014  7.219   -5.958  1.00 83.97  ? 15  G   A C4    1 
ATOM   336 P P     . G   A 1 16 ? 4.165   4.131   -4.700  1.00 114.45 ? 16  G   A P     1 
ATOM   337 O OP1   . G   A 1 16 ? 5.644   3.956   -4.570  1.00 111.64 ? 16  G   A OP1   1 
ATOM   338 O OP2   . G   A 1 16 ? 3.280   2.969   -4.399  1.00 114.12 ? 16  G   A OP2   1 
ATOM   339 O "O5'" . G   A 1 16 ? 3.711   5.397   -3.827  1.00 111.88 ? 16  G   A "O5'" 1 
ATOM   340 C "C5'" . G   A 1 16 ? 4.557   6.537   -3.694  1.00 103.24 ? 16  G   A "C5'" 1 
ATOM   341 C "C4'" . G   A 1 16 ? 4.075   7.521   -2.646  1.00 93.60  ? 16  G   A "C4'" 1 
ATOM   342 O "O4'" . G   A 1 16 ? 2.817   8.111   -3.052  1.00 93.95  ? 16  G   A "O4'" 1 
ATOM   343 C "C3'" . G   A 1 16 ? 3.789   6.979   -1.254  1.00 101.29 ? 16  G   A "C3'" 1 
ATOM   344 O "O3'" . G   A 1 16 ? 4.954   6.780   -0.467  1.00 109.04 ? 16  G   A "O3'" 1 
ATOM   345 C "C2'" . G   A 1 16 ? 2.855   8.037   -0.679  1.00 109.91 ? 16  G   A "C2'" 1 
ATOM   346 O "O2'" . G   A 1 16 ? 3.592   9.172   -0.255  1.00 118.78 ? 16  G   A "O2'" 1 
ATOM   347 C "C1'" . G   A 1 16 ? 2.039   8.429   -1.910  1.00 98.71  ? 16  G   A "C1'" 1 
ATOM   348 N N9    . G   A 1 16 ? 0.745   7.699   -1.973  1.00 95.65  ? 16  G   A N9    1 
ATOM   349 C C8    . G   A 1 16 ? 0.558   6.509   -2.633  1.00 91.11  ? 16  G   A C8    1 
ATOM   350 N N7    . G   A 1 16 ? -0.655  6.036   -2.544  1.00 83.39  ? 16  G   A N7    1 
ATOM   351 C C5    . G   A 1 16 ? -1.340  6.953   -1.772  1.00 83.10  ? 16  G   A C5    1 
ATOM   352 C C6    . G   A 1 16 ? -2.704  6.936   -1.364  1.00 82.31  ? 16  G   A C6    1 
ATOM   353 O O6    . G   A 1 16 ? -3.586  6.091   -1.610  1.00 76.24  ? 16  G   A O6    1 
ATOM   354 N N1    . G   A 1 16 ? -3.002  8.049   -0.594  1.00 74.02  ? 16  G   A N1    1 
ATOM   355 C C2    . G   A 1 16 ? -2.112  9.049   -0.265  1.00 74.14  ? 16  G   A C2    1 
ATOM   356 N N2    . G   A 1 16 ? -2.616  10.048  0.493   1.00 72.08  ? 16  G   A N2    1 
ATOM   357 N N3    . G   A 1 16 ? -0.834  9.065   -0.648  1.00 76.01  ? 16  G   A N3    1 
ATOM   358 C C4    . G   A 1 16 ? -0.501  7.992   -1.404  1.00 82.41  ? 16  G   A C4    1 
ATOM   359 P P     . U   A 1 17 ? 5.090   5.463   0.450   1.00 119.08 ? 17  U   A P     1 
ATOM   360 O OP1   . U   A 1 17 ? 6.318   5.567   1.305   1.00 120.19 ? 17  U   A OP1   1 
ATOM   361 O OP2   . U   A 1 17 ? 4.913   4.282   -0.448  1.00 109.08 ? 17  U   A OP2   1 
ATOM   362 O "O5'" . U   A 1 17 ? 3.853   5.570   1.443   1.00 99.26  ? 17  U   A "O5'" 1 
ATOM   363 C "C5'" . U   A 1 17 ? 3.911   6.429   2.567   1.00 97.01  ? 17  U   A "C5'" 1 
ATOM   364 C "C4'" . U   A 1 17 ? 2.531   6.758   3.064   1.00 95.50  ? 17  U   A "C4'" 1 
ATOM   365 O "O4'" . U   A 1 17 ? 1.672   7.056   1.930   1.00 95.79  ? 17  U   A "O4'" 1 
ATOM   366 C "C3'" . U   A 1 17 ? 1.801   5.630   3.771   1.00 100.82 ? 17  U   A "C3'" 1 
ATOM   367 O "O3'" . U   A 1 17 ? 2.217   5.421   5.099   1.00 105.41 ? 17  U   A "O3'" 1 
ATOM   368 C "C2'" . U   A 1 17 ? 0.347   6.043   3.605   1.00 102.93 ? 17  U   A "C2'" 1 
ATOM   369 O "O2'" . U   A 1 17 ? 0.036   7.150   4.440   1.00 99.78  ? 17  U   A "O2'" 1 
ATOM   370 C "C1'" . U   A 1 17 ? 0.374   6.540   2.161   1.00 99.39  ? 17  U   A "C1'" 1 
ATOM   371 N N1    . U   A 1 17 ? 0.130   5.431   1.206   1.00 93.56  ? 17  U   A N1    1 
ATOM   372 C C2    . U   A 1 17 ? -1.176  5.106   0.907   1.00 82.07  ? 17  U   A C2    1 
ATOM   373 O O2    . U   A 1 17 ? -2.118  5.706   1.380   1.00 85.08  ? 17  U   A O2    1 
ATOM   374 N N3    . U   A 1 17 ? -1.347  4.073   0.021   1.00 83.40  ? 17  U   A N3    1 
ATOM   375 C C4    . U   A 1 17 ? -0.352  3.325   -0.576  1.00 96.58  ? 17  U   A C4    1 
ATOM   376 O O4    . U   A 1 17 ? -0.635  2.409   -1.346  1.00 109.77 ? 17  U   A O4    1 
ATOM   377 C C5    . U   A 1 17 ? 0.973   3.710   -0.217  1.00 104.60 ? 17  U   A C5    1 
ATOM   378 C C6    . U   A 1 17 ? 1.155   4.718   0.637   1.00 102.85 ? 17  U   A C6    1 
ATOM   379 P P     . C   A 1 18 ? 2.951   4.044   5.464   1.00 108.09 ? 18  C   A P     1 
ATOM   380 O OP1   . C   A 1 18 ? 4.037   4.331   6.435   1.00 129.43 ? 18  C   A OP1   1 
ATOM   381 O OP2   . C   A 1 18 ? 3.270   3.341   4.196   1.00 110.53 ? 18  C   A OP2   1 
ATOM   382 O "O5'" . C   A 1 18 ? 1.831   3.228   6.236   1.00 90.86  ? 18  C   A "O5'" 1 
ATOM   383 C "C5'" . C   A 1 18 ? 1.038   3.863   7.231   1.00 88.72  ? 18  C   A "C5'" 1 
ATOM   384 C "C4'" . C   A 1 18 ? -0.073  2.956   7.672   1.00 88.76  ? 18  C   A "C4'" 1 
ATOM   385 O "O4'" . C   A 1 18 ? -0.962  2.761   6.542   1.00 96.43  ? 18  C   A "O4'" 1 
ATOM   386 C "C3'" . C   A 1 18 ? 0.388   1.561   8.107   1.00 103.46 ? 18  C   A "C3'" 1 
ATOM   387 O "O3'" . C   A 1 18 ? -0.415  1.042   9.173   1.00 111.79 ? 18  C   A "O3'" 1 
ATOM   388 C "C2'" . C   A 1 18 ? 0.156   0.725   6.855   1.00 101.74 ? 18  C   A "C2'" 1 
ATOM   389 O "O2'" . C   A 1 18 ? -0.066  -0.646  7.095   1.00 111.51 ? 18  C   A "O2'" 1 
ATOM   390 C "C1'" . C   A 1 18 ? -1.081  1.384   6.260   1.00 101.93 ? 18  C   A "C1'" 1 
ATOM   391 N N1    . C   A 1 18 ? -1.173  1.184   4.805   1.00 112.74 ? 18  C   A N1    1 
ATOM   392 C C2    . C   A 1 18 ? -2.377  0.772   4.222   1.00 104.62 ? 18  C   A C2    1 
ATOM   393 O O2    . C   A 1 18 ? -3.395  0.635   4.909   1.00 101.58 ? 18  C   A O2    1 
ATOM   394 N N3    . C   A 1 18 ? -2.420  0.543   2.895   1.00 114.96 ? 18  C   A N3    1 
ATOM   395 C C4    . C   A 1 18 ? -1.331  0.695   2.145   1.00 113.93 ? 18  C   A C4    1 
ATOM   396 N N4    . C   A 1 18 ? -1.452  0.464   0.828   1.00 105.18 ? 18  C   A N4    1 
ATOM   397 C C5    . C   A 1 18 ? -0.084  1.094   2.715   1.00 108.41 ? 18  C   A C5    1 
ATOM   398 C C6    . C   A 1 18 ? -0.052  1.319   4.034   1.00 112.62 ? 18  C   A C6    1 
ATOM   399 P P     . U   A 1 19 ? -0.781  1.924   10.469  1.00 117.54 ? 19  U   A P     1 
ATOM   400 O OP1   . U   A 1 19 ? 0.297   2.915   10.756  1.00 120.75 ? 19  U   A OP1   1 
ATOM   401 O OP2   . U   A 1 19 ? -1.139  0.963   11.542  1.00 130.36 ? 19  U   A OP2   1 
ATOM   402 O "O5'" . U   A 1 19 ? -2.117  2.671   10.018  1.00 95.70  ? 19  U   A "O5'" 1 
ATOM   403 C "C5'" . U   A 1 19 ? -2.991  3.263   10.968  1.00 87.68  ? 19  U   A "C5'" 1 
ATOM   404 C "C4'" . U   A 1 19 ? -3.422  4.627   10.506  1.00 92.19  ? 19  U   A "C4'" 1 
ATOM   405 O "O4'" . U   A 1 19 ? -4.762  4.559   9.938   1.00 87.96  ? 19  U   A "O4'" 1 
ATOM   406 C "C3'" . U   A 1 19 ? -3.459  5.715   11.578  1.00 90.96  ? 19  U   A "C3'" 1 
ATOM   407 O "O3'" . U   A 1 19 ? -2.989  6.926   10.991  1.00 99.80  ? 19  U   A "O3'" 1 
ATOM   408 C "C2'" . U   A 1 19 ? -4.955  5.830   11.893  1.00 99.71  ? 19  U   A "C2'" 1 
ATOM   409 O "O2'" . U   A 1 19 ? -5.369  7.082   12.402  1.00 114.86 ? 19  U   A "O2'" 1 
ATOM   410 C "C1'" . U   A 1 19 ? -5.571  5.560   10.527  1.00 90.27  ? 19  U   A "C1'" 1 
ATOM   411 N N1    . U   A 1 19 ? -6.960  5.081   10.558  1.00 89.75  ? 19  U   A N1    1 
ATOM   412 C C2    . U   A 1 19 ? -7.960  6.001   10.301  1.00 98.62  ? 19  U   A C2    1 
ATOM   413 O O2    . U   A 1 19 ? -7.742  7.180   10.068  1.00 112.37 ? 19  U   A O2    1 
ATOM   414 N N3    . U   A 1 19 ? -9.234  5.494   10.328  1.00 94.17  ? 19  U   A N3    1 
ATOM   415 C C4    . U   A 1 19 ? -9.597  4.188   10.582  1.00 96.59  ? 19  U   A C4    1 
ATOM   416 O O4    . U   A 1 19 ? -10.794 3.883   10.570  1.00 105.91 ? 19  U   A O4    1 
ATOM   417 C C5    . U   A 1 19 ? -8.503  3.299   10.837  1.00 92.28  ? 19  U   A C5    1 
ATOM   418 C C6    . U   A 1 19 ? -7.251  3.761   10.813  1.00 93.14  ? 19  U   A C6    1 
ATOM   419 P P     . G   A 1 20 ? -2.527  8.145   11.920  1.00 98.13  ? 20  G   A P     1 
ATOM   420 O OP1   . G   A 1 20 ? -2.234  7.603   13.272  1.00 99.13  ? 20  G   A OP1   1 
ATOM   421 O OP2   . G   A 1 20 ? -3.538  9.224   11.708  1.00 104.93 ? 20  G   A OP2   1 
ATOM   422 O "O5'" . G   A 1 20 ? -1.152  8.641   11.285  1.00 96.98  ? 20  G   A "O5'" 1 
ATOM   423 C "C5'" . G   A 1 20 ? -0.084  7.742   11.042  1.00 81.21  ? 20  G   A "C5'" 1 
ATOM   424 C "C4'" . G   A 1 20 ? 0.122   7.576   9.565   1.00 104.82 ? 20  G   A "C4'" 1 
ATOM   425 O "O4'" . G   A 1 20 ? -0.887  6.670   9.049   1.00 104.88 ? 20  G   A "O4'" 1 
ATOM   426 C "C3'" . G   A 1 20 ? -0.066  8.843   8.741   1.00 99.44  ? 20  G   A "C3'" 1 
ATOM   427 O "O3'" . G   A 1 20 ? 1.094   9.660   8.706   1.00 105.83 ? 20  G   A "O3'" 1 
ATOM   428 C "C2'" . G   A 1 20 ? -0.460  8.297   7.380   1.00 100.48 ? 20  G   A "C2'" 1 
ATOM   429 O "O2'" . G   A 1 20 ? 0.690   7.798   6.717   1.00 95.74  ? 20  G   A "O2'" 1 
ATOM   430 C "C1'" . G   A 1 20 ? -1.313  7.097   7.771   1.00 95.04  ? 20  G   A "C1'" 1 
ATOM   431 N N9    . G   A 1 20 ? -2.761  7.392   7.819   1.00 84.93  ? 20  G   A N9    1 
ATOM   432 C C8    . G   A 1 20 ? -3.431  8.494   8.291   1.00 84.33  ? 20  G   A C8    1 
ATOM   433 N N7    . G   A 1 20 ? -4.734  8.380   8.186   1.00 87.36  ? 20  G   A N7    1 
ATOM   434 C C5    . G   A 1 20 ? -4.929  7.132   7.623   1.00 82.86  ? 20  G   A C5    1 
ATOM   435 C C6    . G   A 1 20 ? -6.112  6.439   7.275   1.00 80.09  ? 20  G   A C6    1 
ATOM   436 O O6    . G   A 1 20 ? -7.272  6.841   7.409   1.00 83.65  ? 20  G   A O6    1 
ATOM   437 N N1    . G   A 1 20 ? -5.848  5.186   6.717   1.00 75.63  ? 20  G   A N1    1 
ATOM   438 C C2    . G   A 1 20 ? -4.588  4.675   6.527   1.00 78.41  ? 20  G   A C2    1 
ATOM   439 N N2    . G   A 1 20 ? -4.463  3.451   6.002   1.00 80.56  ? 20  G   A N2    1 
ATOM   440 N N3    . G   A 1 20 ? -3.489  5.316   6.847   1.00 79.11  ? 20  G   A N3    1 
ATOM   441 C C4    . G   A 1 20 ? -3.730  6.521   7.391   1.00 82.75  ? 20  G   A C4    1 
ATOM   442 P P     . A   A 1 21 ? 0.998   11.178  8.170   1.00 99.72  ? 21  A   A P     1 
ATOM   443 O OP1   . A   A 1 21 ? 2.392   11.699  8.140   1.00 104.81 ? 21  A   A OP1   1 
ATOM   444 O OP2   . A   A 1 21 ? -0.136  11.905  8.814   1.00 73.81  ? 21  A   A OP2   1 
ATOM   445 O "O5'" . A   A 1 21 ? 0.583   11.034  6.652   1.00 109.40 ? 21  A   A "O5'" 1 
ATOM   446 C "C5'" . A   A 1 21 ? 1.496   10.550  5.676   1.00 109.88 ? 21  A   A "C5'" 1 
ATOM   447 C "C4'" . A   A 1 21 ? 0.885   10.653  4.307   1.00 92.96  ? 21  A   A "C4'" 1 
ATOM   448 O "O4'" . A   A 1 21 ? -0.384  9.928   4.303   1.00 80.92  ? 21  A   A "O4'" 1 
ATOM   449 C "C3'" . A   A 1 21 ? 0.557   12.091  3.886   1.00 91.54  ? 21  A   A "C3'" 1 
ATOM   450 O "O3'" . A   A 1 21 ? 0.800   12.275  2.491   1.00 100.19 ? 21  A   A "O3'" 1 
ATOM   451 C "C2'" . A   A 1 21 ? -0.936  12.201  4.167   1.00 85.58  ? 21  A   A "C2'" 1 
ATOM   452 O "O2'" . A   A 1 21 ? -1.599  13.177  3.388   1.00 86.98  ? 21  A   A "O2'" 1 
ATOM   453 C "C1'" . A   A 1 21 ? -1.405  10.786  3.849   1.00 72.72  ? 21  A   A "C1'" 1 
ATOM   454 N N9    . A   A 1 21 ? -2.711  10.435  4.410   1.00 71.34  ? 21  A   A N9    1 
ATOM   455 C C8    . A   A 1 21 ? -3.495  11.314  5.093   1.00 80.65  ? 21  A   A C8    1 
ATOM   456 N N7    . A   A 1 21 ? -4.663  10.835  5.417   1.00 81.17  ? 21  A   A N7    1 
ATOM   457 C C5    . A   A 1 21 ? -4.677  9.566   4.887   1.00 86.42  ? 21  A   A C5    1 
ATOM   458 C C6    . A   A 1 21 ? -5.664  8.568   4.909   1.00 85.67  ? 21  A   A C6    1 
ATOM   459 N N6    . A   A 1 21 ? -6.845  8.713   5.509   1.00 99.56  ? 21  A   A N6    1 
ATOM   460 N N1    . A   A 1 21 ? -5.391  7.403   4.290   1.00 77.74  ? 21  A   A N1    1 
ATOM   461 C C2    . A   A 1 21 ? -4.193  7.271   3.696   1.00 74.44  ? 21  A   A C2    1 
ATOM   462 N N3    . A   A 1 21 ? -3.182  8.140   3.615   1.00 74.29  ? 21  A   A N3    1 
ATOM   463 C C4    . A   A 1 21 ? -3.485  9.298   4.239   1.00 88.51  ? 21  A   A C4    1 
ATOM   464 P P     . G   A 1 22 ? 1.308   13.707  1.959   1.00 95.62  ? 22  G   A P     1 
ATOM   465 O OP1   . G   A 1 22 ? 2.373   13.478  0.949   1.00 82.70  ? 22  G   A OP1   1 
ATOM   466 O OP2   . G   A 1 22 ? 1.583   14.574  3.147   1.00 98.96  ? 22  G   A OP2   1 
ATOM   467 O "O5'" . G   A 1 22 ? 0.026   14.321  1.248   1.00 80.93  ? 22  G   A "O5'" 1 
ATOM   468 C "C5'" . G   A 1 22 ? -0.141  15.724  1.147   1.00 73.68  ? 22  G   A "C5'" 1 
ATOM   469 C "C4'" . G   A 1 22 ? -1.448  16.053  0.484   1.00 84.53  ? 22  G   A "C4'" 1 
ATOM   470 O "O4'" . G   A 1 22 ? -1.558  15.285  -0.731  1.00 83.47  ? 22  G   A "O4'" 1 
ATOM   471 C "C3'" . G   A 1 22 ? -2.685  15.676  1.276   1.00 91.50  ? 22  G   A "C3'" 1 
ATOM   472 O "O3'" . G   A 1 22 ? -3.036  16.684  2.196   1.00 96.10  ? 22  G   A "O3'" 1 
ATOM   473 C "C2'" . G   A 1 22 ? -3.748  15.445  0.203   1.00 79.52  ? 22  G   A "C2'" 1 
ATOM   474 O "O2'" . G   A 1 22 ? -4.381  16.667  -0.152  1.00 89.01  ? 22  G   A "O2'" 1 
ATOM   475 C "C1'" . G   A 1 22 ? -2.911  14.986  -0.989  1.00 68.81  ? 22  G   A "C1'" 1 
ATOM   476 N N9    . G   A 1 22 ? -3.055  13.564  -1.379  1.00 73.82  ? 22  G   A N9    1 
ATOM   477 C C8    . G   A 1 22 ? -2.043  12.853  -1.989  1.00 78.82  ? 22  G   A C8    1 
ATOM   478 N N7    . G   A 1 22 ? -2.367  11.640  -2.316  1.00 74.64  ? 22  G   A N7    1 
ATOM   479 C C5    . G   A 1 22 ? -3.693  11.544  -1.931  1.00 69.61  ? 22  G   A C5    1 
ATOM   480 C C6    . G   A 1 22 ? -4.551  10.427  -2.039  1.00 76.75  ? 22  G   A C6    1 
ATOM   481 O O6    . G   A 1 22 ? -4.287  9.303   -2.527  1.00 73.09  ? 22  G   A O6    1 
ATOM   482 N N1    . G   A 1 22 ? -5.806  10.736  -1.528  1.00 64.97  ? 22  G   A N1    1 
ATOM   483 C C2    . G   A 1 22 ? -6.167  11.946  -0.981  1.00 71.34  ? 22  G   A C2    1 
ATOM   484 N N2    . G   A 1 22 ? -7.430  12.047  -0.537  1.00 86.60  ? 22  G   A N2    1 
ATOM   485 N N3    . G   A 1 22 ? -5.369  12.990  -0.870  1.00 61.98  ? 22  G   A N3    1 
ATOM   486 C C4    . G   A 1 22 ? -4.149  12.720  -1.369  1.00 69.26  ? 22  G   A C4    1 
ATOM   487 P P     . G   A 1 23 ? -3.315  16.299  3.718   1.00 98.68  ? 23  G   A P     1 
ATOM   488 O OP1   . G   A 1 23 ? -3.627  17.574  4.411   1.00 105.78 ? 23  G   A OP1   1 
ATOM   489 O OP2   . G   A 1 23 ? -2.171  15.452  4.190   1.00 63.83  ? 23  G   A OP2   1 
ATOM   490 O "O5'" . G   A 1 23 ? -4.677  15.469  3.648   1.00 103.31 ? 23  G   A "O5'" 1 
ATOM   491 C "C5'" . G   A 1 23 ? -5.451  15.253  4.823   1.00 105.91 ? 23  G   A "C5'" 1 
ATOM   492 C "C4'" . G   A 1 23 ? -6.846  14.769  4.514   1.00 94.37  ? 23  G   A "C4'" 1 
ATOM   493 O "O4'" . G   A 1 23 ? -6.821  13.966  3.299   1.00 91.73  ? 23  G   A "O4'" 1 
ATOM   494 C "C3'" . G   A 1 23 ? -7.467  13.884  5.599   1.00 98.18  ? 23  G   A "C3'" 1 
ATOM   495 O "O3'" . G   A 1 23 ? -8.873  14.130  5.675   1.00 89.60  ? 23  G   A "O3'" 1 
ATOM   496 C "C2'" . G   A 1 23 ? -7.178  12.480  5.076   1.00 93.17  ? 23  G   A "C2'" 1 
ATOM   497 O "O2'" . G   A 1 23 ? -7.987  11.444  5.599   1.00 86.33  ? 23  G   A "O2'" 1 
ATOM   498 C "C1'" . G   A 1 23 ? -7.332  12.674  3.568   1.00 84.73  ? 23  G   A "C1'" 1 
ATOM   499 N N9    . G   A 1 23 ? -6.574  11.703  2.775   1.00 74.96  ? 23  G   A N9    1 
ATOM   500 C C8    . G   A 1 23 ? -5.245  11.743  2.416   1.00 77.70  ? 23  G   A C8    1 
ATOM   501 N N7    . G   A 1 23 ? -4.866  10.706  1.708   1.00 80.36  ? 23  G   A N7    1 
ATOM   502 C C5    . G   A 1 23 ? -6.019  9.947   1.606   1.00 66.48  ? 23  G   A C5    1 
ATOM   503 C C6    . G   A 1 23 ? -6.231  8.718   0.961   1.00 68.10  ? 23  G   A C6    1 
ATOM   504 O O6    . G   A 1 23 ? -5.413  8.031   0.325   1.00 78.73  ? 23  G   A O6    1 
ATOM   505 N N1    . G   A 1 23 ? -7.548  8.300   1.106   1.00 66.79  ? 23  G   A N1    1 
ATOM   506 C C2    . G   A 1 23 ? -8.534  8.968   1.773   1.00 75.28  ? 23  G   A C2    1 
ATOM   507 N N2    . G   A 1 23 ? -9.741  8.375   1.771   1.00 75.79  ? 23  G   A N2    1 
ATOM   508 N N3    . G   A 1 23 ? -8.348  10.125  2.375   1.00 62.71  ? 23  G   A N3    1 
ATOM   509 C C4    . G   A 1 23 ? -7.077  10.545  2.242   1.00 70.39  ? 23  G   A C4    1 
ATOM   510 P P     . A   A 1 24 ? -9.364  15.658  5.719   1.00 105.43 ? 24  A   A P     1 
ATOM   511 O OP1   . A   A 1 24 ? -9.656  16.127  4.337   1.00 100.17 ? 24  A   A OP1   1 
ATOM   512 O OP2   . A   A 1 24 ? -8.355  16.369  6.552   1.00 101.95 ? 24  A   A OP2   1 
ATOM   513 O "O5'" . A   A 1 24 ? -10.716 15.679  6.573   1.00 111.55 ? 24  A   A "O5'" 1 
ATOM   514 C "C5'" . A   A 1 24 ? -11.839 14.869  6.257   1.00 95.49  ? 24  A   A "C5'" 1 
ATOM   515 C "C4'" . A   A 1 24 ? -12.665 15.350  5.070   1.00 90.53  ? 24  A   A "C4'" 1 
ATOM   516 O "O4'" . A   A 1 24 ? -12.596 16.773  4.809   1.00 84.73  ? 24  A   A "O4'" 1 
ATOM   517 C "C3'" . A   A 1 24 ? -12.316 14.753  3.734   1.00 88.40  ? 24  A   A "C3'" 1 
ATOM   518 O "O3'" . A   A 1 24 ? -12.735 13.430  3.647   1.00 85.18  ? 24  A   A "O3'" 1 
ATOM   519 C "C2'" . A   A 1 24 ? -13.043 15.656  2.745   1.00 92.96  ? 24  A   A "C2'" 1 
ATOM   520 O "O2'" . A   A 1 24 ? -14.384 15.221  2.584   1.00 94.17  ? 24  A   A "O2'" 1 
ATOM   521 C "C1'" . A   A 1 24 ? -13.035 17.000  3.479   1.00 101.05 ? 24  A   A "C1'" 1 
ATOM   522 N N9    . A   A 1 24 ? -12.224 18.035  2.805   1.00 107.35 ? 24  A   A N9    1 
ATOM   523 C C8    . A   A 1 24 ? -10.876 18.310  2.836   1.00 106.40 ? 24  A   A C8    1 
ATOM   524 N N7    . A   A 1 24 ? -10.534 19.342  2.090   1.00 101.03 ? 24  A   A N7    1 
ATOM   525 C C5    . A   A 1 24 ? -11.734 19.762  1.540   1.00 98.78  ? 24  A   A C5    1 
ATOM   526 C C6    . A   A 1 24 ? -12.052 20.813  0.680   1.00 96.37  ? 24  A   A C6    1 
ATOM   527 N N6    . A   A 1 24 ? -11.136 21.659  0.220   1.00 99.35  ? 24  A   A N6    1 
ATOM   528 N N1    . A   A 1 24 ? -13.349 20.968  0.318   1.00 88.60  ? 24  A   A N1    1 
ATOM   529 C C2    . A   A 1 24 ? -14.264 20.116  0.803   1.00 78.39  ? 24  A   A C2    1 
ATOM   530 N N3    . A   A 1 24 ? -14.087 19.091  1.637   1.00 75.96  ? 24  A   A N3    1 
ATOM   531 C C4    . A   A 1 24 ? -12.783 18.967  1.960   1.00 94.23  ? 24  A   A C4    1 
ATOM   532 P P     . G   A 1 25 ? -12.339 12.665  2.333   1.00 91.67  ? 25  G   A P     1 
ATOM   533 O OP1   . G   A 1 25 ? -12.103 11.237  2.695   1.00 103.97 ? 25  G   A OP1   1 
ATOM   534 O OP2   . G   A 1 25 ? -11.243 13.481  1.723   1.00 101.51 ? 25  G   A OP2   1 
ATOM   535 O "O5'" . G   A 1 25 ? -13.653 12.814  1.459   1.00 96.74  ? 25  G   A "O5'" 1 
ATOM   536 C "C5'" . G   A 1 25 ? -14.804 12.063  1.781   1.00 87.19  ? 25  G   A "C5'" 1 
ATOM   537 C "C4'" . G   A 1 25 ? -14.910 10.881  0.859   1.00 91.92  ? 25  G   A "C4'" 1 
ATOM   538 O "O4'" . G   A 1 25 ? -14.021 11.063  -0.268  1.00 94.01  ? 25  G   A "O4'" 1 
ATOM   539 C "C3'" . G   A 1 25 ? -14.502 9.548   1.448   1.00 88.11  ? 25  G   A "C3'" 1 
ATOM   540 O "O3'" . G   A 1 25 ? -15.572 8.985   2.178   1.00 79.63  ? 25  G   A "O3'" 1 
ATOM   541 C "C2'" . G   A 1 25 ? -14.099 8.729   0.214   1.00 106.16 ? 25  G   A "C2'" 1 
ATOM   542 O "O2'" . G   A 1 25 ? -15.222 8.093   -0.381  1.00 112.93 ? 25  G   A "O2'" 1 
ATOM   543 C "C1'" . G   A 1 25 ? -13.599 9.809   -0.751  1.00 93.89  ? 25  G   A "C1'" 1 
ATOM   544 N N9    . G   A 1 25 ? -12.135 9.816   -0.932  1.00 72.99  ? 25  G   A N9    1 
ATOM   545 C C8    . G   A 1 25 ? -11.245 10.763  -0.481  1.00 70.56  ? 25  G   A C8    1 
ATOM   546 N N7    . G   A 1 25 ? -10.006 10.500  -0.817  1.00 76.57  ? 25  G   A N7    1 
ATOM   547 C C5    . G   A 1 25 ? -10.095 9.318   -1.530  1.00 70.61  ? 25  G   A C5    1 
ATOM   548 C C6    . G   A 1 25 ? -9.070  8.571   -2.137  1.00 74.15  ? 25  G   A C6    1 
ATOM   549 O O6    . G   A 1 25 ? -7.855  8.823   -2.154  1.00 67.90  ? 25  G   A O6    1 
ATOM   550 N N1    . G   A 1 25 ? -9.591  7.442   -2.758  1.00 68.90  ? 25  G   A N1    1 
ATOM   551 C C2    . G   A 1 25 ? -10.921 7.098   -2.781  1.00 63.27  ? 25  G   A C2    1 
ATOM   552 N N2    . G   A 1 25 ? -11.209 5.965   -3.418  1.00 76.37  ? 25  G   A N2    1 
ATOM   553 N N3    . G   A 1 25 ? -11.899 7.780   -2.218  1.00 60.43  ? 25  G   A N3    1 
ATOM   554 C C4    . G   A 1 25 ? -11.400 8.879   -1.620  1.00 64.30  ? 25  G   A C4    1 
ATOM   555 P P     . G   A 1 26 ? -15.331 7.787   3.210   1.00 85.57  ? 26  G   A P     1 
ATOM   556 O OP1   . G   A 1 26 ? -16.621 7.537   3.913   1.00 99.11  ? 26  G   A OP1   1 
ATOM   557 O OP2   . G   A 1 26 ? -14.093 8.103   3.971   1.00 108.44 ? 26  G   A OP2   1 
ATOM   558 O "O5'" . G   A 1 26 ? -15.043 6.514   2.299   1.00 87.35  ? 26  G   A "O5'" 1 
ATOM   559 C "C5'" . G   A 1 26 ? -16.105 5.773   1.725   1.00 85.03  ? 26  G   A "C5'" 1 
ATOM   560 C "C4'" . G   A 1 26 ? -15.573 4.662   0.862   1.00 81.94  ? 26  G   A "C4'" 1 
ATOM   561 O "O4'" . G   A 1 26 ? -14.683 5.201   -0.146  1.00 88.60  ? 26  G   A "O4'" 1 
ATOM   562 C "C3'" . G   A 1 26 ? -14.724 3.640   1.587   1.00 78.26  ? 26  G   A "C3'" 1 
ATOM   563 O "O3'" . G   A 1 26 ? -15.505 2.674   2.251   1.00 81.20  ? 26  G   A "O3'" 1 
ATOM   564 C "C2'" . G   A 1 26 ? -13.867 3.054   0.481   1.00 81.21  ? 26  G   A "C2'" 1 
ATOM   565 O "O2'" . G   A 1 26 ? -14.598 2.070   -0.231  1.00 93.88  ? 26  G   A "O2'" 1 
ATOM   566 C "C1'" . G   A 1 26 ? -13.669 4.263   -0.437  1.00 87.56  ? 26  G   A "C1'" 1 
ATOM   567 N N9    . G   A 1 26 ? -12.352 4.896   -0.255  1.00 80.12  ? 26  G   A N9    1 
ATOM   568 C C8    . G   A 1 26 ? -12.041 5.965   0.544   1.00 81.11  ? 26  G   A C8    1 
ATOM   569 N N7    . G   A 1 26 ? -10.779 6.299   0.490   1.00 79.97  ? 26  G   A N7    1 
ATOM   570 C C5    . G   A 1 26 ? -10.224 5.388   -0.392  1.00 77.41  ? 26  G   A C5    1 
ATOM   571 C C6    . G   A 1 26 ? -8.891  5.256   -0.852  1.00 76.34  ? 26  G   A C6    1 
ATOM   572 O O6    . G   A 1 26 ? -7.894  5.927   -0.563  1.00 81.90  ? 26  G   A O6    1 
ATOM   573 N N1    . G   A 1 26 ? -8.759  4.209   -1.753  1.00 79.73  ? 26  G   A N1    1 
ATOM   574 C C2    . G   A 1 26 ? -9.778  3.389   -2.162  1.00 80.75  ? 26  G   A C2    1 
ATOM   575 N N2    . G   A 1 26 ? -9.431  2.432   -3.030  1.00 74.52  ? 26  G   A N2    1 
ATOM   576 N N3    . G   A 1 26 ? -11.032 3.502   -1.746  1.00 81.83  ? 26  G   A N3    1 
ATOM   577 C C4    . G   A 1 26 ? -11.183 4.516   -0.864  1.00 79.13  ? 26  G   A C4    1 
ATOM   578 P P     . U   A 1 27 ? -15.312 2.473   3.824   1.00 106.53 ? 27  U   A P     1 
ATOM   579 O OP1   . U   A 1 27 ? -16.458 1.688   4.361   1.00 109.39 ? 27  U   A OP1   1 
ATOM   580 O OP2   . U   A 1 27 ? -15.007 3.837   4.353   1.00 103.73 ? 27  U   A OP2   1 
ATOM   581 O "O5'" . U   A 1 27 ? -14.025 1.538   3.913   1.00 107.16 ? 27  U   A "O5'" 1 
ATOM   582 C "C5'" . U   A 1 27 ? -13.864 0.470   2.988   1.00 98.39  ? 27  U   A "C5'" 1 
ATOM   583 C "C4'" . U   A 1 27 ? -12.414 0.108   2.785   1.00 96.94  ? 27  U   A "C4'" 1 
ATOM   584 O "O4'" . U   A 1 27 ? -11.692 1.190   2.150   1.00 95.02  ? 27  U   A "O4'" 1 
ATOM   585 C "C3'" . U   A 1 27 ? -11.624 -0.162  4.043   1.00 103.45 ? 27  U   A "C3'" 1 
ATOM   586 O "O3'" . U   A 1 27 ? -11.875 -1.459  4.539   1.00 116.31 ? 27  U   A "O3'" 1 
ATOM   587 C "C2'" . U   A 1 27 ? -10.180 0.057   3.594   1.00 89.28  ? 27  U   A "C2'" 1 
ATOM   588 O "O2'" . U   A 1 27 ? -9.683  -1.088  2.928   1.00 83.74  ? 27  U   A "O2'" 1 
ATOM   589 C "C1'" . U   A 1 27 ? -10.336 1.161   2.554   1.00 86.08  ? 27  U   A "C1'" 1 
ATOM   590 N N1    . U   A 1 27 ? -9.936  2.500   3.047   1.00 73.23  ? 27  U   A N1    1 
ATOM   591 C C2    . U   A 1 27 ? -8.584  2.788   3.194   1.00 85.98  ? 27  U   A C2    1 
ATOM   592 O O2    . U   A 1 27 ? -7.692  1.984   2.971   1.00 85.39  ? 27  U   A O2    1 
ATOM   593 N N3    . U   A 1 27 ? -8.296  4.054   3.627   1.00 73.21  ? 27  U   A N3    1 
ATOM   594 C C4    . U   A 1 27 ? -9.203  5.050   3.910   1.00 71.59  ? 27  U   A C4    1 
ATOM   595 O O4    . U   A 1 27 ? -8.809  6.155   4.304   1.00 87.14  ? 27  U   A O4    1 
ATOM   596 C C5    . U   A 1 27 ? -10.572 4.683   3.729   1.00 76.41  ? 27  U   A C5    1 
ATOM   597 C C6    . U   A 1 27 ? -10.883 3.453   3.314   1.00 77.80  ? 27  U   A C6    1 
ATOM   598 P P     . C   A 1 28 ? -12.161 -1.671  6.101   1.00 113.08 ? 28  C   A P     1 
ATOM   599 O OP1   . C   A 1 28 ? -13.413 -2.463  6.236   1.00 122.00 ? 28  C   A OP1   1 
ATOM   600 O OP2   . C   A 1 28 ? -12.072 -0.341  6.755   1.00 105.84 ? 28  C   A OP2   1 
ATOM   601 O "O5'" . C   A 1 28 ? -10.936 -2.569  6.579   1.00 102.97 ? 28  C   A "O5'" 1 
ATOM   602 C "C5'" . C   A 1 28 ? -9.782  -2.722  5.757   1.00 100.66 ? 28  C   A "C5'" 1 
ATOM   603 C "C4'" . C   A 1 28 ? -8.541  -2.169  6.421   1.00 99.23  ? 28  C   A "C4'" 1 
ATOM   604 O "O4'" . C   A 1 28 ? -8.368  -0.762  6.062   1.00 94.87  ? 28  C   A "O4'" 1 
ATOM   605 C "C3'" . C   A 1 28 ? -8.544  -2.232  7.950   1.00 98.74  ? 28  C   A "C3'" 1 
ATOM   606 O "O3'" . C   A 1 28 ? -7.265  -2.642  8.426   1.00 110.20 ? 28  C   A "O3'" 1 
ATOM   607 C "C2'" . C   A 1 28 ? -8.814  -0.783  8.354   1.00 94.84  ? 28  C   A "C2'" 1 
ATOM   608 O "O2'" . C   A 1 28 ? -8.327  -0.418  9.629   1.00 108.43 ? 28  C   A "O2'" 1 
ATOM   609 C "C1'" . C   A 1 28 ? -8.125  -0.012  7.233   1.00 97.11  ? 28  C   A "C1'" 1 
ATOM   610 N N1    . C   A 1 28 ? -8.624  1.369   7.079   1.00 83.63  ? 28  C   A N1    1 
ATOM   611 C C2    . C   A 1 28 ? -7.716  2.430   7.017   1.00 79.70  ? 28  C   A C2    1 
ATOM   612 O O2    . C   A 1 28 ? -6.500  2.164   7.017   1.00 85.22  ? 28  C   A O2    1 
ATOM   613 N N3    . C   A 1 28 ? -8.185  3.704   6.937   1.00 74.56  ? 28  C   A N3    1 
ATOM   614 C C4    . C   A 1 28 ? -9.506  3.943   6.925   1.00 75.50  ? 28  C   A C4    1 
ATOM   615 N N4    . C   A 1 28 ? -9.948  5.205   6.837   1.00 69.32  ? 28  C   A N4    1 
ATOM   616 C C5    . C   A 1 28 ? -10.451 2.888   7.008   1.00 80.17  ? 28  C   A C5    1 
ATOM   617 C C6    . C   A 1 28 ? -9.963  1.643   7.095   1.00 85.82  ? 28  C   A C6    1 
ATOM   618 P P     . A   A 1 29 ? -7.133  -4.035  9.220   1.00 118.89 ? 29  A   A P     1 
ATOM   619 O OP1   . A   A 1 29 ? -8.523  -4.412  9.590   1.00 115.59 ? 29  A   A OP1   1 
ATOM   620 O OP2   . A   A 1 29 ? -6.077  -3.952  10.264  1.00 134.29 ? 29  A   A OP2   1 
ATOM   621 O "O5'" . A   A 1 29 ? -6.657  -5.066  8.107   1.00 114.07 ? 29  A   A "O5'" 1 
ATOM   622 C "C5'" . A   A 1 29 ? -7.612  -5.635  7.232   1.00 114.26 ? 29  A   A "C5'" 1 
ATOM   623 C "C4'" . A   A 1 29 ? -7.027  -5.921  5.877   1.00 115.01 ? 29  A   A "C4'" 1 
ATOM   624 O "O4'" . A   A 1 29 ? -6.741  -4.693  5.159   1.00 109.70 ? 29  A   A "O4'" 1 
ATOM   625 C "C3'" . A   A 1 29 ? -5.705  -6.661  5.863   1.00 119.30 ? 29  A   A "C3'" 1 
ATOM   626 O "O3'" . A   A 1 29 ? -5.861  -8.048  6.109   1.00 122.47 ? 29  A   A "O3'" 1 
ATOM   627 C "C2'" . A   A 1 29 ? -5.169  -6.343  4.472   1.00 116.88 ? 29  A   A "C2'" 1 
ATOM   628 O "O2'" . A   A 1 29 ? -5.786  -7.163  3.489   1.00 116.55 ? 29  A   A "O2'" 1 
ATOM   629 C "C1'" . A   A 1 29 ? -5.657  -4.906  4.274   1.00 106.71 ? 29  A   A "C1'" 1 
ATOM   630 N N9    . A   A 1 29 ? -4.588  -3.930  4.554   1.00 102.34 ? 29  A   A N9    1 
ATOM   631 C C8    . A   A 1 29 ? -4.526  -2.957  5.522   1.00 96.23  ? 29  A   A C8    1 
ATOM   632 N N7    . A   A 1 29 ? -3.410  -2.267  5.476   1.00 91.74  ? 29  A   A N7    1 
ATOM   633 C C5    . A   A 1 29 ? -2.695  -2.822  4.420   1.00 97.86  ? 29  A   A C5    1 
ATOM   634 C C6    . A   A 1 29 ? -1.436  -2.549  3.849   1.00 95.77  ? 29  A   A C6    1 
ATOM   635 N N6    . A   A 1 29 ? -0.617  -1.601  4.288   1.00 94.78  ? 29  A   A N6    1 
ATOM   636 N N1    . A   A 1 29 ? -1.021  -3.292  2.797   1.00 104.62 ? 29  A   A N1    1 
ATOM   637 C C2    . A   A 1 29 ? -1.833  -4.249  2.344   1.00 107.65 ? 29  A   A C2    1 
ATOM   638 N N3    . A   A 1 29 ? -3.036  -4.607  2.794   1.00 108.59 ? 29  A   A N3    1 
ATOM   639 C C4    . A   A 1 29 ? -3.415  -3.848  3.842   1.00 104.47 ? 29  A   A C4    1 
ATOM   640 P P     . C   A 1 30 ? -4.603  -8.923  6.583   1.00 126.95 ? 30  C   A P     1 
ATOM   641 O OP1   . C   A 1 30 ? -5.091  -10.114 7.333   1.00 131.71 ? 30  C   A OP1   1 
ATOM   642 O OP2   . C   A 1 30 ? -3.631  -7.985  7.203   1.00 130.40 ? 30  C   A OP2   1 
ATOM   643 O "O5'" . C   A 1 30 ? -3.972  -9.451  5.225   1.00 115.64 ? 30  C   A "O5'" 1 
ATOM   644 C "C5'" . C   A 1 30 ? -2.653  -9.967  5.204   1.00 116.47 ? 30  C   A "C5'" 1 
ATOM   645 C "C4'" . C   A 1 30 ? -1.892  -9.428  4.026   1.00 123.87 ? 30  C   A "C4'" 1 
ATOM   646 O "O4'" . C   A 1 30 ? -2.185  -8.016  3.865   1.00 124.10 ? 30  C   A "O4'" 1 
ATOM   647 C "C3'" . C   A 1 30 ? -0.379  -9.474  4.136   1.00 131.20 ? 30  C   A "C3'" 1 
ATOM   648 O "O3'" . C   A 1 30 ? 0.168   -10.743 3.847   1.00 138.51 ? 30  C   A "O3'" 1 
ATOM   649 C "C2'" . C   A 1 30 ? 0.048   -8.394  3.161   1.00 122.09 ? 30  C   A "C2'" 1 
ATOM   650 O "O2'" . C   A 1 30 ? -0.065  -8.860  1.824   1.00 107.58 ? 30  C   A "O2'" 1 
ATOM   651 C "C1'" . C   A 1 30 ? -1.035  -7.341  3.398   1.00 123.55 ? 30  C   A "C1'" 1 
ATOM   652 N N1    . C   A 1 30 ? -0.650  -6.349  4.427   1.00 120.32 ? 30  C   A N1    1 
ATOM   653 C C2    . C   A 1 30 ? 0.570   -5.634  4.384   1.00 122.45 ? 30  C   A C2    1 
ATOM   654 O O2    . C   A 1 30 ? 1.407   -5.816  3.477   1.00 111.16 ? 30  C   A O2    1 
ATOM   655 N N3    . C   A 1 30 ? 0.838   -4.740  5.375   1.00 130.79 ? 30  C   A N3    1 
ATOM   656 C C4    . C   A 1 30 ? -0.038  -4.532  6.363   1.00 124.87 ? 30  C   A C4    1 
ATOM   657 N N4    . C   A 1 30 ? 0.280   -3.641  7.312   1.00 109.49 ? 30  C   A N4    1 
ATOM   658 C C5    . C   A 1 30 ? -1.282  -5.232  6.414   1.00 128.90 ? 30  C   A C5    1 
ATOM   659 C C6    . C   A 1 30 ? -1.545  -6.116  5.436   1.00 124.07 ? 30  C   A C6    1 
ATOM   660 P P     . U   A 1 31 ? 0.938   -11.557 4.998   1.00 136.68 ? 31  U   A P     1 
ATOM   661 O OP1   . U   A 1 31 ? 1.592   -12.697 4.301   1.00 138.90 ? 31  U   A OP1   1 
ATOM   662 O OP2   . U   A 1 31 ? -0.032  -11.813 6.097   1.00 137.88 ? 31  U   A OP2   1 
ATOM   663 O "O5'" . U   A 1 31 ? 2.046   -10.536 5.553   1.00 128.65 ? 31  U   A "O5'" 1 
ATOM   664 C "C5'" . U   A 1 31 ? 3.298   -10.389 4.891   1.00 121.50 ? 31  U   A "C5'" 1 
ATOM   665 C "C4'" . U   A 1 31 ? 4.221   -9.398  5.570   1.00 126.07 ? 31  U   A "C4'" 1 
ATOM   666 O "O4'" . U   A 1 31 ? 3.639   -8.067  5.581   1.00 123.34 ? 31  U   A "O4'" 1 
ATOM   667 C "C3'" . U   A 1 31 ? 4.553   -9.639  7.032   1.00 137.13 ? 31  U   A "C3'" 1 
ATOM   668 O "O3'" . U   A 1 31 ? 5.457   -10.693 7.270   1.00 148.22 ? 31  U   A "O3'" 1 
ATOM   669 C "C2'" . U   A 1 31 ? 5.070   -8.279  7.449   1.00 137.64 ? 31  U   A "C2'" 1 
ATOM   670 O "O2'" . U   A 1 31 ? 6.350   -8.042  6.875   1.00 144.95 ? 31  U   A "O2'" 1 
ATOM   671 C "C1'" . U   A 1 31 ? 4.050   -7.384  6.754   1.00 126.97 ? 31  U   A "C1'" 1 
ATOM   672 N N1    . U   A 1 31 ? 2.870   -7.197  7.632   1.00 131.42 ? 31  U   A N1    1 
ATOM   673 C C2    . U   A 1 31 ? 3.008   -6.329  8.713   1.00 141.09 ? 31  U   A C2    1 
ATOM   674 O O2    . U   A 1 31 ? 4.031   -5.696  8.949   1.00 144.38 ? 31  U   A O2    1 
ATOM   675 N N3    . U   A 1 31 ? 1.890   -6.213  9.512   1.00 139.77 ? 31  U   A N3    1 
ATOM   676 C C4    . U   A 1 31 ? 0.675   -6.868  9.359   1.00 134.12 ? 31  U   A C4    1 
ATOM   677 O O4    . U   A 1 31 ? -0.242  -6.656  10.168  1.00 123.01 ? 31  U   A O4    1 
ATOM   678 C C5    . U   A 1 31 ? 0.620   -7.755  8.230   1.00 131.37 ? 31  U   A C5    1 
ATOM   679 C C6    . U   A 1 31 ? 1.690   -7.890  7.435   1.00 131.40 ? 31  U   A C6    1 
ATOM   680 P P     . G   A 1 32 ? 4.962   -11.935 8.154   1.00 152.33 ? 32  G   A P     1 
ATOM   681 O OP1   . G   A 1 32 ? 3.535   -11.687 8.520   1.00 145.21 ? 32  G   A OP1   1 
ATOM   682 O OP2   . G   A 1 32 ? 5.953   -12.120 9.252   1.00 155.32 ? 32  G   A OP2   1 
ATOM   683 O "O5'" . G   A 1 32 ? 5.044   -13.158 7.129   1.00 150.00 ? 32  G   A "O5'" 1 
ATOM   684 C "C5'" . G   A 1 32 ? 6.315   -13.638 6.700   1.00 152.56 ? 32  G   A "C5'" 1 
ATOM   685 C "C4'" . G   A 1 32 ? 6.275   -14.376 5.382   1.00 154.75 ? 32  G   A "C4'" 1 
ATOM   686 O "O4'" . G   A 1 32 ? 5.782   -13.490 4.325   1.00 147.30 ? 32  G   A "O4'" 1 
ATOM   687 C "C3'" . G   A 1 32 ? 7.652   -14.841 4.907   1.00 160.23 ? 32  G   A "C3'" 1 
ATOM   688 O "O3'" . G   A 1 32 ? 7.473   -15.979 4.059   1.00 175.33 ? 32  G   A "O3'" 1 
ATOM   689 C "C2'" . G   A 1 32 ? 8.093   -13.643 4.078   1.00 153.93 ? 32  G   A "C2'" 1 
ATOM   690 O "O2'" . G   A 1 32 ? 9.185   -13.836 3.207   1.00 155.87 ? 32  G   A "O2'" 1 
ATOM   691 C "C1'" . G   A 1 32 ? 6.798   -13.335 3.345   1.00 143.01 ? 32  G   A "C1'" 1 
ATOM   692 N N9    . G   A 1 32 ? 6.753   -11.994 2.766   1.00 134.87 ? 32  G   A N9    1 
ATOM   693 C C8    . G   A 1 32 ? 6.360   -10.807 3.339   1.00 131.95 ? 32  G   A C8    1 
ATOM   694 N N7    . G   A 1 32 ? 6.456   -9.789  2.523   1.00 130.95 ? 32  G   A N7    1 
ATOM   695 C C5    . G   A 1 32 ? 6.945   -10.344 1.342   1.00 132.21 ? 32  G   A C5    1 
ATOM   696 C C6    . G   A 1 32 ? 7.257   -9.738  0.095   1.00 122.78 ? 32  G   A C6    1 
ATOM   697 O O6    . G   A 1 32 ? 7.167   -8.547  -0.220  1.00 118.21 ? 32  G   A O6    1 
ATOM   698 N N1    . G   A 1 32 ? 7.731   -10.669 -0.827  1.00 122.65 ? 32  G   A N1    1 
ATOM   699 C C2    . G   A 1 32 ? 7.879   -12.013 -0.583  1.00 128.27 ? 32  G   A C2    1 
ATOM   700 N N2    . G   A 1 32 ? 8.352   -12.739 -1.598  1.00 131.15 ? 32  G   A N2    1 
ATOM   701 N N3    . G   A 1 32 ? 7.595   -12.598 0.573   1.00 137.24 ? 32  G   A N3    1 
ATOM   702 C C4    . G   A 1 32 ? 7.133   -11.705 1.480   1.00 136.67 ? 32  G   A C4    1 
ATOM   703 P P     . C   A 1 33 ? 8.718   -16.642 3.281   1.00 182.79 ? 33  C   A P     1 
ATOM   704 O OP1   . C   A 1 33 ? 8.334   -18.017 2.864   1.00 185.23 ? 33  C   A OP1   1 
ATOM   705 O OP2   . C   A 1 33 ? 9.923   -16.430 4.130   1.00 182.27 ? 33  C   A OP2   1 
ATOM   706 O "O5'" . C   A 1 33 ? 8.871   -15.739 1.968   1.00 172.57 ? 33  C   A "O5'" 1 
ATOM   707 C "C5'" . C   A 1 33 ? 9.162   -16.318 0.697   1.00 159.47 ? 33  C   A "C5'" 1 
ATOM   708 C "C4'" . C   A 1 33 ? 10.455  -15.794 0.115   1.00 149.59 ? 33  C   A "C4'" 1 
ATOM   709 O "O4'" . C   A 1 33 ? 10.269  -14.426 -0.364  1.00 137.51 ? 33  C   A "O4'" 1 
ATOM   710 C "C3'" . C   A 1 33 ? 11.650  -15.746 1.079   1.00 151.65 ? 33  C   A "C3'" 1 
ATOM   711 O "O3'" . C   A 1 33 ? 12.845  -16.076 0.373   1.00 149.95 ? 33  C   A "O3'" 1 
ATOM   712 C "C2'" . C   A 1 33 ? 11.699  -14.273 1.459   1.00 156.16 ? 33  C   A "C2'" 1 
ATOM   713 O "O2'" . C   A 1 33 ? 12.940  -13.804 1.939   1.00 162.10 ? 33  C   A "O2'" 1 
ATOM   714 C "C1'" . C   A 1 33 ? 11.318  -13.630 0.138   1.00 150.76 ? 33  C   A "C1'" 1 
ATOM   715 N N1    . C   A 1 33 ? 10.916  -12.224 0.257   1.00 154.05 ? 33  C   A N1    1 
ATOM   716 C C2    . C   A 1 33 ? 11.007  -11.415 -0.876  1.00 151.95 ? 33  C   A C2    1 
ATOM   717 O O2    . C   A 1 33 ? 11.355  -11.932 -1.944  1.00 135.82 ? 33  C   A O2    1 
ATOM   718 N N3    . C   A 1 33 ? 10.672  -10.107 -0.774  1.00 158.23 ? 33  C   A N3    1 
ATOM   719 C C4    . C   A 1 33 ? 10.307  -9.608  0.414   1.00 151.99 ? 33  C   A C4    1 
ATOM   720 N N4    . C   A 1 33 ? 9.982   -8.314  0.472   1.00 159.70 ? 33  C   A N4    1 
ATOM   721 C C5    . C   A 1 33 ? 10.235  -10.409 1.593   1.00 139.82 ? 33  C   A C5    1 
ATOM   722 C C6    . C   A 1 33 ? 10.564  -11.700 1.473   1.00 144.54 ? 33  C   A C6    1 
ATOM   723 P P     . G   A 1 34 ? 14.195  -16.473 1.162   1.00 150.96 ? 34  G   A P     1 
ATOM   724 O OP1   . G   A 1 34 ? 14.348  -17.947 1.084   1.00 155.64 ? 34  G   A OP1   1 
ATOM   725 O OP2   . G   A 1 34 ? 14.249  -15.805 2.483   1.00 165.40 ? 34  G   A OP2   1 
ATOM   726 O "O5'" . G   A 1 34 ? 15.343  -15.861 0.251   1.00 143.91 ? 34  G   A "O5'" 1 
ATOM   727 C "C5'" . G   A 1 34 ? 15.534  -16.384 -1.051  1.00 146.94 ? 34  G   A "C5'" 1 
ATOM   728 C "C4'" . G   A 1 34 ? 15.832  -15.305 -2.055  1.00 147.58 ? 34  G   A "C4'" 1 
ATOM   729 O "O4'" . G   A 1 34 ? 14.695  -14.426 -2.246  1.00 142.20 ? 34  G   A "O4'" 1 
ATOM   730 C "C3'" . G   A 1 34 ? 16.950  -14.357 -1.693  1.00 144.46 ? 34  G   A "C3'" 1 
ATOM   731 O "O3'" . G   A 1 34 ? 18.219  -14.940 -1.860  1.00 150.35 ? 34  G   A "O3'" 1 
ATOM   732 C "C2'" . G   A 1 34 ? 16.685  -13.187 -2.626  1.00 141.26 ? 34  G   A "C2'" 1 
ATOM   733 O "O2'" . G   A 1 34 ? 17.137  -13.481 -3.937  1.00 143.48 ? 34  G   A "O2'" 1 
ATOM   734 C "C1'" . G   A 1 34 ? 15.155  -13.146 -2.631  1.00 138.68 ? 34  G   A "C1'" 1 
ATOM   735 N N9    . G   A 1 34 ? 14.661  -12.155 -1.672  1.00 136.29 ? 34  G   A N9    1 
ATOM   736 C C8    . G   A 1 34 ? 14.208  -12.403 -0.409  1.00 140.39 ? 34  G   A C8    1 
ATOM   737 N N7    . G   A 1 34 ? 13.850  -11.320 0.226   1.00 143.86 ? 34  G   A N7    1 
ATOM   738 C C5    . G   A 1 34 ? 14.102  -10.296 -0.679  1.00 142.26 ? 34  G   A C5    1 
ATOM   739 C C6    . G   A 1 34 ? 13.918  -8.893  -0.554  1.00 150.26 ? 34  G   A C6    1 
ATOM   740 O O6    . G   A 1 34 ? 13.481  -8.253  0.420   1.00 152.37 ? 34  G   A O6    1 
ATOM   741 N N1    . G   A 1 34 ? 14.313  -8.227  -1.716  1.00 144.03 ? 34  G   A N1    1 
ATOM   742 C C2    . G   A 1 34 ? 14.816  -8.820  -2.845  1.00 132.57 ? 34  G   A C2    1 
ATOM   743 N N2    . G   A 1 34 ? 15.131  -7.992  -3.855  1.00 129.77 ? 34  G   A N2    1 
ATOM   744 N N3    . G   A 1 34 ? 14.991  -10.128 -2.966  1.00 133.25 ? 34  G   A N3    1 
ATOM   745 C C4    . G   A 1 34 ? 14.615  -10.798 -1.856  1.00 136.77 ? 34  G   A C4    1 
ATOM   746 P P     . C   A 1 35 ? 19.391  -14.574 -0.839  1.00 159.28 ? 35  C   A P     1 
ATOM   747 O OP1   . C   A 1 35 ? 20.421  -15.633 -0.939  1.00 167.04 ? 35  C   A OP1   1 
ATOM   748 O OP2   . C   A 1 35 ? 18.773  -14.283 0.481   1.00 164.72 ? 35  C   A OP2   1 
ATOM   749 O "O5'" . C   A 1 35 ? 19.989  -13.225 -1.443  1.00 164.30 ? 35  C   A "O5'" 1 
ATOM   750 C "C5'" . C   A 1 35 ? 20.224  -13.102 -2.842  1.00 167.95 ? 35  C   A "C5'" 1 
ATOM   751 C "C4'" . C   A 1 35 ? 20.226  -11.659 -3.289  1.00 167.43 ? 35  C   A "C4'" 1 
ATOM   752 O "O4'" . C   A 1 35 ? 18.891  -11.099 -3.179  1.00 166.52 ? 35  C   A "O4'" 1 
ATOM   753 C "C3'" . C   A 1 35 ? 21.090  -10.706 -2.475  1.00 165.35 ? 35  C   A "C3'" 1 
ATOM   754 O "O3'" . C   A 1 35 ? 22.466  -10.773 -2.801  1.00 155.51 ? 35  C   A "O3'" 1 
ATOM   755 C "C2'" . C   A 1 35 ? 20.456  -9.354  -2.769  1.00 171.12 ? 35  C   A "C2'" 1 
ATOM   756 O "O2'" . C   A 1 35 ? 20.864  -8.880  -4.047  1.00 169.67 ? 35  C   A "O2'" 1 
ATOM   757 C "C1'" . C   A 1 35 ? 18.970  -9.728  -2.839  1.00 171.86 ? 35  C   A "C1'" 1 
ATOM   758 N N1    . C   A 1 35 ? 18.257  -9.495  -1.550  1.00 177.79 ? 35  C   A N1    1 
ATOM   759 C C2    . C   A 1 35 ? 17.886  -8.182  -1.209  1.00 176.48 ? 35  C   A C2    1 
ATOM   760 O O2    . C   A 1 35 ? 18.166  -7.255  -1.990  1.00 181.44 ? 35  C   A O2    1 
ATOM   761 N N3    . C   A 1 35 ? 17.235  -7.947  -0.037  1.00 162.99 ? 35  C   A N3    1 
ATOM   762 C C4    . C   A 1 35 ? 16.936  -8.949  0.789   1.00 154.95 ? 35  C   A C4    1 
ATOM   763 N N4    . C   A 1 35 ? 16.286  -8.656  1.918   1.00 139.15 ? 35  C   A N4    1 
ATOM   764 C C5    . C   A 1 35 ? 17.294  -10.294 0.472   1.00 168.38 ? 35  C   A C5    1 
ATOM   765 C C6    . C   A 1 35 ? 17.942  -10.519 -0.688  1.00 176.90 ? 35  C   A C6    1 
ATOM   766 P P     . C   A 1 36 ? 23.552  -10.871 -1.625  1.00 163.11 ? 36  C   A P     1 
ATOM   767 O OP1   . C   A 1 36 ? 24.759  -11.546 -2.173  1.00 152.01 ? 36  C   A OP1   1 
ATOM   768 O OP2   . C   A 1 36 ? 22.856  -11.458 -0.449  1.00 167.97 ? 36  C   A OP2   1 
ATOM   769 O "O5'" . C   A 1 36 ? 23.901  -9.345  -1.300  1.00 162.19 ? 36  C   A "O5'" 1 
ATOM   770 C "C5'" . C   A 1 36 ? 24.271  -8.457  -2.348  1.00 163.51 ? 36  C   A "C5'" 1 
ATOM   771 C "C4'" . C   A 1 36 ? 24.120  -7.005  -1.960  1.00 158.15 ? 36  C   A "C4'" 1 
ATOM   772 O "O4'" . C   A 1 36 ? 22.720  -6.656  -1.810  1.00 155.91 ? 36  C   A "O4'" 1 
ATOM   773 C "C3'" . C   A 1 36 ? 24.747  -6.588  -0.639  1.00 162.37 ? 36  C   A "C3'" 1 
ATOM   774 O "O3'" . C   A 1 36 ? 26.144  -6.383  -0.742  1.00 173.07 ? 36  C   A "O3'" 1 
ATOM   775 C "C2'" . C   A 1 36 ? 23.978  -5.318  -0.286  1.00 159.21 ? 36  C   A "C2'" 1 
ATOM   776 O "O2'" . C   A 1 36 ? 24.513  -4.192  -0.968  1.00 162.90 ? 36  C   A "O2'" 1 
ATOM   777 C "C1'" . C   A 1 36 ? 22.583  -5.627  -0.846  1.00 150.89 ? 36  C   A "C1'" 1 
ATOM   778 N N1    . C   A 1 36 ? 21.650  -6.073  0.214   1.00 137.87 ? 36  C   A N1    1 
ATOM   779 C C2    . C   A 1 36 ? 20.923  -5.106  0.918   1.00 135.12 ? 36  C   A C2    1 
ATOM   780 O O2    . C   A 1 36 ? 21.064  -3.902  0.633   1.00 133.32 ? 36  C   A O2    1 
ATOM   781 N N3    . C   A 1 36 ? 20.078  -5.514  1.897   1.00 136.31 ? 36  C   A N3    1 
ATOM   782 C C4    . C   A 1 36 ? 19.943  -6.818  2.172   1.00 136.50 ? 36  C   A C4    1 
ATOM   783 N N4    . C   A 1 36 ? 19.101  -7.170  3.150   1.00 138.51 ? 36  C   A N4    1 
ATOM   784 C C5    . C   A 1 36 ? 20.682  -7.817  1.479   1.00 139.32 ? 36  C   A C5    1 
ATOM   785 C C6    . C   A 1 36 ? 21.515  -7.402  0.518   1.00 139.90 ? 36  C   A C6    1 
HETATM 786 N N1    A TFX B 2 .  ? -6.967  13.331  -4.376  0.25 60.48  ? 101 TFX A N1    1 
HETATM 787 N N1    B TFX B 2 .  ? -6.449  6.992   -8.814  0.25 71.46  ? 101 TFX A N1    1 
HETATM 788 S S1    A TFX B 2 .  ? -6.293  11.147  -5.333  0.25 64.70  ? 101 TFX A S1    1 
HETATM 789 S S1    B TFX B 2 .  ? -7.001  9.059   -7.566  0.25 67.28  ? 101 TFX A S1    1 
HETATM 790 C C2    A TFX B 2 .  ? -11.621 10.621  -4.604  0.25 56.62  ? 101 TFX A C2    1 
HETATM 791 C C2    B TFX B 2 .  ? -1.789  9.783   -8.624  0.25 75.33  ? 101 TFX A C2    1 
HETATM 792 N N2    A TFX B 2 .  ? -12.972 10.095  -4.590  0.25 59.96  ? 101 TFX A N2    1 
HETATM 793 N N2    B TFX B 2 .  ? -0.462  10.372  -8.664  0.25 78.42  ? 101 TFX A N2    1 
HETATM 794 C C3    A TFX B 2 .  ? -10.645 10.215  -5.702  0.25 59.15  ? 101 TFX A C3    1 
HETATM 795 C C3    B TFX B 2 .  ? -2.898  10.461  -7.829  0.25 72.26  ? 101 TFX A C3    1 
HETATM 796 C C4    A TFX B 2 .  ? -9.422  10.697  -5.704  0.25 60.47  ? 101 TFX A C4    1 
HETATM 797 C C4    B TFX B 2 .  ? -4.099  9.926   -7.788  0.25 70.96  ? 101 TFX A C4    1 
HETATM 798 C C5    A TFX B 2 .  ? -8.964  11.667  -4.620  0.25 59.47  ? 101 TFX A C5    1 
HETATM 799 C C5    B TFX B 2 .  ? -4.404  8.627   -8.531  0.25 72.48  ? 101 TFX A C5    1 
HETATM 800 C C6    A TFX B 2 .  ? -9.815  12.002  -3.671  0.25 57.28  ? 101 TFX A C6    1 
HETATM 801 C C6    B TFX B 2 .  ? -3.431  8.049   -9.212  0.25 75.14  ? 101 TFX A C6    1 
HETATM 802 C C7    A TFX B 2 .  ? -11.236 11.454  -3.671  0.25 55.75  ? 101 TFX A C7    1 
HETATM 803 C C7    B TFX B 2 .  ? -2.034  8.663   -9.264  0.25 76.66  ? 101 TFX A C7    1 
HETATM 804 C C8    A TFX B 2 .  ? -7.515  12.171  -4.701  0.25 61.17  ? 101 TFX A C8    1 
HETATM 805 C C8    B TFX B 2 .  ? -5.846  8.101   -8.402  0.25 70.77  ? 101 TFX A C8    1 
HETATM 806 C C9    A TFX B 2 .  ? -5.595  13.628  -4.535  0.25 62.39  ? 101 TFX A C9    1 
HETATM 807 C C9    B TFX B 2 .  ? -7.812  6.701   -8.576  0.25 69.56  ? 101 TFX A C9    1 
HETATM 808 C C10   A TFX B 2 .  ? -4.957  12.513  -5.086  0.25 65.03  ? 101 TFX A C10   1 
HETATM 809 C C10   B TFX B 2 .  ? -8.379  7.752   -7.853  0.25 66.93  ? 101 TFX A C10   1 
HETATM 810 C C11   A TFX B 2 .  ? -3.478  12.540  -5.367  0.25 69.61  ? 101 TFX A C11   1 
HETATM 811 C C11   B TFX B 2 .  ? -9.827  7.720   -7.452  0.25 64.50  ? 101 TFX A C11   1 
HETATM 812 C C12   A TFX B 2 .  ? -2.772  13.640  -5.087  0.25 69.22  ? 101 TFX A C12   1 
HETATM 813 C C12   B TFX B 2 .  ? -10.578 6.671   -7.792  0.25 64.89  ? 101 TFX A C12   1 
HETATM 814 C C13   A TFX B 2 .  ? -3.486  14.888  -4.473  0.25 64.27  ? 101 TFX A C13   1 
HETATM 815 C C13   B TFX B 2 .  ? -9.951  5.486   -8.602  0.25 67.85  ? 101 TFX A C13   1 
HETATM 816 C C14   A TFX B 2 .  ? -4.798  14.863  -4.222  0.25 62.07  ? 101 TFX A C14   1 
HETATM 817 C C14   B TFX B 2 .  ? -8.664  5.523   -8.960  0.25 69.98  ? 101 TFX A C14   1 
HETATM 818 C C15   A TFX B 2 .  ? -14.078 10.925  -4.147  0.25 58.88  ? 101 TFX A C15   1 
HETATM 819 C C15   B TFX B 2 .  ? -0.269  11.743  -8.231  0.25 75.61  ? 101 TFX A C15   1 
HETATM 820 C C16   A TFX B 2 .  ? -13.221 8.731   -5.017  0.25 56.83  ? 101 TFX A C16   1 
HETATM 821 C C16   B TFX B 2 .  ? 0.674   9.593   -9.126  0.25 79.88  ? 101 TFX A C16   1 
HETATM 822 C C17   A TFX B 2 .  ? -7.744  14.421  -3.807  0.25 57.69  ? 101 TFX A C17   1 
HETATM 823 C C17   B TFX B 2 .  ? -5.765  5.956   -9.571  0.25 75.63  ? 101 TFX A C17   1 
HETATM 824 C C18   A TFX B 2 .  ? -1.271  13.684  -5.366  0.25 69.73  ? 101 TFX A C18   1 
HETATM 825 C C18   B TFX B 2 .  ? -12.051 6.628   -7.390  0.25 62.48  ? 101 TFX A C18   1 
HETATM 826 K K     . K   C 3 .  ? -5.933  7.051   -2.230  1.00 77.96  ? 102 K   A K     1 
# 
loop_
_atom_site_anisotrop.id 
_atom_site_anisotrop.type_symbol 
_atom_site_anisotrop.pdbx_label_atom_id 
_atom_site_anisotrop.pdbx_label_alt_id 
_atom_site_anisotrop.pdbx_label_comp_id 
_atom_site_anisotrop.pdbx_label_asym_id 
_atom_site_anisotrop.pdbx_label_seq_id 
_atom_site_anisotrop.pdbx_PDB_ins_code 
_atom_site_anisotrop.U[1][1] 
_atom_site_anisotrop.U[2][2] 
_atom_site_anisotrop.U[3][3] 
_atom_site_anisotrop.U[1][2] 
_atom_site_anisotrop.U[1][3] 
_atom_site_anisotrop.U[2][3] 
_atom_site_anisotrop.pdbx_auth_seq_id 
_atom_site_anisotrop.pdbx_auth_comp_id 
_atom_site_anisotrop.pdbx_auth_asym_id 
_atom_site_anisotrop.pdbx_auth_atom_id 
1   P P     . G   A 1  ? 2.0036 1.7353 1.8404 0.7834 -0.5598 -0.5108 1   G   A P     
2   O OP1   . G   A 1  ? 1.9709 1.6791 1.7874 0.7645 -0.5344 -0.4824 1   G   A OP1   
3   O OP2   . G   A 1  ? 1.9241 1.6369 1.7531 0.7929 -0.5833 -0.5227 1   G   A OP2   
4   O "O5'" . G   A 1  ? 1.8593 1.6660 1.7384 0.7857 -0.5352 -0.5226 1   G   A "O5'" 
5   C "C5'" . G   A 1  ? 1.6627 1.5018 1.5577 0.7778 -0.5106 -0.5154 1   G   A "C5'" 
6   C "C4'" . G   A 1  ? 1.5754 1.4745 1.5077 0.7873 -0.5081 -0.5365 1   G   A "C4'" 
7   O "O4'" . G   A 1  ? 1.5633 1.4493 1.4957 0.8048 -0.5450 -0.5587 1   G   A "O4'" 
8   C "C3'" . G   A 1  ? 1.6460 1.5946 1.6047 0.7874 -0.4908 -0.5451 1   G   A "C3'" 
9   O "O3'" . G   A 1  ? 1.6955 1.6795 1.6680 0.7712 -0.4514 -0.5294 1   G   A "O3'" 
10  C "C2'" . G   A 1  ? 1.6394 1.6252 1.6249 0.8025 -0.5070 -0.5714 1   G   A "C2'" 
11  O "O2'" . G   A 1  ? 1.6711 1.6994 1.6795 0.7972 -0.4871 -0.5710 1   G   A "O2'" 
12  C "C1'" . G   A 1  ? 1.5577 1.4943 1.5213 0.8149 -0.5456 -0.5804 1   G   A "C1'" 
13  N N9    . G   A 1  ? 1.6481 1.5628 1.6034 0.8284 -0.5750 -0.5960 1   G   A N9    
14  C C8    . G   A 1  ? 1.6770 1.5317 1.5997 0.8307 -0.5996 -0.5913 1   G   A C8    
15  N N7    . G   A 1  ? 1.6783 1.5268 1.6010 0.8436 -0.6233 -0.6087 1   G   A N7    
16  C C5    . G   A 1  ? 1.6850 1.5923 1.6422 0.8505 -0.6141 -0.6262 1   G   A C5    
17  C C6    . G   A 1  ? 1.6849 1.6133 1.6573 0.8646 -0.6301 -0.6491 1   G   A C6    
18  O O6    . G   A 1  ? 1.7110 1.6101 1.6696 0.8747 -0.6565 -0.6593 1   G   A O6    
19  N N1    . G   A 1  ? 1.6421 1.6322 1.6488 0.8660 -0.6119 -0.6600 1   G   A N1    
20  C C2    . G   A 1  ? 1.5987 1.6262 1.6233 0.8548 -0.5823 -0.6503 1   G   A C2    
21  N N2    . G   A 1  ? 1.5761 1.6606 1.6326 0.8568 -0.5684 -0.6627 1   G   A N2    
22  N N3    . G   A 1  ? 1.5972 1.6062 1.6085 0.8419 -0.5674 -0.6295 1   G   A N3    
23  C C4    . G   A 1  ? 1.6663 1.6150 1.6439 0.8407 -0.5845 -0.6185 1   G   A C4    
24  P P     . G   A 2  ? 1.6917 1.7078 1.6788 0.7644 -0.4285 -0.5273 2   G   A P     
25  O OP1   . G   A 2  ? 1.6079 1.6566 1.6075 0.7457 -0.3883 -0.5092 2   G   A OP1   
26  O OP2   . G   A 2  ? 1.6409 1.6115 1.6024 0.7666 -0.4434 -0.5228 2   G   A OP2   
27  O "O5'" . G   A 2  ? 1.5560 1.6186 1.5736 0.7777 -0.4389 -0.5534 2   G   A "O5'" 
28  C "C5'" . G   A 2  ? 1.4469 1.5648 1.4949 0.7740 -0.4199 -0.5590 2   G   A "C5'" 
29  C "C4'" . G   A 2  ? 1.4147 1.5738 1.4879 0.7826 -0.4234 -0.5790 2   G   A "C4'" 
30  O "O4'" . G   A 2  ? 1.4349 1.5791 1.5061 0.8028 -0.4608 -0.6018 2   G   A "O4'" 
31  C "C3'" . G   A 2  ? 1.5277 1.6885 1.5995 0.7804 -0.4167 -0.5773 2   G   A "C3'" 
32  O "O3'" . G   A 2  ? 1.6483 1.8405 1.7323 0.7621 -0.3793 -0.5613 2   G   A "O3'" 
33  C "C2'" . G   A 2  ? 1.5454 1.7286 1.6340 0.7969 -0.4377 -0.6033 2   G   A "C2'" 
34  O "O2'" . G   A 2  ? 1.4940 1.7339 1.6132 0.7918 -0.4171 -0.6087 2   G   A "O2'" 
35  C "C1'" . G   A 2  ? 1.5057 1.6623 1.5852 0.8120 -0.4708 -0.6168 2   G   A "C1'" 
36  N N9    . G   A 2  ? 1.4949 1.5987 1.5479 0.8231 -0.5021 -0.6216 2   G   A N9    
37  C C8    . G   A 2  ? 1.5138 1.5623 1.5357 0.8204 -0.5134 -0.6079 2   G   A C8    
38  N N7    . G   A 2  ? 1.5557 1.5662 1.5591 0.8314 -0.5422 -0.6163 2   G   A N7    
39  C C5    . G   A 2  ? 1.5639 1.6075 1.5881 0.8425 -0.5499 -0.6372 2   G   A C5    
40  C C6    . G   A 2  ? 1.6035 1.6302 1.6215 0.8570 -0.5780 -0.6540 2   G   A C6    
41  O O6    . G   A 2  ? 1.6402 1.6173 1.6322 0.8623 -0.6023 -0.6537 2   G   A O6    
42  N N1    . G   A 2  ? 1.5975 1.6713 1.6427 0.8645 -0.5752 -0.6721 2   G   A N1    
43  C C2    . G   A 2  ? 1.5588 1.6878 1.6327 0.8580 -0.5489 -0.6729 2   G   A C2    
44  N N2    . G   A 2  ? 1.5603 1.7272 1.6563 0.8661 -0.5503 -0.6907 2   G   A N2    
45  N N3    . G   A 2  ? 1.5219 1.6669 1.6017 0.8438 -0.5227 -0.6570 2   G   A N3    
46  C C4    . G   A 2  ? 1.5268 1.6277 1.5811 0.8374 -0.5251 -0.6402 2   G   A C4    
47  P P     . C   A 3  ? 1.6584 1.8412 1.7342 0.7549 -0.3676 -0.5515 3   C   A P     
48  O OP1   . C   A 3  ? 1.6319 1.8527 1.7242 0.7349 -0.3276 -0.5357 3   C   A OP1   
49  O OP2   . C   A 3  ? 1.7454 1.8691 1.7880 0.7570 -0.3835 -0.5416 3   C   A OP2   
50  O "O5'" . C   A 3  ? 1.6285 1.8255 1.7155 0.7711 -0.3890 -0.5749 3   C   A "O5'" 
51  C "C5'" . C   A 3  ? 1.5629 1.8118 1.6785 0.7700 -0.3756 -0.5850 3   C   A "C5'" 
52  C "C4'" . C   A 3  ? 1.6005 1.8506 1.7189 0.7840 -0.3954 -0.6030 3   C   A "C4'" 
53  O "O4'" . C   A 3  ? 1.5774 1.8013 1.6864 0.8042 -0.4338 -0.6224 3   C   A "O4'" 
54  C "C3'" . C   A 3  ? 1.5848 1.8072 1.6856 0.7806 -0.3940 -0.5934 3   C   A "C3'" 
55  O "O3'" . C   A 3  ? 1.5490 1.8025 1.6624 0.7659 -0.3631 -0.5827 3   C   A "O3'" 
56  C "C2'" . C   A 3  ? 1.5988 1.8063 1.6952 0.8010 -0.4285 -0.6158 3   C   A "C2'" 
57  O "O2'" . C   A 3  ? 1.5532 1.8018 1.6721 0.8043 -0.4228 -0.6286 3   C   A "O2'" 
58  C "C1'" . C   A 3  ? 1.5602 1.7578 1.6557 0.8145 -0.4546 -0.6304 3   C   A "C1'" 
59  N N1    . C   A 3  ? 1.5376 1.6776 1.6032 0.8206 -0.4796 -0.6269 3   C   A N1    
60  C C2    . C   A 3  ? 1.5262 1.6351 1.5778 0.8359 -0.5119 -0.6410 3   C   A C2    
61  O O2    . C   A 3  ? 1.5298 1.6610 1.5945 0.8447 -0.5182 -0.6565 3   C   A O2    
62  N N3    . C   A 3  ? 1.5910 1.6448 1.6139 0.8400 -0.5349 -0.6365 3   C   A N3    
63  C C4    . C   A 3  ? 1.5867 1.6172 1.5952 0.8299 -0.5265 -0.6189 3   C   A C4    
64  N N4    . C   A 3  ? 1.5780 1.5523 1.5570 0.8333 -0.5500 -0.6141 3   C   A N4    
65  C C5    . C   A 3  ? 1.6122 1.6748 1.6352 0.8151 -0.4937 -0.6050 3   C   A C5    
66  C C6    . C   A 3  ? 1.5773 1.6942 1.6288 0.8109 -0.4714 -0.6096 3   C   A C6    
67  P P     . G   A 4  ? 1.5517 1.7802 1.6472 0.7539 -0.3480 -0.5633 4   G   A P     
68  O OP1   . G   A 4  ? 1.6316 1.9058 1.7435 0.7445 -0.3227 -0.5620 4   G   A OP1   
69  O OP2   . G   A 4  ? 1.3974 1.5864 1.4711 0.7448 -0.3433 -0.5437 4   G   A OP2   
70  O "O5'" . G   A 4  ? 1.5650 1.7653 1.6484 0.7694 -0.3767 -0.5766 4   G   A "O5'" 
71  C "C5'" . G   A 4  ? 1.5320 1.7628 1.6291 0.7807 -0.3854 -0.5966 4   G   A "C5'" 
72  C "C4'" . G   A 4  ? 1.6266 1.8255 1.7111 0.7973 -0.4179 -0.6107 4   G   A "C4'" 
73  O "O4'" . G   A 4  ? 1.6471 1.8241 1.7253 0.8108 -0.4464 -0.6229 4   G   A "O4'" 
74  C "C3'" . G   A 4  ? 1.6320 1.7831 1.6905 0.7935 -0.4225 -0.5969 4   G   A "C3'" 
75  O "O3'" . G   A 4  ? 1.6207 1.7855 1.6808 0.7875 -0.4070 -0.5924 4   G   A "O3'" 
76  C "C2'" . G   A 4  ? 1.6585 1.7780 1.7035 0.8142 -0.4635 -0.6165 4   G   A "C2'" 
77  O "O2'" . G   A 4  ? 1.6805 1.8207 1.7376 0.8247 -0.4730 -0.6338 4   G   A "O2'" 
78  C "C1'" . G   A 4  ? 1.6918 1.8216 1.7458 0.8223 -0.4761 -0.6283 4   G   A "C1'" 
79  N N9    . G   A 4  ? 1.6843 1.7701 1.7150 0.8210 -0.4878 -0.6183 4   G   A N9    
80  C C8    . G   A 4  ? 1.5615 1.6460 1.5901 0.8092 -0.4705 -0.6027 4   G   A C8    
81  N N7    . G   A 4  ? 1.5012 1.5375 1.5044 0.8113 -0.4885 -0.5966 4   G   A N7    
82  C C5    . G   A 4  ? 1.6452 1.6491 1.6329 0.8245 -0.5190 -0.6084 4   G   A C5    
83  C C6    . G   A 4  ? 1.7050 1.6512 1.6627 0.8309 -0.5484 -0.6076 4   G   A C6    
84  O O6    . G   A 4  ? 1.8512 1.7620 1.7893 0.8261 -0.5534 -0.5958 4   G   A O6    
85  N N1    . G   A 4  ? 1.7437 1.6734 1.6945 0.8435 -0.5736 -0.6220 4   G   A N1    
86  C C2    . G   A 4  ? 1.7682 1.7324 1.7378 0.8497 -0.5709 -0.6357 4   G   A C2    
87  N N2    . G   A 4  ? 1.8028 1.7429 1.7611 0.8620 -0.5982 -0.6485 4   G   A N2    
88  N N3    . G   A 4  ? 1.7539 1.7713 1.7510 0.8438 -0.5436 -0.6363 4   G   A N3    
89  C C4    . G   A 4  ? 1.7410 1.7751 1.7455 0.8310 -0.5189 -0.6222 4   G   A C4    
90  P P     . C   A 5  ? 1.6179 1.7468 1.6562 0.7727 -0.3917 -0.5676 5   C   A P     
91  O OP1   . C   A 5  ? 1.6563 1.8126 1.7026 0.7686 -0.3758 -0.5679 5   C   A OP1   
92  O OP2   . C   A 5  ? 1.3599 1.4752 1.3914 0.7579 -0.3735 -0.5468 5   C   A OP2   
93  O "O5'" . C   A 5  ? 1.4316 1.5070 1.4444 0.7851 -0.4249 -0.5730 5   C   A "O5'" 
94  C "C5'" . C   A 5  ? 1.4582 1.5323 1.4715 0.7977 -0.4438 -0.5886 5   C   A "C5'" 
95  C "C4'" . C   A 5  ? 1.5097 1.5341 1.4983 0.8119 -0.4812 -0.5974 5   C   A "C4'" 
96  O "O4'" . C   A 5  ? 1.7238 1.7426 1.7125 0.8211 -0.5000 -0.6079 5   C   A "O4'" 
97  C "C3'" . C   A 5  ? 1.5168 1.4888 1.4747 0.8033 -0.4825 -0.5779 5   C   A "C3'" 
98  O "O3'" . C   A 5  ? 1.6499 1.6101 1.5992 0.7989 -0.4769 -0.5708 5   C   A "O3'" 
99  C "C2'" . C   A 5  ? 1.6264 1.5565 1.5647 0.8171 -0.5201 -0.5887 5   C   A "C2'" 
100 O "O2'" . C   A 5  ? 1.6158 1.5329 1.5490 0.8319 -0.5478 -0.6059 5   C   A "O2'" 
101 C "C1'" . C   A 5  ? 1.7303 1.6932 1.6894 0.8239 -0.5226 -0.6023 5   C   A "C1'" 
102 N N1    . C   A 5  ? 1.5463 1.5001 1.4994 0.8132 -0.5096 -0.5868 5   C   A N1    
103 C C2    . C   A 5  ? 1.7278 1.6301 1.6537 0.8151 -0.5307 -0.5810 5   C   A C2    
104 O O2    . C   A 5  ? 1.6840 1.5485 1.5910 0.8251 -0.5603 -0.5890 5   C   A O2    
105 N N3    . C   A 5  ? 1.7935 1.6868 1.7133 0.8052 -0.5186 -0.5665 5   C   A N3    
106 C C4    . C   A 5  ? 1.7638 1.6980 1.7039 0.7940 -0.4867 -0.5580 5   C   A C4    
107 N N4    . C   A 5  ? 1.7043 1.6272 1.6369 0.7848 -0.4763 -0.5439 5   C   A N4    
108 C C5    . C   A 5  ? 1.5887 1.5760 1.5569 0.7910 -0.4643 -0.5631 5   C   A C5    
109 C C6    . C   A 5  ? 1.5541 1.5487 1.5275 0.8007 -0.4768 -0.5772 5   C   A C6    
110 P P     . G   A 6  ? 1.7061 1.6364 1.6352 0.7804 -0.4552 -0.5430 6   G   A P     
111 O OP1   . G   A 6  ? 1.8143 1.7575 1.7483 0.7737 -0.4381 -0.5373 6   G   A OP1   
112 O OP2   . G   A 6  ? 1.7070 1.6489 1.6412 0.7679 -0.4324 -0.5289 6   G   A OP2   
113 O "O5'" . G   A 6  ? 1.6944 1.5608 1.5892 0.7865 -0.4864 -0.5409 6   G   A "O5'" 
114 C "C5'" . G   A 6  ? 1.6782 1.5234 1.5634 0.8008 -0.5169 -0.5563 6   G   A "C5'" 
115 C "C4'" . G   A 6  ? 1.6261 1.4193 1.4846 0.8080 -0.5494 -0.5586 6   G   A "C4'" 
116 O "O4'" . G   A 6  ? 1.6324 1.4384 1.5006 0.8146 -0.5579 -0.5684 6   G   A "O4'" 
117 C "C3'" . G   A 6  ? 1.6259 1.3705 1.4548 0.7937 -0.5437 -0.5341 6   G   A "C3'" 
118 O "O3'" . G   A 6  ? 1.6861 1.3978 1.4948 0.7898 -0.5487 -0.5257 6   G   A "O3'" 
119 C "C2'" . G   A 6  ? 1.8030 1.5142 1.6159 0.8007 -0.5712 -0.5394 6   G   A "C2'" 
120 O "O2'" . G   A 6  ? 1.9349 1.6138 1.7323 0.8135 -0.6065 -0.5530 6   G   A "O2'" 
121 C "C1'" . G   A 6  ? 1.7689 1.5286 1.6115 0.8098 -0.5687 -0.5563 6   G   A "C1'" 
122 N N9    . G   A 6  ? 1.7258 1.5045 1.5770 0.7973 -0.5410 -0.5419 6   G   A N9    
123 C C8    . G   A 6  ? 1.7048 1.5379 1.5849 0.7915 -0.5110 -0.5414 6   G   A C8    
124 N N7    . G   A 6  ? 1.6770 1.5170 1.5591 0.7802 -0.4905 -0.5275 6   G   A N7    
125 C C5    . G   A 6  ? 1.6891 1.4748 1.5410 0.7784 -0.5078 -0.5177 6   G   A C5    
126 C C6    . G   A 6  ? 1.5558 1.3215 1.3947 0.7675 -0.4979 -0.5006 6   G   A C6    
127 O O6    . G   A 6  ? 1.5178 1.3114 1.3703 0.7579 -0.4715 -0.4913 6   G   A O6    
128 N N1    . G   A 6  ? 1.6648 1.3710 1.4708 0.7680 -0.5225 -0.4942 6   G   A N1    
129 C C2    . G   A 6  ? 1.8273 1.4988 1.6161 0.7773 -0.5524 -0.5031 6   G   A C2    
130 N N2    . G   A 6  ? 1.8754 1.4904 1.6322 0.7743 -0.5726 -0.4941 6   G   A N2    
131 N N3    . G   A 6  ? 1.8452 1.5356 1.6464 0.7880 -0.5620 -0.5195 6   G   A N3    
132 C C4    . G   A 6  ? 1.7421 1.4894 1.5746 0.7882 -0.5387 -0.5260 6   G   A C4    
133 P P     . A   A 7  ? 1.9208 1.6264 1.7216 0.7698 -0.5158 -0.4998 7   A   A P     
134 O OP1   . A   A 7  ? 1.9394 1.6250 1.7281 0.7703 -0.5230 -0.4988 7   A   A OP1   
135 O OP2   . A   A 7  ? 1.9211 1.6804 1.7505 0.7619 -0.4813 -0.4960 7   A   A OP2   
136 O "O5'" . A   A 7  ? 1.8358 1.4914 1.6068 0.7585 -0.5181 -0.4799 7   A   A "O5'" 
137 C "C5'" . A   A 7  ? 1.8315 1.4312 1.5719 0.7617 -0.5486 -0.4789 7   A   A "C5'" 
138 C "C4'" . A   A 7  ? 1.8992 1.4712 1.6243 0.7585 -0.5577 -0.4722 7   A   A "C4'" 
139 O "O4'" . A   A 7  ? 1.9107 1.5234 1.6616 0.7685 -0.5575 -0.4879 7   A   A "O4'" 
140 C "C3'" . A   A 7  ? 1.8337 1.3895 1.5452 0.7386 -0.5305 -0.4452 7   A   A "C3'" 
141 O "O3'" . A   A 7  ? 1.8364 1.3380 1.5145 0.7271 -0.5364 -0.4272 7   A   A "O3'" 
142 C "C2'" . A   A 7  ? 1.8166 1.3762 1.5316 0.7410 -0.5347 -0.4478 7   A   A "C2'" 
143 O "O2'" . A   A 7  ? 1.7920 1.3025 1.4808 0.7447 -0.5662 -0.4494 7   A   A "O2'" 
144 C "C1'" . A   A 7  ? 1.8271 1.4383 1.5753 0.7578 -0.5409 -0.4735 7   A   A "C1'" 
145 N N9    . A   A 7  ? 1.7688 1.4352 1.5465 0.7520 -0.5064 -0.4710 7   A   A N9    
146 C C8    . A   A 7  ? 1.7100 1.4244 1.5149 0.7558 -0.4923 -0.4815 7   A   A C8    
147 N N7    . A   A 7  ? 1.6123 1.3696 1.4395 0.7468 -0.4604 -0.4750 7   A   A N7    
148 C C5    . A   A 7  ? 1.6954 1.4317 1.5090 0.7373 -0.4530 -0.4597 7   A   A C5    
149 C C6    . A   A 7  ? 1.7035 1.4644 1.5282 0.7250 -0.4230 -0.4467 7   A   A C6    
150 N N6    . A   A 7  ? 1.7437 1.5579 1.5971 0.7187 -0.3934 -0.4466 7   A   A N6    
151 N N1    . A   A 7  ? 1.5379 1.2653 1.3424 0.7181 -0.4247 -0.4333 7   A   A N1    
152 C C2    . A   A 7  ? 1.5453 1.2186 1.3203 0.7223 -0.4538 -0.4322 7   A   A C2    
153 N N3    . A   A 7  ? 1.5623 1.2079 1.3243 0.7326 -0.4830 -0.4430 7   A   A N3    
154 C C4    . A   A 7  ? 1.6937 1.3738 1.4766 0.7403 -0.4811 -0.4569 7   A   A C4    
155 P P     . G   A 8  ? 1.9231 1.4190 1.5938 0.7118 -0.5111 -0.4081 8   G   A P     
156 O OP1   . G   A 8  ? 1.8709 1.3116 1.5092 0.7072 -0.5314 -0.4000 8   G   A OP1   
157 O OP2   . G   A 8  ? 1.8366 1.3849 1.5382 0.7179 -0.4950 -0.4196 8   G   A OP2   
158 O "O5'" . G   A 8  ? 2.0160 1.5108 1.6818 0.6928 -0.4791 -0.3839 8   G   A "O5'" 
159 C "C5'" . G   A 8  ? 2.0193 1.4693 1.6572 0.6826 -0.4852 -0.3683 8   G   A "C5'" 
160 C "C4'" . G   A 8  ? 1.9144 1.3825 1.5596 0.6713 -0.4566 -0.3544 8   G   A "C4'" 
161 O "O4'" . G   A 8  ? 1.9441 1.4561 1.6177 0.6846 -0.4582 -0.3728 8   G   A "O4'" 
162 C "C3'" . G   A 8  ? 1.7604 1.2551 1.4169 0.6574 -0.4181 -0.3392 8   G   A "C3'" 
163 O "O3'" . G   A 8  ? 1.7408 1.1953 1.3696 0.6386 -0.4062 -0.3146 8   G   A "O3'" 
164 C "C2'" . G   A 8  ? 1.7907 1.3250 1.4692 0.6562 -0.3970 -0.3395 8   G   A "C2'" 
165 O "O2'" . G   A 8  ? 1.9148 1.4170 1.5714 0.6440 -0.3921 -0.3217 8   G   A "O2'" 
166 C "C1'" . G   A 8  ? 1.8283 1.3839 1.5244 0.6767 -0.4230 -0.3658 8   G   A "C1'" 
167 N N9    . G   A 8  ? 1.7302 1.3377 1.4586 0.6873 -0.4175 -0.3840 8   G   A N9    
168 C C8    . G   A 8  ? 1.8427 1.4477 1.5727 0.7002 -0.4404 -0.4003 8   G   A C8    
169 N N7    . G   A 8  ? 1.8871 1.5412 1.6465 0.7072 -0.4310 -0.4144 8   G   A N7    
170 C C5    . G   A 8  ? 1.6863 1.3784 1.4652 0.6978 -0.3996 -0.4066 8   G   A C5    
171 C C6    . G   A 8  ? 1.6133 1.3652 1.4264 0.6981 -0.3774 -0.4147 8   G   A C6    
172 O O6    . G   A 8  ? 1.7466 1.5271 1.5779 0.7074 -0.3823 -0.4305 8   G   A O6    
173 N N1    . G   A 8  ? 1.5085 1.2845 1.3327 0.6853 -0.3478 -0.4021 8   G   A N1    
174 C C2    . G   A 8  ? 1.4657 1.2114 1.2700 0.6747 -0.3409 -0.3844 8   G   A C2    
175 N N2    . G   A 8  ? 1.3322 1.1093 1.1517 0.6631 -0.3107 -0.3746 8   G   A N2    
176 N N3    . G   A 8  ? 1.4394 1.1279 1.2106 0.6745 -0.3619 -0.3764 8   G   A N3    
177 C C4    . G   A 8  ? 1.5969 1.2616 1.3574 0.6859 -0.3906 -0.3881 8   G   A C4    
178 P P     . G   A 9  ? 1.6892 1.1448 1.3170 0.6300 -0.3902 -0.3057 9   G   A P     
179 O OP1   . G   A 9  ? 1.7083 1.1173 1.3103 0.6320 -0.4186 -0.3065 9   G   A OP1   
180 O OP2   . G   A 9  ? 1.6914 1.2053 1.3550 0.6386 -0.3747 -0.3200 9   G   A OP2   
181 O "O5'" . G   A 9  ? 1.5917 1.0361 1.2068 0.6067 -0.3566 -0.2774 9   G   A "O5'" 
182 C "C5'" . G   A 9  ? 1.6443 1.0355 1.2246 0.5909 -0.3601 -0.2567 9   G   A "C5'" 
183 C "C4'" . G   A 9  ? 1.5674 0.9569 1.1418 0.5758 -0.3364 -0.2384 9   G   A "C4'" 
184 O "O4'" . G   A 9  ? 1.6424 1.0481 1.2284 0.5872 -0.3462 -0.2507 9   G   A "O4'" 
185 C "C3'" . G   A 9  ? 1.5838 1.0113 1.1768 0.5654 -0.2976 -0.2282 9   G   A "C3'" 
186 O "O3'" . G   A 9  ? 1.7368 1.1449 1.3144 0.5478 -0.2803 -0.2087 9   G   A "O3'" 
187 C "C2'" . G   A 9  ? 1.5924 1.0261 1.1857 0.5596 -0.2846 -0.2205 9   G   A "C2'" 
188 O "O2'" . G   A 9  ? 1.7437 1.1314 1.3043 0.5406 -0.2802 -0.1969 9   G   A "O2'" 
189 C "C1'" . G   A 9  ? 1.6215 1.0540 1.2193 0.5783 -0.3160 -0.2407 9   G   A "C1'" 
190 N N9    . G   A 9  ? 1.5244 1.0131 1.1586 0.5939 -0.3125 -0.2615 9   G   A N9    
191 C C8    . G   A 9  ? 1.3991 0.9232 1.0586 0.6086 -0.3197 -0.2820 9   G   A C8    
192 N N7    . G   A 9  ? 1.4053 0.9770 1.0946 0.6186 -0.3146 -0.2973 9   G   A N7    
193 C C5    . G   A 9  ? 1.4893 1.0562 1.1728 0.6111 -0.3042 -0.2867 9   G   A C5    
194 C C6    . G   A 9  ? 1.4646 1.0706 1.1712 0.6157 -0.2950 -0.2948 9   G   A C6    
195 O O6    . G   A 9  ? 1.4742 1.1293 1.2124 0.6267 -0.2938 -0.3132 9   G   A O6    
196 N N1    . G   A 9  ? 1.5290 1.1119 1.2179 0.6048 -0.2864 -0.2784 9   G   A N1    
197 C C2    . G   A 9  ? 1.6278 1.1568 1.2808 0.5904 -0.2865 -0.2566 9   G   A C2    
198 N N2    . G   A 9  ? 1.6782 1.1924 1.3181 0.5809 -0.2773 -0.2430 9   G   A N2    
199 N N3    . G   A 9  ? 1.5604 1.0537 1.1921 0.5847 -0.2946 -0.2486 9   G   A N3    
200 C C4    . G   A 9  ? 1.5487 1.0636 1.1975 0.5961 -0.3031 -0.2646 9   G   A C4    
201 P P     . A   A 10 ? 1.7593 1.1978 1.3564 0.5493 -0.2660 -0.2135 10  A   A P     
202 O OP1   . A   A 10 ? 1.8210 1.2183 1.3919 0.5363 -0.2688 -0.1983 10  A   A OP1   
203 O OP2   . A   A 10 ? 1.5528 1.0240 1.1753 0.5716 -0.2845 -0.2406 10  A   A OP2   
204 O "O5'" . A   A 10 ? 1.6989 1.1783 1.3158 0.5376 -0.2262 -0.2033 10  A   A "O5'" 
205 C "C5'" . A   A 10 ? 1.5554 1.0149 1.1532 0.5160 -0.2029 -0.1783 10  A   A "C5'" 
206 C "C4'" . A   A 10 ? 1.5030 1.0013 1.1200 0.5110 -0.1752 -0.1748 10  A   A "C4'" 
207 O "O4'" . A   A 10 ? 1.6129 1.1216 1.2389 0.5250 -0.1910 -0.1890 10  A   A "O4'" 
208 C "C3'" . A   A 10 ? 1.5514 1.1080 1.2045 0.5121 -0.1508 -0.1832 10  A   A "C3'" 
209 O "O3'" . A   A 10 ? 1.6268 1.1845 1.2755 0.4938 -0.1241 -0.1654 10  A   A "O3'" 
210 C "C2'" . A   A 10 ? 1.5459 1.1400 1.2201 0.5142 -0.1377 -0.1884 10  A   A "C2'" 
211 O "O2'" . A   A 10 ? 1.5624 1.1547 1.2271 0.4950 -0.1097 -0.1674 10  A   A "O2'" 
212 C "C1'" . A   A 10 ? 1.5320 1.0955 1.1901 0.5268 -0.1686 -0.1962 10  A   A "C1'" 
213 N N9    . A   A 10 ? 1.5111 1.1060 1.1947 0.5478 -0.1883 -0.2222 10  A   A N9    
214 C C8    . A   A 10 ? 1.5844 1.1864 1.2780 0.5629 -0.2094 -0.2405 10  A   A C8    
215 N N7    . A   A 10 ? 1.6555 1.2890 1.3718 0.5793 -0.2230 -0.2618 10  A   A N7    
216 C C5    . A   A 10 ? 1.5315 1.1795 1.2536 0.5744 -0.2095 -0.2568 10  A   A C5    
217 C C6    . A   A 10 ? 1.4918 1.1732 1.2354 0.5846 -0.2134 -0.2714 10  A   A C6    
218 N N6    . A   A 10 ? 1.4916 1.1994 1.2558 0.6024 -0.2332 -0.2950 10  A   A N6    
219 N N1    . A   A 10 ? 1.5286 1.2158 1.2715 0.5752 -0.1961 -0.2605 10  A   A N1    
220 C C2    . A   A 10 ? 1.4962 1.1568 1.2174 0.5570 -0.1762 -0.2366 10  A   A C2    
221 N N3    . A   A 10 ? 1.3866 1.0150 1.0861 0.5456 -0.1706 -0.2212 10  A   A N3    
222 C C4    . A   A 10 ? 1.4282 1.0526 1.1301 0.5554 -0.1880 -0.2326 10  A   A C4    
223 P P     . A   A 11 ? 1.6308 1.1817 1.2784 0.4927 -0.1268 -0.1659 11  A   A P     
224 O OP1   . A   A 11 ? 1.6930 1.2119 1.3136 0.4713 -0.1110 -0.1409 11  A   A OP1   
225 O OP2   . A   A 11 ? 1.3982 0.9329 1.0431 0.5116 -0.1615 -0.1840 11  A   A OP2   
226 O "O5'" . A   A 11 ? 1.5223 1.1346 1.2090 0.4919 -0.1021 -0.1748 11  A   A "O5'" 
227 C "C5'" . A   A 11 ? 1.3726 0.9941 1.0627 0.4772 -0.0800 -0.1636 11  A   A "C5'" 
228 C "C4'" . A   A 11 ? 1.3466 1.0191 1.0652 0.4640 -0.0465 -0.1600 11  A   A "C4'" 
229 O "O4'" . A   A 11 ? 1.3805 1.0362 1.0785 0.4452 -0.0272 -0.1376 11  A   A "O4'" 
230 C "C3'" . A   A 11 ? 1.2655 0.9811 1.0143 0.4734 -0.0456 -0.1764 11  A   A "C3'" 
231 O "O3'" . A   A 11 ? 1.2562 1.0248 1.0344 0.4670 -0.0224 -0.1807 11  A   A "O3'" 
232 C "C2'" . A   A 11 ? 1.2334 0.9357 0.9668 0.4649 -0.0372 -0.1633 11  A   A "C2'" 
233 O "O2'" . A   A 11 ? 1.3217 1.0702 1.0841 0.4628 -0.0223 -0.1702 11  A   A "O2'" 
234 C "C1'" . A   A 11 ? 1.1163 0.8032 0.8314 0.4427 -0.0144 -0.1397 11  A   A "C1'" 
235 N N9    . A   A 11 ? 1.1404 0.7915 0.8227 0.4333 -0.0108 -0.1210 11  A   A N9    
236 C C8    . A   A 11 ? 1.2374 0.8318 0.8822 0.4368 -0.0320 -0.1131 11  A   A C8    
237 N N7    . A   A 11 ? 1.3870 0.9628 1.0084 0.4235 -0.0196 -0.0947 11  A   A N7    
238 C C5    . A   A 11 ? 1.2071 0.8306 0.8518 0.4116 0.0109  -0.0905 11  A   A C5    
239 C C6    . A   A 11 ? 1.1811 0.8134 0.8166 0.3945 0.0360  -0.0725 11  A   A C6    
240 N N6    . A   A 11 ? 1.2865 0.8759 0.8825 0.3869 0.0360  -0.0543 11  A   A N6    
241 N N1    . A   A 11 ? 1.1405 0.8284 0.8096 0.3826 0.0613  -0.0734 11  A   A N1    
242 C C2    . A   A 11 ? 1.2341 0.9646 0.9436 0.3864 0.0619  -0.0916 11  A   A C2    
243 N N3    . A   A 11 ? 1.1981 0.9239 0.9170 0.4034 0.0415  -0.1088 11  A   A N3    
244 C C4    . A   A 11 ? 1.1797 0.8509 0.8642 0.4162 0.0160  -0.1071 11  A   A C4    
245 P P     . G   A 12 ? 1.1814 0.9843 0.9830 0.4846 -0.0343 -0.2034 12  G   A P     
246 O OP1   . G   A 12 ? 1.3657 1.2111 1.1859 0.4742 -0.0094 -0.2016 12  G   A OP1   
247 O OP2   . G   A 12 ? 1.1153 0.8788 0.8990 0.4985 -0.0633 -0.2101 12  G   A OP2   
248 O "O5'" . G   A 12 ? 1.3967 1.2275 1.2179 0.4971 -0.0435 -0.2196 12  G   A "O5'" 
249 C "C5'" . G   A 12 ? 1.2849 1.1500 1.1276 0.5143 -0.0567 -0.2418 12  G   A "C5'" 
250 C "C4'" . G   A 12 ? 1.2271 1.0884 1.0729 0.5304 -0.0804 -0.2560 12  G   A "C4'" 
251 O "O4'" . G   A 12 ? 1.2084 1.0906 1.0647 0.5221 -0.0649 -0.2513 12  G   A "O4'" 
252 C "C3'" . G   A 12 ? 1.2050 1.0091 1.0234 0.5371 -0.1065 -0.2529 12  G   A "C3'" 
253 O "O3'" . G   A 12 ? 1.1185 0.9284 0.9434 0.5583 -0.1351 -0.2742 12  G   A "O3'" 
254 C "C2'" . G   A 12 ? 1.2447 1.0332 1.0497 0.5273 -0.0966 -0.2388 12  G   A "C2'" 
255 O "O2'" . G   A 12 ? 1.1176 0.8616 0.8950 0.5391 -0.1249 -0.2403 12  G   A "O2'" 
256 C "C1'" . G   A 12 ? 1.2655 1.1090 1.1044 0.5254 -0.0806 -0.2474 12  G   A "C1'" 
257 N N9    . G   A 12 ? 1.1319 0.9810 0.9704 0.5113 -0.0603 -0.2342 12  G   A N9    
258 C C8    . G   A 12 ? 1.1862 1.0068 1.0018 0.4955 -0.0456 -0.2130 12  G   A C8    
259 N N7    . G   A 12 ? 1.2063 1.0415 1.0274 0.4865 -0.0306 -0.2065 12  G   A N7    
260 C C5    . G   A 12 ? 1.1365 1.0115 0.9859 0.4970 -0.0360 -0.2245 12  G   A C5    
261 C C6    . G   A 12 ? 1.0508 0.9560 0.9177 0.4935 -0.0257 -0.2269 12  G   A C6    
262 O O6    . G   A 12 ? 0.9825 0.8849 0.8430 0.4800 -0.0092 -0.2133 12  G   A O6    
263 N N1    . G   A 12 ? 1.1268 1.0680 1.0172 0.5092 -0.0383 -0.2480 12  G   A N1    
264 C C2    . G   A 12 ? 1.2106 1.1575 1.1067 0.5260 -0.0586 -0.2649 12  G   A C2    
265 N N2    . G   A 12 ? 1.2581 1.2418 1.1759 0.5402 -0.0703 -0.2850 12  G   A N2    
266 N N3    . G   A 12 ? 1.1873 1.1059 1.0682 0.5285 -0.0677 -0.2627 12  G   A N3    
267 C C4    . G   A 12 ? 1.1243 1.0080 0.9838 0.5128 -0.0548 -0.2418 12  G   A C4    
268 P P     . G   A 13 ? 1.2061 0.9760 1.0095 0.5768 -0.1734 -0.2859 13  G   A P     
269 O OP1   . G   A 13 ? 1.4715 1.2453 1.2790 0.5761 -0.1713 -0.2877 13  G   A OP1   
270 O OP2   . G   A 13 ? 1.2592 0.9727 1.0273 0.5753 -0.1887 -0.2740 13  G   A OP2   
271 O "O5'" . G   A 13 ? 1.2869 1.0873 1.1115 0.5960 -0.1938 -0.3107 13  G   A "O5'" 
272 C "C5'" . G   A 13 ? 1.1584 1.0169 1.0171 0.5934 -0.1738 -0.3184 13  G   A "C5'" 
273 C "C4'" . G   A 13 ? 1.2189 1.0979 1.0910 0.6048 -0.1860 -0.3328 13  G   A "C4'" 
274 O "O4'" . G   A 13 ? 1.3710 1.2610 1.2471 0.5913 -0.1635 -0.3199 13  G   A "O4'" 
275 C "C3'" . G   A 13 ? 1.3086 1.1493 1.1600 0.6234 -0.2251 -0.3448 13  G   A "C3'" 
276 O "O3'" . G   A 13 ? 1.4136 1.2858 1.2861 0.6400 -0.2426 -0.3683 13  G   A "O3'" 
277 C "C2'" . G   A 13 ? 1.2463 1.0630 1.0813 0.6166 -0.2214 -0.3317 13  G   A "C2'" 
278 O "O2'" . G   A 13 ? 1.2577 1.0592 1.0858 0.6318 -0.2505 -0.3447 13  G   A "O2'" 
279 C "C1'" . G   A 13 ? 1.2576 1.1215 1.1180 0.6014 -0.1852 -0.3237 13  G   A "C1'" 
280 N N9    . G   A 13 ? 1.3027 1.1467 1.1473 0.5851 -0.1654 -0.3020 13  G   A N9    
281 C C8    . G   A 13 ? 1.3270 1.1312 1.1455 0.5728 -0.1573 -0.2824 13  G   A C8    
282 N N7    . G   A 13 ? 1.2866 1.0794 1.0939 0.5588 -0.1391 -0.2649 13  G   A N7    
283 C C5    . G   A 13 ? 1.1889 1.0168 1.0172 0.5618 -0.1345 -0.2733 13  G   A C5    
284 C C6    . G   A 13 ? 1.2145 1.0482 1.0423 0.5509 -0.1166 -0.2619 13  G   A C6    
285 O O6    . G   A 13 ? 1.3730 1.1812 1.1804 0.5363 -0.1014 -0.2418 13  G   A O6    
286 N N1    . G   A 13 ? 1.1759 1.0498 1.0294 0.5579 -0.1176 -0.2760 13  G   A N1    
287 C C2    . G   A 13 ? 1.0952 0.9988 0.9707 0.5736 -0.1342 -0.2981 13  G   A C2    
288 N N2    . G   A 13 ? 1.0855 1.0256 0.9834 0.5774 -0.1323 -0.3084 13  G   A N2    
289 N N3    . G   A 13 ? 1.1865 1.0848 1.0622 0.5841 -0.1510 -0.3091 13  G   A N3    
290 C C4    . G   A 13 ? 1.2798 1.1398 1.1315 0.5776 -0.1502 -0.2960 13  G   A C4    
291 P P     . A   A 14 ? 1.9321 1.8144 1.8131 0.6537 -0.2608 -0.3864 14  A   A P     
292 O OP1   . A   A 14 ? 1.9936 1.8540 1.8608 0.6442 -0.2513 -0.3732 14  A   A OP1   
293 O OP2   . A   A 14 ? 1.9534 1.8146 1.8250 0.6742 -0.2999 -0.4054 14  A   A OP2   
294 O "O5'" . A   A 14 ? 1.9166 1.8635 1.8315 0.6547 -0.2442 -0.3987 14  A   A "O5'" 
295 C "C5'" . A   A 14 ? 1.7187 1.6999 1.6479 0.6389 -0.2108 -0.3872 14  A   A "C5'" 
296 C "C4'" . A   A 14 ? 1.7019 1.7013 1.6427 0.6387 -0.2078 -0.3896 14  A   A "C4'" 
297 O "O4'" . A   A 14 ? 1.8985 1.8599 1.8246 0.6503 -0.2367 -0.3954 14  A   A "O4'" 
298 C "C3'" . A   A 14 ? 1.8191 1.8737 1.7883 0.6473 -0.2083 -0.4091 14  A   A "C3'" 
299 O "O3'" . A   A 14 ? 1.9129 1.9879 1.8927 0.6389 -0.1927 -0.4034 14  A   A "O3'" 
300 C "C2'" . A   A 14 ? 2.0615 2.1028 2.0290 0.6686 -0.2444 -0.4301 14  A   A "C2'" 
301 O "O2'" . A   A 14 ? 2.2641 2.3449 2.2537 0.6785 -0.2514 -0.4484 14  A   A "O2'" 
302 C "C1'" . A   A 14 ? 2.0709 2.0598 2.0148 0.6661 -0.2550 -0.4177 14  A   A "C1'" 
303 N N9    . A   A 14 ? 2.1427 2.0954 2.0687 0.6855 -0.2945 -0.4326 14  A   A N9    
304 C C8    . A   A 14 ? 2.1250 2.0354 2.0275 0.6910 -0.3155 -0.4305 14  A   A C8    
305 N N7    . A   A 14 ? 2.1629 2.0436 2.0514 0.7071 -0.3503 -0.4445 14  A   A N7    
306 C C5    . A   A 14 ? 2.1305 2.0358 2.0340 0.7138 -0.3532 -0.4576 14  A   A C5    
307 C C6    . A   A 14 ? 2.0726 1.9652 1.9716 0.7303 -0.3836 -0.4756 14  A   A C6    
308 N N6    . A   A 14 ? 2.0692 1.9198 1.9469 0.7425 -0.4176 -0.4835 14  A   A N6    
309 N N1    . A   A 14 ? 2.0956 2.0193 2.0122 0.7334 -0.3781 -0.4852 14  A   A N1    
310 C C2    . A   A 14 ? 2.0692 2.0338 2.0061 0.7206 -0.3451 -0.4772 14  A   A C2    
311 N N3    . A   A 14 ? 2.0867 2.0673 2.0296 0.7044 -0.3154 -0.4607 14  A   A N3    
312 C C4    . A   A 14 ? 2.1211 2.0705 2.0477 0.7008 -0.3193 -0.4503 14  A   A C4    
313 P P     . G   A 15 ? 1.7677 1.8900 1.7662 0.6223 -0.1587 -0.3948 15  G   A P     
314 O OP1   . G   A 15 ? 1.7320 1.8294 1.7151 0.6025 -0.1347 -0.3690 15  G   A OP1   
315 O OP2   . G   A 15 ? 1.4693 1.6261 1.4820 0.6267 -0.1573 -0.4068 15  G   A OP2   
316 O "O5'" . G   A 15 ? 1.5219 1.6735 1.5374 0.6254 -0.1595 -0.4035 15  G   A "O5'" 
317 C "C5'" . G   A 15 ? 1.2027 1.3278 1.2084 0.6241 -0.1639 -0.3961 15  G   A "C5'" 
318 C "C4'" . G   A 15 ? 1.1095 1.2634 1.1272 0.6091 -0.1382 -0.3858 15  G   A "C4'" 
319 O "O4'" . G   A 15 ? 1.0864 1.2403 1.0987 0.5884 -0.1082 -0.3647 15  G   A "O4'" 
320 C "C3'" . G   A 15 ? 1.2221 1.3519 1.2313 0.6073 -0.1415 -0.3784 15  G   A "C3'" 
321 O "O3'" . G   A 15 ? 1.3097 1.4535 1.3308 0.6225 -0.1624 -0.3969 15  G   A "O3'" 
322 C "C2'" . G   A 15 ? 1.2970 1.4472 1.3118 0.5860 -0.1080 -0.3604 15  G   A "C2'" 
323 O "O2'" . G   A 15 ? 1.4051 1.6067 1.4445 0.5860 -0.1008 -0.3710 15  G   A "O2'" 
324 C "C1'" . G   A 15 ? 1.1270 1.2785 1.1371 0.5738 -0.0894 -0.3490 15  G   A "C1'" 
325 N N9    . G   A 15 ? 1.1471 1.2520 1.1324 0.5617 -0.0799 -0.3277 15  G   A N9    
326 C C8    . G   A 15 ? 1.0929 1.1605 1.0598 0.5658 -0.0911 -0.3248 15  G   A C8    
327 N N7    . G   A 15 ? 1.1515 1.1808 1.0975 0.5527 -0.0803 -0.3047 15  G   A N7    
328 C C5    . G   A 15 ? 0.9831 1.0245 0.9336 0.5392 -0.0604 -0.2936 15  G   A C5    
329 C C6    . G   A 15 ? 1.0697 1.0823 1.0029 0.5220 -0.0431 -0.2718 15  G   A C6    
330 O O6    . G   A 15 ? 1.3516 1.3225 1.2606 0.5163 -0.0429 -0.2585 15  G   A O6    
331 N N1    . G   A 15 ? 1.0808 1.1176 1.0247 0.5116 -0.0259 -0.2665 15  G   A N1    
332 C C2    . G   A 15 ? 1.1754 1.2583 1.1438 0.5175 -0.0263 -0.2805 15  G   A C2    
333 N N2    . G   A 15 ? 1.1478 1.2471 1.1225 0.5050 -0.0088 -0.2719 15  G   A N2    
334 N N3    . G   A 15 ? 1.1764 1.2867 1.1610 0.5337 -0.0429 -0.3010 15  G   A N3    
335 C C4    . G   A 15 ? 1.0427 1.1305 1.0173 0.5442 -0.0595 -0.3070 15  G   A C4    
336 P P     . G   A 16 ? 1.4140 1.5168 1.4177 0.6326 -0.1860 -0.3983 16  G   A P     
337 O OP1   . G   A 16 ? 1.3644 1.4920 1.3852 0.6485 -0.2062 -0.4201 16  G   A OP1   
338 O OP2   . G   A 16 ? 1.4360 1.4885 1.4114 0.6409 -0.2069 -0.3968 16  G   A OP2   
339 O "O5'" . G   A 16 ? 1.3861 1.4822 1.3825 0.6152 -0.1617 -0.3773 16  G   A "O5'" 
340 C "C5'" . G   A 16 ? 1.2574 1.3906 1.2746 0.6076 -0.1458 -0.3769 16  G   A "C5'" 
341 C "C4'" . G   A 16 ? 1.1456 1.2616 1.1493 0.5946 -0.1296 -0.3583 16  G   A "C4'" 
342 O "O4'" . G   A 16 ? 1.1537 1.2642 1.1517 0.5726 -0.0991 -0.3364 16  G   A "O4'" 
343 C "C3'" . G   A 16 ? 1.2712 1.3341 1.2431 0.6060 -0.1541 -0.3565 16  G   A "C3'" 
344 O "O3'" . G   A 16 ? 1.3686 1.4316 1.3429 0.6225 -0.1793 -0.3725 16  G   A "O3'" 
345 C "C2'" . G   A 16 ? 1.3896 1.4384 1.3482 0.5858 -0.1263 -0.3320 16  G   A "C2'" 
346 O "O2'" . G   A 16 ? 1.4875 1.5645 1.4610 0.5790 -0.1126 -0.3300 16  G   A "O2'" 
347 C "C1'" . G   A 16 ? 1.2361 1.3073 1.2072 0.5668 -0.0959 -0.3203 16  G   A "C1'" 
348 N N9    . G   A 16 ? 1.2194 1.2494 1.1654 0.5647 -0.0987 -0.3100 16  G   A N9    
349 C C8    . G   A 16 ? 1.1666 1.1858 1.1094 0.5763 -0.1170 -0.3205 16  G   A C8    
350 N N7    . G   A 16 ? 1.0898 1.0702 1.0083 0.5717 -0.1166 -0.3080 16  G   A N7    
351 C C5    . G   A 16 ? 1.0969 1.0601 1.0005 0.5560 -0.0969 -0.2879 16  G   A C5    
352 C C6    . G   A 16 ? 1.1108 1.0316 0.9852 0.5446 -0.0881 -0.2678 16  G   A C6    
353 O O6    . G   A 16 ? 1.0500 0.9400 0.9066 0.5459 -0.0961 -0.2637 16  G   A O6    
354 N N1    . G   A 16 ? 1.0101 0.9262 0.8761 0.5300 -0.0679 -0.2513 16  G   A N1    
355 C C2    . G   A 16 ? 0.9949 0.9431 0.8790 0.5266 -0.0575 -0.2538 16  G   A C2    
356 N N2    . G   A 16 ? 0.9771 0.9138 0.8478 0.5111 -0.0380 -0.2355 16  G   A N2    
357 N N3    . G   A 16 ? 0.9962 0.9839 0.9081 0.5369 -0.0658 -0.2722 16  G   A N3    
358 C C4    . G   A 16 ? 1.0727 1.0659 0.9927 0.5515 -0.0856 -0.2888 16  G   A C4    
359 P P     . U   A 17 ? 1.5216 1.5333 1.4697 0.6434 -0.2215 -0.3839 17  U   A P     
360 O OP1   . U   A 17 ? 1.5319 1.5489 1.4857 0.6561 -0.2416 -0.3978 17  U   A OP1   
361 O OP2   . U   A 17 ? 1.3960 1.4037 1.3448 0.6530 -0.2369 -0.3954 17  U   A OP2   
362 O "O5'" . U   A 17 ? 1.3009 1.2573 1.2130 0.6340 -0.2175 -0.3615 17  U   A "O5'" 
363 C "C5'" . U   A 17 ? 1.2808 1.2235 1.1818 0.6280 -0.2111 -0.3503 17  U   A "C5'" 
364 C "C4'" . U   A 17 ? 1.2849 1.1870 1.1565 0.6126 -0.1947 -0.3251 17  U   A "C4'" 
365 O "O4'" . U   A 17 ? 1.2778 1.2020 1.1599 0.5975 -0.1657 -0.3150 17  U   A "O4'" 
366 C "C3'" . U   A 17 ? 1.3870 1.2226 1.2210 0.6188 -0.2214 -0.3200 17  U   A "C3'" 
367 O "O3'" . U   A 17 ? 1.4653 1.2619 1.2778 0.6266 -0.2461 -0.3209 17  U   A "O3'" 
368 C "C2'" . U   A 17 ? 1.4262 1.2420 1.2423 0.5996 -0.1946 -0.2958 17  U   A "C2'" 
369 O "O2'" . U   A 17 ? 1.3939 1.1999 1.1976 0.5865 -0.1750 -0.2779 17  U   A "O2'" 
370 C "C1'" . U   A 17 ? 1.3502 1.2251 1.2009 0.5915 -0.1669 -0.2994 17  U   A "C1'" 
371 N N1    . U   A 17 ? 1.2755 1.1495 1.1298 0.5991 -0.1794 -0.3095 17  U   A N1    
372 C C2    . U   A 17 ? 1.1458 0.9914 0.9812 0.5889 -0.1702 -0.2946 17  U   A C2    
373 O O2    . U   A 17 ? 1.1981 1.0205 1.0142 0.5738 -0.1518 -0.2736 17  U   A O2    
374 N N3    . U   A 17 ? 1.1612 1.0072 1.0006 0.5967 -0.1826 -0.3047 17  U   A N3    
375 C C4    . U   A 17 ? 1.3132 1.1838 1.1725 0.6136 -0.2036 -0.3281 17  U   A C4    
376 O O4    . U   A 17 ? 1.4814 1.3485 1.3409 0.6193 -0.2135 -0.3352 17  U   A O4    
377 C C5    . U   A 17 ? 1.3995 1.2980 1.2769 0.6231 -0.2122 -0.3426 17  U   A C5    
378 C C6    . U   A 17 ? 1.3779 1.2773 1.2527 0.6157 -0.2002 -0.3329 17  U   A C6    
379 P P     . C   A 18 ? 1.5105 1.2808 1.3154 0.6470 -0.2903 -0.3410 18  C   A P     
380 O OP1   . C   A 18 ? 1.7801 1.5503 1.5875 0.6559 -0.3066 -0.3501 18  C   A OP1   
381 O OP2   . C   A 18 ? 1.5224 1.3264 1.3508 0.6561 -0.2951 -0.3586 18  C   A OP2   
382 O "O5'" . C   A 18 ? 1.3309 1.0289 1.0923 0.6416 -0.3059 -0.3249 18  C   A "O5'" 
383 C "C5'" . C   A 18 ? 1.3266 0.9854 1.0588 0.6266 -0.2940 -0.3009 18  C   A "C5'" 
384 C "C4'" . C   A 18 ? 1.3605 0.9570 1.0550 0.6196 -0.3073 -0.2867 18  C   A "C4'" 
385 O "O4'" . C   A 18 ? 1.4512 1.0610 1.1518 0.6130 -0.2894 -0.2818 18  C   A "O4'" 
386 C "C3'" . C   A 18 ? 1.5625 1.1246 1.2439 0.6336 -0.3489 -0.3013 18  C   A "C3'" 
387 O "O3'" . C   A 18 ? 1.7037 1.1998 1.3441 0.6231 -0.3627 -0.2839 18  C   A "O3'" 
388 C "C2'" . C   A 18 ? 1.5296 1.1107 1.2252 0.6401 -0.3514 -0.3126 18  C   A "C2'" 
389 O "O2'" . C   A 18 ? 1.6747 1.2131 1.3490 0.6461 -0.3824 -0.3174 18  C   A "O2'" 
390 C "C1'" . C   A 18 ? 1.5314 1.1179 1.2234 0.6222 -0.3163 -0.2920 18  C   A "C1'" 
391 N N1    . C   A 18 ? 1.6454 1.2744 1.3638 0.6258 -0.3040 -0.3020 18  C   A N1    
392 C C2    . C   A 18 ? 1.5527 1.1640 1.2584 0.6160 -0.2938 -0.2899 18  C   A C2    
393 O O2    . C   A 18 ? 1.5416 1.1035 1.2144 0.6032 -0.2931 -0.2700 18  C   A O2    
394 N N3    . C   A 18 ? 1.6630 1.3122 1.3926 0.6195 -0.2843 -0.2997 18  C   A N3    
395 C C4    . C   A 18 ? 1.6207 1.3230 1.3850 0.6312 -0.2843 -0.3202 18  C   A C4    
396 N N4    . C   A 18 ? 1.4912 1.2282 1.2769 0.6324 -0.2739 -0.3278 18  C   A N4    
397 C C5    . C   A 18 ? 1.5398 1.2616 1.3177 0.6409 -0.2946 -0.3330 18  C   A C5    
398 C C6    . C   A 18 ? 1.6133 1.2976 1.3680 0.6384 -0.3045 -0.3237 18  C   A C6    
399 P P     . U   A 19 ? 1.7967 1.2586 1.4107 0.6073 -0.3524 -0.2612 19  U   A P     
400 O OP1   . U   A 19 ? 1.8184 1.3158 1.4538 0.6142 -0.3462 -0.2698 19  U   A OP1   
401 O OP2   . U   A 19 ? 1.9923 1.3911 1.5699 0.6024 -0.3801 -0.2536 19  U   A OP2   
402 O "O5'" . U   A 19 ? 1.5229 0.9850 1.1282 0.5872 -0.3154 -0.2372 19  U   A "O5'" 
403 C "C5'" . U   A 19 ? 1.4452 0.8674 1.0188 0.5667 -0.3016 -0.2107 19  U   A "C5'" 
404 C "C4'" . U   A 19 ? 1.4875 0.9426 1.0725 0.5552 -0.2616 -0.1976 19  U   A "C4'" 
405 O "O4'" . U   A 19 ? 1.4422 0.8852 1.0146 0.5396 -0.2417 -0.1807 19  U   A "O4'" 
406 C "C3'" . U   A 19 ? 1.4832 0.9221 1.0508 0.5426 -0.2480 -0.1802 19  U   A "C3'" 
407 O "O3'" . U   A 19 ? 1.5667 1.0613 1.1641 0.5449 -0.2204 -0.1845 19  U   A "O3'" 
408 C "C2'" . U   A 19 ? 1.6188 1.0168 1.1528 0.5182 -0.2306 -0.1518 19  U   A "C2'" 
409 O "O2'" . U   A 19 ? 1.8155 1.2113 1.3371 0.5016 -0.2029 -0.1314 19  U   A "O2'" 
410 C "C1'" . U   A 19 ? 1.4846 0.9098 1.0354 0.5188 -0.2159 -0.1553 19  U   A "C1'" 
411 N N1    . U   A 19 ? 1.5002 0.8866 1.0231 0.5006 -0.2101 -0.1356 19  U   A N1    
412 C C2    . U   A 19 ? 1.6134 1.0051 1.1284 0.4815 -0.1757 -0.1150 19  U   A C2    
413 O O2    . U   A 19 ? 1.7718 1.1973 1.3004 0.4793 -0.1501 -0.1121 19  U   A O2    
414 N N3    . U   A 19 ? 1.5764 0.9343 1.0673 0.4640 -0.1718 -0.0981 19  U   A N3    
415 C C4    . U   A 19 ? 1.6243 0.9460 1.0998 0.4635 -0.1976 -0.0997 19  U   A C4    
416 O O4    . U   A 19 ? 1.7562 1.0545 1.2134 0.4454 -0.1893 -0.0835 19  U   A O4    
417 C C5    . U   A 19 ? 1.5684 0.8857 1.0520 0.4843 -0.2323 -0.1213 19  U   A C5    
418 C C6    . U   A 19 ? 1.5612 0.9100 1.0675 0.5018 -0.2375 -0.1383 19  U   A C6    
419 P P     . G   A 20 ? 1.5461 1.0435 1.1388 0.5396 -0.2082 -0.1757 20  G   A P     
420 O OP1   . G   A 20 ? 1.5856 1.0308 1.1502 0.5401 -0.2382 -0.1727 20  G   A OP1   
421 O OP2   . G   A 20 ? 1.6336 1.1365 1.2168 0.5197 -0.1695 -0.1529 20  G   A OP2   
422 O "O5'" . G   A 20 ? 1.4938 1.0587 1.1322 0.5570 -0.2058 -0.2006 20  G   A "O5'" 
423 C "C5'" . G   A 20 ? 1.2818 0.8628 0.9411 0.5774 -0.2359 -0.2267 20  G   A "C5'" 
424 C "C4'" . G   A 20 ? 1.5500 1.1867 1.2459 0.5842 -0.2251 -0.2427 20  G   A "C4'" 
425 O "O4'" . G   A 20 ? 1.5648 1.1747 1.2453 0.5798 -0.2288 -0.2366 20  G   A "O4'" 
426 C "C3'" . G   A 20 ? 1.4551 1.1465 1.1766 0.5728 -0.1841 -0.2365 20  G   A "C3'" 
427 O "O3'" . G   A 20 ? 1.5089 1.2505 1.2614 0.5784 -0.1773 -0.2492 20  G   A "O3'" 
428 C "C2'" . G   A 20 ? 1.4531 1.1712 1.1935 0.5731 -0.1768 -0.2436 20  G   A "C2'" 
429 O "O2'" . G   A 20 ? 1.3687 1.1275 1.1416 0.5898 -0.1932 -0.2695 20  G   A "O2'" 
430 C "C1'" . G   A 20 ? 1.4171 1.0721 1.1219 0.5735 -0.1998 -0.2360 20  G   A "C1'" 
431 N N9    . G   A 20 ? 1.3083 0.9325 0.9863 0.5538 -0.1777 -0.2104 20  G   A N9    
432 C C8    . G   A 20 ? 1.3089 0.9243 0.9709 0.5362 -0.1502 -0.1883 20  G   A C8    
433 N N7    . G   A 20 ? 1.3657 0.9504 1.0032 0.5210 -0.1375 -0.1687 20  G   A N7    
434 C C5    . G   A 20 ? 1.3125 0.8853 0.9507 0.5292 -0.1580 -0.1789 20  G   A C5    
435 C C6    . G   A 20 ? 1.2940 0.8364 0.9126 0.5200 -0.1571 -0.1674 20  G   A C6    
436 O O6    . G   A 20 ? 1.3543 0.8739 0.9501 0.5010 -0.1368 -0.1448 20  G   A O6    
437 N N1    . G   A 20 ? 1.2349 0.7763 0.8626 0.5342 -0.1825 -0.1848 20  G   A N1    
438 C C2    . G   A 20 ? 1.2539 0.8201 0.9052 0.5546 -0.2058 -0.2100 20  G   A C2    
439 N N2    . G   A 20 ? 1.2816 0.8425 0.9368 0.5665 -0.2293 -0.2247 20  G   A N2    
440 N N3    . G   A 20 ? 1.2470 0.8420 0.9167 0.5627 -0.2067 -0.2207 20  G   A N3    
441 C C4    . G   A 20 ? 1.2951 0.8916 0.9574 0.5494 -0.1825 -0.2043 20  G   A C4    
442 P P     . A   A 21 ? 1.4058 1.2012 1.1821 0.5622 -0.1341 -0.2399 21  A   A P     
443 O OP1   . A   A 21 ? 1.4428 1.2874 1.2521 0.5709 -0.1365 -0.2575 21  A   A OP1   
444 O OP2   . A   A 21 ? 1.1001 0.8601 0.8440 0.5438 -0.1122 -0.2125 21  A   A OP2   
445 O "O5'" . A   A 21 ? 1.5064 1.3420 1.3083 0.5557 -0.1154 -0.2436 21  A   A "O5'" 
446 C "C5'" . A   A 21 ? 1.4861 1.3663 1.3226 0.5673 -0.1251 -0.2663 21  A   A "C5'" 
447 C "C4'" . A   A 21 ? 1.2543 1.1674 1.1103 0.5549 -0.1007 -0.2630 21  A   A "C4'" 
448 O "O4'" . A   A 21 ? 1.1276 0.9934 0.9537 0.5512 -0.1043 -0.2505 21  A   A "O4'" 
449 C "C3'" . A   A 21 ? 1.2175 1.1697 1.0910 0.5309 -0.0594 -0.2482 21  A   A "C3'" 
450 O "O3'" . A   A 21 ? 1.2981 1.3020 1.2068 0.5229 -0.0426 -0.2553 21  A   A "O3'" 
451 C "C2'" . A   A 21 ? 1.1665 1.0773 1.0079 0.5161 -0.0446 -0.2249 21  A   A "C2'" 
452 O "O2'" . A   A 21 ? 1.1684 1.1111 1.0253 0.4912 -0.0078 -0.2112 21  A   A "O2'" 
453 C "C1'" . A   A 21 ? 1.0201 0.8968 0.8461 0.5287 -0.0689 -0.2311 21  A   A "C1'" 
454 N N9    . A   A 21 ? 1.0357 0.8540 0.8210 0.5217 -0.0699 -0.2118 21  A   A N9    
455 C C8    . A   A 21 ? 1.1687 0.9654 0.9303 0.5051 -0.0492 -0.1892 21  A   A C8    
456 N N7    . A   A 21 ? 1.2045 0.9495 0.9302 0.4989 -0.0519 -0.1729 21  A   A N7    
457 C C5    . A   A 21 ? 1.2743 1.0074 1.0019 0.5115 -0.0751 -0.1856 21  A   A C5    
458 C C6    . A   A 21 ? 1.2904 0.9753 0.9895 0.5105 -0.0883 -0.1775 21  A   A C6    
459 N N6    . A   A 21 ? 1.4942 1.1325 1.1561 0.4952 -0.0792 -0.1535 21  A   A N6    
460 N N1    . A   A 21 ? 1.1860 0.8723 0.8955 0.5247 -0.1112 -0.1944 21  A   A N1    
461 C C2    . A   A 21 ? 1.1173 0.8497 0.8616 0.5390 -0.1200 -0.2176 21  A   A C2    
462 N N3    . A   A 21 ? 1.0900 0.8696 0.8630 0.5407 -0.1093 -0.2268 21  A   A N3    
463 C C4    . A   A 21 ? 1.2737 1.0520 1.0375 0.5261 -0.0864 -0.2098 21  A   A C4    
464 P P     . G   A 22 ? 1.2104 1.2703 1.1525 0.5022 -0.0101 -0.2508 22  G   A P     
465 O OP1   . G   A 22 ? 1.0208 1.1252 0.9964 0.5094 -0.0157 -0.2693 22  G   A OP1   
466 O OP2   . G   A 22 ? 1.2589 1.3108 1.1903 0.4989 -0.0057 -0.2430 22  G   A OP2   
467 O "O5'" . G   A 22 ? 1.0230 1.0861 0.9657 0.4744 0.0229  -0.2306 22  G   A "O5'" 
468 C "C5'" . G   A 22 ? 0.9182 1.0064 0.8751 0.4468 0.0550  -0.2162 22  G   A "C5'" 
469 C "C4'" . G   A 22 ? 1.0588 1.1435 1.0093 0.4251 0.0773  -0.2001 22  G   A "C4'" 
470 O "O4'" . G   A 22 ? 1.0377 1.1364 0.9973 0.4338 0.0708  -0.2100 22  G   A "O4'" 
471 C "C3'" . G   A 22 ? 1.1766 1.2094 1.0905 0.4226 0.0752  -0.1849 22  G   A "C3'" 
472 O "O3'" . G   A 22 ? 1.2435 1.2662 1.1418 0.4073 0.0900  -0.1687 22  G   A "O3'" 
473 C "C2'" . G   A 22 ? 1.0236 1.0583 0.9396 0.4092 0.0875  -0.1781 22  G   A "C2'" 
474 O "O2'" . G   A 22 ? 1.1362 1.1926 1.0532 0.3844 0.1141  -0.1626 22  G   A "O2'" 
475 C "C1'" . G   A 22 ? 0.8668 0.9394 0.8083 0.4235 0.0788  -0.1971 22  G   A "C1'" 
476 N N9    . G   A 22 ? 0.9391 0.9905 0.8751 0.4418 0.0570  -0.2080 22  G   A N9    
477 C C8    . G   A 22 ? 0.9893 1.0629 0.9427 0.4617 0.0380  -0.2287 22  G   A C8    
478 N N7    . G   A 22 ? 0.9466 0.9978 0.8916 0.4745 0.0202  -0.2355 22  G   A N7    
479 C C5    . G   A 22 ? 0.9042 0.9161 0.8247 0.4625 0.0285  -0.2178 22  G   A C5    
480 C C6    . G   A 22 ? 1.0148 0.9892 0.9121 0.4718 0.0135  -0.2168 22  G   A C6    
481 O O6    . G   A 22 ? 0.9695 0.9393 0.8683 0.4894 -0.0084 -0.2312 22  G   A O6    
482 N N1    . G   A 22 ? 0.8857 0.8270 0.7558 0.4572 0.0261  -0.1962 22  G   A N1    
483 C C2    . G   A 22 ? 0.9666 0.9116 0.8323 0.4370 0.0491  -0.1797 22  G   A C2    
484 N N2    . G   A 22 ? 1.1823 1.0911 1.0167 0.4255 0.0573  -0.1601 22  G   A N2    
485 N N3    . G   A 22 ? 0.8289 0.8090 0.7172 0.4276 0.0626  -0.1814 22  G   A N3    
486 C C4    . G   A 22 ? 0.9017 0.9136 0.8164 0.4419 0.0513  -0.2007 22  G   A C4    
487 P P     . G   A 23 ? 1.3109 1.2771 1.1617 0.4245 0.0718  -0.1605 23  G   A P     
488 O OP1   . G   A 23 ? 1.4035 1.3714 1.2444 0.4034 0.0940  -0.1421 23  G   A OP1   
489 O OP2   . G   A 23 ? 0.8722 0.8297 0.7233 0.4546 0.0396  -0.1808 23  G   A OP2   
490 O "O5'" . G   A 23 ? 1.3963 1.3156 1.2131 0.4248 0.0674  -0.1482 23  G   A "O5'" 
491 C "C5'" . G   A 23 ? 1.4669 1.3242 1.2329 0.4287 0.0597  -0.1307 23  G   A "C5'" 
492 C "C4'" . G   A 23 ? 1.3411 1.1643 1.0803 0.4198 0.0649  -0.1148 23  G   A "C4'" 
493 O "O4'" . G   A 23 ? 1.2909 1.1371 1.0572 0.4253 0.0582  -0.1304 23  G   A "O4'" 
494 C "C3'" . G   A 23 ? 1.4333 1.1786 1.1185 0.4312 0.0427  -0.1036 23  G   A "C3'" 
495 O "O3'" . G   A 23 ? 1.3465 1.0604 0.9977 0.4123 0.0612  -0.0770 23  G   A "O3'" 
496 C "C2'" . G   A 23 ? 1.3695 1.1062 1.0645 0.4507 0.0136  -0.1235 23  G   A "C2'" 
497 O "O2'" . G   A 23 ? 1.3179 0.9899 0.9725 0.4545 -0.0066 -0.1144 23  G   A "O2'" 
498 C "C1'" . G   A 23 ? 1.2306 1.0232 0.9655 0.4406 0.0332  -0.1306 23  G   A "C1'" 
499 N N9    . G   A 23 ? 1.0906 0.9044 0.8530 0.4585 0.0127  -0.1549 23  G   A N9    
500 C C8    . G   A 23 ? 1.0989 0.9562 0.8971 0.4701 0.0049  -0.1762 23  G   A C8    
501 N N7    . G   A 23 ? 1.1259 0.9899 0.9374 0.4851 -0.0144 -0.1935 23  G   A N7    
502 C C5    . G   A 23 ? 0.9726 0.7959 0.7577 0.4831 -0.0194 -0.1834 23  G   A C5    
503 C C6    . G   A 23 ? 0.9977 0.8083 0.7818 0.4944 -0.0382 -0.1933 23  G   A C6    
504 O O6    . G   A 23 ? 1.1173 0.9506 0.9232 0.5094 -0.0547 -0.2137 23  G   A O6    
505 N N1    . G   A 23 ? 1.0064 0.7724 0.7588 0.4860 -0.0367 -0.1766 23  G   A N1    
506 C C2    . G   A 23 ? 1.1334 0.8702 0.8567 0.4690 -0.0194 -0.1527 23  G   A C2    
507 N N2    . G   A 23 ? 1.1635 0.8586 0.8576 0.4623 -0.0214 -0.1387 23  G   A N2    
508 N N3    . G   A 23 ? 0.9708 0.7189 0.6929 0.4587 -0.0017 -0.1428 23  G   A N3    
509 C C4    . G   A 23 ? 1.0424 0.8347 0.7973 0.4665 -0.0028 -0.1596 23  G   A C4    
510 P P     . A   A 24 ? 1.5385 1.2777 1.1894 0.3852 0.0978  -0.0542 24  A   A P     
511 O OP1   . A   A 24 ? 1.4384 1.2358 1.1318 0.3665 0.1176  -0.0571 24  A   A OP1   
512 O OP2   . A   A 24 ? 1.4889 1.2394 1.1452 0.3899 0.0970  -0.0585 24  A   A OP2   
513 O "O5'" . A   A 24 ? 1.6596 1.3304 1.2482 0.3722 0.1069  -0.0208 24  A   A "O5'" 
514 C "C5'" . A   A 24 ? 1.4769 1.1116 1.0398 0.3681 0.1038  -0.0108 24  A   A "C5'" 
515 C "C4'" . A   A 24 ? 1.3941 1.0667 0.9788 0.3484 0.1283  -0.0002 24  A   A "C4'" 
516 O "O4'" . A   A 24 ? 1.2952 1.0151 0.9091 0.3254 0.1533  0.0112  24  A   A "O4'" 
517 C "C3'" . A   A 24 ? 1.3359 1.0552 0.9678 0.3563 0.1197  -0.0259 24  A   A "C3'" 
518 O "O3'" . A   A 24 ? 1.3151 0.9946 0.9268 0.3703 0.0986  -0.0320 24  A   A "O3'" 
519 C "C2'" . A   A 24 ? 1.3708 1.1322 1.0290 0.3281 0.1453  -0.0127 24  A   A "C2'" 
520 O "O2'" . A   A 24 ? 1.4103 1.1324 1.0353 0.3199 0.1507  0.0084  24  A   A "O2'" 
521 C "C1'" . A   A 24 ? 1.4729 1.2393 1.1272 0.3085 0.1629  0.0078  24  A   A "C1'" 
522 N N9    . A   A 24 ? 1.5089 1.3476 1.2224 0.2916 0.1703  -0.0078 24  A   A N9    
523 C C8    . A   A 24 ? 1.4732 1.3507 1.2187 0.3000 0.1650  -0.0316 24  A   A C8    
524 N N7    . A   A 24 ? 1.3796 1.3054 1.1536 0.2879 0.1781  -0.0320 24  A   A N7    
525 C C5    . A   A 24 ? 1.3573 1.2746 1.1215 0.2706 0.1903  -0.0082 24  A   A C5    
526 C C6    . A   A 24 ? 1.3105 1.2568 1.0945 0.2531 0.2030  0.0024  24  A   A C6    
527 N N6    . A   A 24 ? 1.3222 1.3156 1.1370 0.2488 0.2072  -0.0103 24  A   A N6    
528 N N1    . A   A 24 ? 1.2246 1.1453 0.9965 0.2406 0.2098  0.0261  24  A   A N1    
529 C C2    . A   A 24 ? 1.1228 0.9927 0.8627 0.2445 0.2062  0.0397  24  A   A C2    
530 N N3    . A   A 24 ? 1.1113 0.9500 0.8249 0.2591 0.1953  0.0327  24  A   A N3    
531 C C4    . A   A 24 ? 1.3288 1.1938 1.0577 0.2723 0.1865  0.0072  24  A   A C4    
532 P P     . G   A 25 ? 1.3691 1.0888 1.0250 0.3810 0.0876  -0.0580 25  G   A P     
533 O OP1   . G   A 25 ? 1.5448 1.2215 1.1843 0.4035 0.0538  -0.0715 25  G   A OP1   
534 O OP2   . G   A 25 ? 1.4534 1.2414 1.1620 0.3776 0.0975  -0.0753 25  G   A OP2   
535 O "O5'" . G   A 25 ? 1.4330 1.1574 1.0851 0.3607 0.1073  -0.0408 25  G   A "O5'" 
536 C "C5'" . G   A 25 ? 1.3466 1.0133 0.9529 0.3593 0.1021  -0.0240 25  G   A "C5'" 
537 C "C4'" . G   A 25 ? 1.4000 1.0699 1.0226 0.3712 0.0852  -0.0418 25  G   A "C4'" 
538 O "O4'" . G   A 25 ? 1.3857 1.1208 1.0652 0.3750 0.0876  -0.0654 25  G   A "O4'" 
539 C "C3'" . G   A 25 ? 1.3713 0.9981 0.9783 0.3927 0.0502  -0.0559 25  G   A "C3'" 
540 O "O3'" . G   A 25 ? 1.3003 0.8655 0.8597 0.3843 0.0434  -0.0372 25  G   A "O3'" 
541 C "C2'" . G   A 25 ? 1.5761 1.2361 1.2213 0.4056 0.0387  -0.0796 25  G   A "C2'" 
542 O "O2'" . G   A 25 ? 1.6725 1.3138 1.3044 0.3989 0.0400  -0.0714 25  G   A "O2'" 
543 C "C1'" . G   A 25 ? 1.3815 1.1122 1.0735 0.3951 0.0634  -0.0869 25  G   A "C1'" 
544 N N9    . G   A 25 ? 1.0918 0.8608 0.8208 0.4099 0.0532  -0.1113 25  G   A N9    
545 C C8    . G   A 25 ? 1.0465 0.8429 0.7913 0.4075 0.0613  -0.1145 25  G   A C8    
546 N N7    . G   A 25 ? 1.1019 0.9293 0.8780 0.4225 0.0491  -0.1372 25  G   A N7    
547 C C5    . G   A 25 ? 1.0277 0.8476 0.8077 0.4355 0.0320  -0.1491 25  G   A C5    
548 C C6    . G   A 25 ? 1.0565 0.8992 0.8618 0.4540 0.0137  -0.1723 25  G   A C6    
549 O O6    . G   A 25 ? 0.9587 0.8331 0.7878 0.4627 0.0092  -0.1869 25  G   A O6    
550 N N1    . G   A 25 ? 0.9983 0.8229 0.7968 0.4620 0.0002  -0.1769 25  G   A N1    
551 C C2    . G   A 25 ? 0.9474 0.7368 0.7197 0.4526 0.0041  -0.1611 25  G   A C2    
552 N N2    . G   A 25 ? 1.1183 0.8950 0.8884 0.4624 -0.0114 -0.1690 25  G   A N2    
553 N N3    . G   A 25 ? 0.9272 0.6943 0.6746 0.4353 0.0210  -0.1388 25  G   A N3    
554 C C4    . G   A 25 ? 0.9685 0.7532 0.7213 0.4278 0.0343  -0.1340 25  G   A C4    
555 P P     . G   A 26 ? 1.4014 0.9121 0.9376 0.3954 0.0069  -0.0434 26  G   A P     
556 O OP1   . G   A 26 ? 1.6039 1.0644 1.0975 0.3746 0.0096  -0.0204 26  G   A OP1   
557 O OP2   . G   A 26 ? 1.6862 1.2028 1.2313 0.4080 -0.0050 -0.0544 26  G   A OP2   
558 O "O5'" . G   A 26 ? 1.4129 0.9329 0.9732 0.4131 -0.0164 -0.0654 26  G   A "O5'" 
559 C "C5'" . G   A 26 ? 1.3928 0.8954 0.9426 0.4060 -0.0172 -0.0592 26  G   A "C5'" 
560 C "C4'" . G   A 26 ? 1.3401 0.8575 0.9159 0.4253 -0.0391 -0.0825 26  G   A "C4'" 
561 O "O4'" . G   A 26 ? 1.3891 0.9685 1.0087 0.4347 -0.0273 -0.1003 26  G   A "O4'" 
562 C "C3'" . G   A 26 ? 1.3042 0.7943 0.8749 0.4426 -0.0754 -0.0972 26  G   A "C3'" 
563 O "O3'" . G   A 26 ? 1.3700 0.8066 0.9088 0.4353 -0.0938 -0.0870 26  G   A "O3'" 
564 C "C2'" . G   A 26 ? 1.3163 0.8461 0.9232 0.4626 -0.0865 -0.1230 26  G   A "C2'" 
565 O "O2'" . G   A 26 ? 1.4821 0.9993 1.0855 0.4628 -0.0942 -0.1242 26  G   A "O2'" 
566 C "C1'" . G   A 26 ? 1.3659 0.9554 1.0056 0.4565 -0.0541 -0.1245 26  G   A "C1'" 
567 N N9    . G   A 26 ? 1.2513 0.8769 0.9160 0.4666 -0.0541 -0.1386 26  G   A N9    
568 C C8    . G   A 26 ? 1.2641 0.8939 0.9239 0.4597 -0.0412 -0.1299 26  G   A C8    
569 N N7    . G   A 26 ? 1.2278 0.8949 0.9159 0.4712 -0.0450 -0.1470 26  G   A N7    
570 C C5    . G   A 26 ? 1.1808 0.8684 0.8919 0.4865 -0.0615 -0.1679 26  G   A C5    
571 C C6    . G   A 26 ? 1.1424 0.8716 0.8866 0.5023 -0.0722 -0.1913 26  G   A C6    
572 O O6    . G   A 26 ? 1.1976 0.9551 0.9591 0.5061 -0.0694 -0.1990 26  G   A O6    
573 N N1    . G   A 26 ? 1.1788 0.9159 0.9348 0.5140 -0.0876 -0.2062 26  G   A N1    
574 C C2    . G   A 26 ? 1.2065 0.9156 0.9462 0.5111 -0.0923 -0.2000 26  G   A C2    
575 N N2    . G   A 26 ? 1.1182 0.8406 0.8725 0.5243 -0.1081 -0.2171 26  G   A N2    
576 N N3    . G   A 26 ? 1.2425 0.9137 0.9529 0.4960 -0.0823 -0.1783 26  G   A N3    
577 C C4    . G   A 26 ? 1.2157 0.8780 0.9128 0.4842 -0.0672 -0.1631 26  G   A C4    
578 P P     . U   A 27 ? 1.7155 1.1063 1.2258 0.4304 -0.1129 -0.0789 27  U   A P     
579 O OP1   . U   A 27 ? 1.7764 1.1221 1.2579 0.4134 -0.1210 -0.0637 27  U   A OP1   
580 O OP2   . U   A 27 ? 1.6756 1.0811 1.1846 0.4229 -0.0914 -0.0697 27  U   A OP2   
581 O "O5'" . U   A 27 ? 1.7183 1.1108 1.2426 0.4559 -0.1473 -0.1042 27  U   A "O5'" 
582 C "C5'" . U   A 27 ? 1.5991 1.0011 1.1383 0.4706 -0.1639 -0.1214 27  U   A "C5'" 
583 C "C4'" . U   A 27 ? 1.5642 0.9918 1.1275 0.4953 -0.1855 -0.1477 27  U   A "C4'" 
584 O "O4'" . U   A 27 ? 1.5108 0.9935 1.1062 0.5007 -0.1640 -0.1562 27  U   A "O4'" 
585 C "C3'" . U   A 27 ? 1.6606 1.0603 1.2095 0.5019 -0.2111 -0.1519 27  U   A "C3'" 
586 O "O3'" . U   A 27 ? 1.8453 1.2017 1.3722 0.5033 -0.2404 -0.1532 27  U   A "O3'" 
587 C "C2'" . U   A 27 ? 1.4549 0.9003 1.0369 0.5233 -0.2183 -0.1765 27  U   A "C2'" 
588 O "O2'" . U   A 27 ? 1.3779 0.8314 0.9725 0.5409 -0.2426 -0.1974 27  U   A "O2'" 
589 C "C1'" . U   A 27 ? 1.3881 0.8852 0.9972 0.5178 -0.1826 -0.1743 27  U   A "C1'" 
590 N N1    . U   A 27 ? 1.2166 0.7338 0.8321 0.5115 -0.1620 -0.1675 27  U   A N1    
591 C C2    . U   A 27 ? 1.3605 0.9082 0.9984 0.5266 -0.1712 -0.1854 27  U   A C2    
592 O O2    . U   A 27 ? 1.3451 0.9028 0.9966 0.5447 -0.1963 -0.2066 27  U   A O2    
593 N N3    . U   A 27 ? 1.1906 0.7573 0.8339 0.5193 -0.1502 -0.1778 27  U   A N3    
594 C C4    . U   A 27 ? 1.1780 0.7364 0.8058 0.4991 -0.1214 -0.1545 27  U   A C4    
595 O O4    . U   A 27 ? 1.3664 0.9442 1.0003 0.4944 -0.1047 -0.1499 27  U   A O4    
596 C C5    . U   A 27 ? 1.2574 0.7842 0.8617 0.4843 -0.1138 -0.1371 27  U   A C5    
597 C C6    . U   A 27 ? 1.2826 0.7909 0.8825 0.4908 -0.1337 -0.1440 27  U   A C6    
598 P P     . C   A 28 ? 1.8332 1.1374 1.3260 0.4899 -0.2543 -0.1381 28  C   A P     
599 O OP1   . C   A 28 ? 1.9660 1.2339 1.4354 0.4738 -0.2568 -0.1236 28  C   A OP1   
600 O OP2   . C   A 28 ? 1.7403 1.0511 1.2299 0.4788 -0.2325 -0.1248 28  C   A OP2   
601 O "O5'" . C   A 28 ? 1.7075 1.0025 1.2027 0.5107 -0.2919 -0.1598 28  C   A "O5'" 
602 C "C5'" . C   A 28 ? 1.6544 0.9899 1.1802 0.5345 -0.3022 -0.1856 28  C   A "C5'" 
603 C "C4'" . C   A 28 ? 1.6286 0.9777 1.1641 0.5454 -0.3109 -0.1961 28  C   A "C4'" 
604 O "O4'" . C   A 28 ? 1.5531 0.9428 1.1085 0.5415 -0.2792 -0.1916 28  C   A "O4'" 
605 C "C3'" . C   A 28 ? 1.6475 0.9506 1.1534 0.5357 -0.3253 -0.1844 28  C   A "C3'" 
606 O "O3'" . C   A 28 ? 1.7898 1.0948 1.3028 0.5540 -0.3539 -0.2041 28  C   A "O3'" 
607 C "C2'" . C   A 28 ? 1.5957 0.9083 1.0997 0.5206 -0.2945 -0.1663 28  C   A "C2'" 
608 O "O2'" . C   A 28 ? 1.7799 1.0708 1.2693 0.5169 -0.3034 -0.1611 28  C   A "O2'" 
609 C "C1'" . C   A 28 ? 1.5919 0.9647 1.1332 0.5336 -0.2764 -0.1808 28  C   A "C1'" 
610 N N1    . C   A 28 ? 1.4129 0.8065 0.9583 0.5190 -0.2392 -0.1642 28  C   A N1    
611 C C2    . C   A 28 ? 1.3418 0.7760 0.9105 0.5259 -0.2259 -0.1717 28  C   A C2    
612 O O2    . C   A 28 ? 1.3985 0.8531 0.9862 0.5446 -0.2456 -0.1932 28  C   A O2    
613 N N3    . C   A 28 ? 1.2701 0.7222 0.8407 0.5115 -0.1919 -0.1559 28  C   A N3    
614 C C4    . C   A 28 ? 1.2965 0.7264 0.8458 0.4909 -0.1717 -0.1333 28  C   A C4    
615 N N4    . C   A 28 ? 1.2120 0.6602 0.7618 0.4767 -0.1383 -0.1181 28  C   A N4    
616 C C5    . C   A 28 ? 1.3769 0.7661 0.9030 0.4828 -0.1847 -0.1250 28  C   A C5    
617 C C6    . C   A 28 ? 1.4541 0.8269 0.9797 0.4973 -0.2179 -0.1409 28  C   A C6    
618 P P     . A   A 29 ? 1.9226 1.1820 1.4127 0.5581 -0.3920 -0.2104 29  A   A P     
619 O OP1   . A   A 29 ? 1.9037 1.1231 1.3650 0.5362 -0.3850 -0.1878 29  A   A OP1   
620 O OP2   . A   A 29 ? 2.1220 1.3716 1.6087 0.5660 -0.4123 -0.2186 29  A   A OP2   
621 O "O5'" . A   A 29 ? 1.8476 1.1289 1.3576 0.5786 -0.4107 -0.2345 29  A   A "O5'" 
622 C "C5'" . A   A 29 ? 1.8514 1.1304 1.3594 0.5738 -0.4037 -0.2301 29  A   A "C5'" 
623 C "C4'" . A   A 29 ? 1.8356 1.1594 1.3750 0.5925 -0.4054 -0.2521 29  A   A "C4'" 
624 O "O4'" . A   A 29 ? 1.7423 1.1163 1.3097 0.5933 -0.3758 -0.2532 29  A   A "O4'" 
625 C "C3'" . A   A 29 ? 1.8813 1.2169 1.4345 0.6153 -0.4373 -0.2792 29  A   A "C3'" 
626 O "O3'" . A   A 29 ? 1.9400 1.2390 1.4745 0.6197 -0.4677 -0.2852 29  A   A "O3'" 
627 C "C2'" . A   A 29 ? 1.8187 1.2131 1.4092 0.6283 -0.4241 -0.2960 29  A   A "C2'" 
628 O "O2'" . A   A 29 ? 1.8137 1.2091 1.4057 0.6300 -0.4258 -0.2994 29  A   A "O2'" 
629 C "C1'" . A   A 29 ? 1.6787 1.0977 1.2780 0.6137 -0.3849 -0.2788 29  A   A "C1'" 
630 N N9    . A   A 29 ? 1.6056 1.0578 1.2251 0.6203 -0.3783 -0.2868 29  A   A N9    
631 C C8    . A   A 29 ? 1.5344 0.9771 1.1446 0.6106 -0.3668 -0.2735 29  A   A C8    
632 N N7    . A   A 29 ? 1.4560 0.9383 1.0914 0.6209 -0.3639 -0.2868 29  A   A N7    
633 C C5    . A   A 29 ? 1.5115 1.0321 1.1746 0.6375 -0.3736 -0.3102 29  A   A C5    
634 C C6    . A   A 29 ? 1.4559 1.0291 1.1536 0.6525 -0.3755 -0.3322 29  A   A C6    
635 N N6    . A   A 29 ? 1.4304 1.0285 1.1423 0.6542 -0.3678 -0.3352 29  A   A N6    
636 N N1    . A   A 29 ? 1.5524 1.1529 1.2700 0.6654 -0.3858 -0.3516 29  A   A N1    
637 C C2    . A   A 29 ? 1.6036 1.1796 1.3071 0.6642 -0.3938 -0.3490 29  A   A C2    
638 N N3    . A   A 29 ? 1.6422 1.1696 1.3143 0.6510 -0.3933 -0.3294 29  A   A N3    
639 C C4    . A   A 29 ? 1.6048 1.1067 1.2579 0.6375 -0.3826 -0.3103 29  A   A C4    
640 P P     . C   A 30 ? 1.9980 1.2905 1.5348 0.6394 -0.5062 -0.3090 30  C   A P     
641 O OP1   . C   A 30 ? 2.0865 1.3257 1.5920 0.6345 -0.5322 -0.3043 30  C   A OP1   
642 O OP2   . C   A 30 ? 2.0319 1.3427 1.5802 0.6437 -0.5031 -0.3131 30  C   A OP2   
643 O "O5'" . C   A 30 ? 1.8309 1.1656 1.3974 0.6590 -0.5133 -0.3336 30  C   A "O5'" 
644 C "C5'" . C   A 30 ? 1.8305 1.1820 1.4128 0.6796 -0.5400 -0.3593 30  C   A "C5'" 
645 C "C4'" . C   A 30 ? 1.8907 1.3044 1.5114 0.6920 -0.5258 -0.3761 30  C   A "C4'" 
646 O "O4'" . C   A 30 ? 1.8803 1.3219 1.5131 0.6802 -0.4897 -0.3616 30  C   A "O4'" 
647 C "C3'" . C   A 30 ? 1.9672 1.4085 1.6092 0.7107 -0.5451 -0.4006 30  C   A "C3'" 
648 O "O3'" . C   A 30 ? 2.0614 1.4967 1.7046 0.7269 -0.5766 -0.4215 30  C   A "O3'" 
649 C "C2'" . C   A 30 ? 1.8194 1.3228 1.4968 0.7128 -0.5161 -0.4059 30  C   A "C2'" 
650 O "O2'" . C   A 30 ? 1.6199 1.1526 1.3150 0.7193 -0.5117 -0.4166 30  C   A "O2'" 
651 C "C1'" . C   A 30 ? 1.8444 1.3391 1.5106 0.6919 -0.4829 -0.3785 30  C   A "C1'" 
652 N N1    . C   A 30 ? 1.8057 1.2973 1.4685 0.6861 -0.4755 -0.3699 30  C   A N1    
653 C C2    . C   A 30 ? 1.8091 1.3440 1.4995 0.6962 -0.4727 -0.3846 30  C   A C2    
654 O O2    . C   A 30 ? 1.6418 1.2205 1.3611 0.7100 -0.4765 -0.4057 30  C   A O2    
655 N N3    . C   A 30 ? 1.9188 1.4471 1.6037 0.6901 -0.4661 -0.3753 30  C   A N3    
656 C C4    . C   A 30 ? 1.8700 1.3513 1.5233 0.6744 -0.4617 -0.3524 30  C   A C4    
657 N N4    . C   A 30 ? 1.6786 1.1546 1.3269 0.6688 -0.4553 -0.3440 30  C   A N4    
658 C C5    . C   A 30 ? 1.9448 1.3827 1.5700 0.6628 -0.4634 -0.3369 30  C   A C5    
659 C C6    . C   A 30 ? 1.8791 1.3243 1.5106 0.6694 -0.4703 -0.3464 30  C   A C6    
660 P P     . U   A 31 ? 2.0558 1.4552 1.6823 0.7362 -0.6146 -0.4327 31  U   A P     
661 O OP1   . U   A 31 ? 2.0765 1.4871 1.7140 0.7546 -0.6403 -0.4574 31  U   A OP1   
662 O OP2   . U   A 31 ? 2.1031 1.4437 1.6919 0.7199 -0.6194 -0.4107 31  U   A OP2   
663 O "O5'" . U   A 31 ? 1.9391 1.3658 1.5831 0.7411 -0.6101 -0.4391 31  U   A "O5'" 
664 C "C5'" . U   A 31 ? 1.8206 1.2977 1.4980 0.7581 -0.6141 -0.4633 31  U   A "C5'" 
665 C "C4'" . U   A 31 ? 1.8677 1.3646 1.5579 0.7600 -0.6094 -0.4662 31  U   A "C4'" 
666 O "O4'" . U   A 31 ? 1.8266 1.3390 1.5206 0.7445 -0.5735 -0.4459 31  U   A "O4'" 
667 C "C3'" . U   A 31 ? 2.0305 1.4830 1.6968 0.7595 -0.6334 -0.4637 31  U   A "C3'" 
668 O "O3'" . U   A 31 ? 2.1746 1.6166 1.8406 0.7759 -0.6691 -0.4856 31  U   A "O3'" 
669 C "C2'" . U   A 31 ? 2.0232 1.5026 1.7039 0.7556 -0.6136 -0.4586 31  U   A "C2'" 
670 O "O2'" . U   A 31 ? 2.0870 1.6183 1.8020 0.7712 -0.6164 -0.4820 31  U   A "O2'" 
671 C "C1'" . U   A 31 ? 1.8800 1.3785 1.5658 0.7406 -0.5752 -0.4394 31  U   A "C1'" 
672 N N1    . U   A 31 ? 1.9644 1.4129 1.6160 0.7215 -0.5668 -0.4121 31  U   A N1    
673 C C2    . U   A 31 ? 2.0946 1.5295 1.7364 0.7131 -0.5604 -0.3998 31  U   A C2    
674 O O2    . U   A 31 ? 2.1207 1.5837 1.7813 0.7209 -0.5607 -0.4103 31  U   A O2    
675 N N3    . U   A 31 ? 2.1048 1.4923 1.7136 0.6943 -0.5528 -0.3741 31  U   A N3    
676 C C4    . U   A 31 ? 2.0522 1.4058 1.6380 0.6830 -0.5510 -0.3600 31  U   A C4    
677 O O4    . U   A 31 ? 1.9343 1.2481 1.4916 0.6649 -0.5429 -0.3367 31  U   A O4    
678 C C5    . U   A 31 ? 2.0077 1.3778 1.6059 0.6934 -0.5589 -0.3743 31  U   A C5    
679 C C6    . U   A 31 ? 1.9828 1.3977 1.6120 0.7119 -0.5665 -0.3991 31  U   A C6    
680 P P     . G   A 32 ? 2.2604 1.6380 1.8896 0.7732 -0.6997 -0.4810 32  G   A P     
681 O OP1   . G   A 32 ? 2.1911 1.5329 1.7932 0.7520 -0.6814 -0.4521 32  G   A OP1   
682 O OP2   . G   A 32 ? 2.3060 1.6660 1.9293 0.7811 -0.7259 -0.4914 32  G   A OP2   
683 O "O5'" . G   A 32 ? 2.2257 1.6113 1.8624 0.7866 -0.7171 -0.4993 32  G   A "O5'" 
684 C "C5'" . G   A 32 ? 2.2406 1.6558 1.9002 0.8068 -0.7374 -0.5277 32  G   A "C5'" 
685 C "C4'" . G   A 32 ? 2.2554 1.6949 1.9297 0.8167 -0.7398 -0.5419 32  G   A "C4'" 
686 O "O4'" . G   A 32 ? 2.1404 1.6214 1.8349 0.8095 -0.7041 -0.5334 32  G   A "O4'" 
687 C "C3'" . G   A 32 ? 2.3052 1.7782 2.0046 0.8376 -0.7599 -0.5720 32  G   A "C3'" 
688 O "O3'" . G   A 32 ? 2.4975 1.9680 2.1962 0.8463 -0.7744 -0.5838 32  G   A "O3'" 
689 C "C2'" . G   A 32 ? 2.1935 1.7279 1.9270 0.8378 -0.7293 -0.5747 32  G   A "C2'" 
690 O "O2'" . G   A 32 ? 2.1930 1.7733 1.9562 0.8540 -0.7355 -0.5999 32  G   A "O2'" 
691 C "C1'" . G   A 32 ? 2.0561 1.5924 1.7851 0.8236 -0.7012 -0.5554 32  G   A "C1'" 
692 N N9    . G   A 32 ? 1.9296 1.5127 1.6823 0.8157 -0.6646 -0.5471 32  G   A N9    
693 C C8    . G   A 32 ? 1.8936 1.4768 1.6431 0.8014 -0.6401 -0.5274 32  G   A C8    
694 N N7    . G   A 32 ? 1.8554 1.4888 1.6314 0.7973 -0.6094 -0.5255 32  G   A N7    
695 C C5    . G   A 32 ? 1.8523 1.5207 1.6501 0.8092 -0.6141 -0.5450 32  G   A C5    
696 C C6    . G   A 32 ? 1.7026 1.4300 1.5326 0.8100 -0.5897 -0.5519 32  G   A C6    
697 O O6    . G   A 32 ? 1.6276 1.3896 1.4743 0.7998 -0.5582 -0.5418 32  G   A O6    
698 N N1    . G   A 32 ? 1.6911 1.4356 1.5333 0.8237 -0.6054 -0.5722 32  G   A N1    
699 C C2    . G   A 32 ? 1.7793 1.4893 1.6051 0.8356 -0.6402 -0.5848 32  G   A C2    
700 N N2    . G   A 32 ? 1.8026 1.5368 1.6437 0.8479 -0.6501 -0.6041 32  G   A N2    
701 N N3    . G   A 32 ? 1.9210 1.5764 1.7171 0.8349 -0.6631 -0.5789 32  G   A N3    
702 C C4    . G   A 32 ? 1.9239 1.5614 1.7076 0.8211 -0.6482 -0.5586 32  G   A C4    
703 P P     . C   A 33 ? 2.5718 2.0776 2.2959 0.8678 -0.7939 -0.6151 33  C   A P     
704 O OP1   . C   A 33 ? 2.6159 2.0963 2.3258 0.8742 -0.8161 -0.6228 33  C   A OP1   
705 O OP2   . C   A 33 ? 2.5618 2.0712 2.2924 0.8769 -0.8105 -0.6282 33  C   A OP2   
706 O "O5'" . C   A 33 ? 2.4098 1.9791 2.1679 0.8677 -0.7616 -0.6181 33  C   A "O5'" 
707 C "C5'" . C   A 33 ? 2.2271 1.8282 2.0039 0.8787 -0.7638 -0.6353 33  C   A "C5'" 
708 C "C4'" . C   A 33 ? 2.0715 1.7292 1.8831 0.8901 -0.7584 -0.6552 33  C   A "C4'" 
709 O "O4'" . C   A 33 ? 1.8979 1.5974 1.7296 0.8788 -0.7205 -0.6429 33  C   A "O4'" 
710 C "C3'" . C   A 33 ? 2.0975 1.7521 1.9123 0.9000 -0.7794 -0.6689 33  C   A "C3'" 
711 O "O3'" . C   A 33 ? 2.0545 1.7482 1.8949 0.9165 -0.7904 -0.6951 33  C   A "O3'" 
712 C "C2'" . C   A 33 ? 2.1431 1.8210 1.9692 0.8885 -0.7511 -0.6549 33  C   A "C2'" 
713 O "O2'" . C   A 33 ? 2.2054 1.9056 2.0481 0.8967 -0.7579 -0.6685 33  C   A "O2'" 
714 C "C1'" . C   A 33 ? 2.0516 1.7764 1.9001 0.8823 -0.7183 -0.6503 33  C   A "C1'" 
715 N N1    . C   A 33 ? 2.0840 1.8290 1.9402 0.8669 -0.6839 -0.6309 33  C   A N1    
716 C C2    . C   A 33 ? 2.0298 1.8294 1.9141 0.8627 -0.6537 -0.6310 33  C   A C2    
717 O O2    . C   A 33 ? 1.8111 1.6381 1.7112 0.8715 -0.6566 -0.6462 33  C   A O2    
718 N N3    . C   A 33 ? 2.1003 1.9196 1.9923 0.8482 -0.6219 -0.6136 33  C   A N3    
719 C C4    . C   A 33 ? 2.0384 1.8253 1.9114 0.8393 -0.6205 -0.5976 33  C   A C4    
720 N N4    . C   A 33 ? 2.1263 1.9341 2.0076 0.8252 -0.5886 -0.5808 33  C   A N4    
721 C C5    . C   A 33 ? 1.9125 1.6434 1.7567 0.8435 -0.6513 -0.5972 33  C   A C5    
722 C C6    . C   A 33 ? 1.9809 1.6931 1.8179 0.8571 -0.6823 -0.6142 33  C   A C6    
723 P P     . G   A 34 ? 2.0677 1.7564 1.9116 0.9316 -0.8208 -0.7164 34  G   A P     
724 O OP1   . G   A 34 ? 2.1409 1.8012 1.9716 0.9445 -0.8543 -0.7321 34  G   A OP1   
725 O OP2   . G   A 34 ? 2.2626 1.9276 2.0942 0.9240 -0.8212 -0.7042 34  G   A OP2   
726 O "O5'" . G   A 34 ? 1.9439 1.6982 1.8261 0.9403 -0.8074 -0.7342 34  G   A "O5'" 
727 C "C5'" . G   A 34 ? 1.9665 1.7516 1.8651 0.9486 -0.8062 -0.7484 34  G   A "C5'" 
728 C "C4'" . G   A 34 ? 1.9439 1.7898 1.8737 0.9438 -0.7730 -0.7480 34  G   A "C4'" 
729 O "O4'" . G   A 34 ? 1.8761 1.7246 1.8021 0.9255 -0.7407 -0.7228 34  G   A "O4'" 
730 C "C3'" . G   A 34 ? 1.8856 1.7660 1.8374 0.9459 -0.7657 -0.7553 34  G   A "C3'" 
731 O "O3'" . G   A 34 ? 1.9496 1.8474 1.9157 0.9632 -0.7881 -0.7813 34  G   A "O3'" 
732 C "C2'" . G   A 34 ? 1.8212 1.7506 1.7955 0.9335 -0.7260 -0.7441 34  G   A "C2'" 
733 O "O2'" . G   A 34 ? 1.8289 1.7982 1.8244 0.9408 -0.7214 -0.7592 34  G   A "O2'" 
734 C "C1'" . G   A 34 ? 1.8059 1.7048 1.7584 0.9189 -0.7114 -0.7200 34  G   A "C1'" 
735 N N9    . G   A 34 ? 1.7842 1.6677 1.7267 0.9049 -0.6955 -0.6989 34  G   A N9    
736 C C8    . G   A 34 ? 1.8632 1.6939 1.7773 0.9017 -0.7115 -0.6883 34  G   A C8    
737 N N7    . G   A 34 ? 1.9086 1.7378 1.8196 0.8884 -0.6910 -0.6699 34  G   A N7    
738 C C5    . G   A 34 ? 1.8599 1.7454 1.7999 0.8826 -0.6597 -0.6688 34  G   A C5    
739 C C6    . G   A 34 ? 1.9494 1.8597 1.9000 0.8683 -0.6275 -0.6525 34  G   A C6    
740 O O6    . G   A 34 ? 1.9888 1.8755 1.9250 0.8583 -0.6203 -0.6356 34  G   A O6    
741 N N1    . G   A 34 ? 1.8412 1.8094 1.8220 0.8657 -0.6024 -0.6573 34  G   A N1    
742 C C2    . G   A 34 ? 1.6806 1.6781 1.6784 0.8755 -0.6073 -0.6750 34  G   A C2    
743 N N2    . G   A 34 ? 1.6180 1.6695 1.6432 0.8694 -0.5795 -0.6753 34  G   A N2    
744 N N3    . G   A 34 ? 1.7001 1.6748 1.6882 0.8896 -0.6374 -0.6905 34  G   A N3    
745 C C4    . G   A 34 ? 1.7726 1.6919 1.7320 0.8923 -0.6621 -0.6865 34  G   A C4    
746 P P     . C   A 35 ? 2.0595 1.9598 2.0325 0.9700 -0.8019 -0.7920 35  C   A P     
747 O OP1   . C   A 35 ? 2.1567 2.0559 2.1342 0.9891 -0.8334 -0.8185 35  C   A OP1   
748 O OP2   . C   A 35 ? 2.1519 2.0071 2.0999 0.9604 -0.8055 -0.7738 35  C   A OP2   
749 O "O5'" . C   A 35 ? 2.0919 2.0537 2.0972 0.9640 -0.7695 -0.7911 35  C   A "O5'" 
750 C "C5'" . C   A 35 ? 2.1142 2.1238 2.1433 0.9652 -0.7522 -0.7989 35  C   A "C5'" 
751 C "C4'" . C   A 35 ? 2.0850 2.1407 2.1359 0.9513 -0.7143 -0.7865 35  C   A "C4'" 
752 O "O4'" . C   A 35 ? 2.0840 2.1226 2.1204 0.9340 -0.6914 -0.7603 35  C   A "O4'" 
753 C "C3'" . C   A 35 ? 2.0492 2.1215 2.1120 0.9499 -0.7097 -0.7875 35  C   A "C3'" 
754 O "O3'" . C   A 35 ? 1.9052 2.0124 1.9910 0.9625 -0.7189 -0.8100 35  C   A "O3'" 
755 C "C2'" . C   A 35 ? 2.1103 2.2091 2.1824 0.9307 -0.6702 -0.7655 35  C   A "C2'" 
756 O "O2'" . C   A 35 ? 2.0648 2.2178 2.1640 0.9282 -0.6477 -0.7707 35  C   A "O2'" 
757 C "C1'" . C   A 35 ? 2.1399 2.2021 2.1878 0.9215 -0.6650 -0.7469 35  C   A "C1'" 
758 N N1    . C   A 35 ? 2.2387 2.2553 2.2614 0.9134 -0.6689 -0.7293 35  C   A N1    
759 C C2    . C   A 35 ? 2.2165 2.2459 2.2430 0.8977 -0.6398 -0.7097 35  C   A C2    
760 O O2    . C   A 35 ? 2.2547 2.3334 2.3059 0.8904 -0.6120 -0.7077 35  C   A O2    
761 N N3    . C   A 35 ? 2.0675 2.0549 2.0705 0.8901 -0.6426 -0.6932 35  C   A N3    
762 C C4    . C   A 35 ? 1.9930 1.9260 1.9683 0.8966 -0.6724 -0.6945 35  C   A C4    
763 N N4    . C   A 35 ? 1.8145 1.7065 1.7662 0.8876 -0.6733 -0.6767 35  C   A N4    
764 C C5    . C   A 35 ? 2.1695 2.0880 2.1402 0.9119 -0.7024 -0.7138 35  C   A C5    
765 C C6    . C   A 35 ? 2.2553 2.2164 2.2500 0.9203 -0.6995 -0.7308 35  C   A C6    
766 P P     . C   A 36 ? 2.0062 2.0999 2.0914 0.9736 -0.7444 -0.8236 36  C   A P     
767 O OP1   . C   A 36 ? 1.8521 1.9694 1.9542 0.9906 -0.7628 -0.8503 36  C   A OP1   
768 O OP2   . C   A 36 ? 2.0988 2.1313 2.1521 0.9734 -0.7660 -0.8148 36  C   A OP2   
769 O "O5'" . C   A 36 ? 1.9777 2.1047 2.0802 0.9616 -0.7168 -0.8128 36  C   A "O5'" 
770 C "C5'" . C   A 36 ? 1.9661 2.1500 2.0964 0.9547 -0.6872 -0.8124 36  C   A "C5'" 
771 C "C4'" . C   A 36 ? 1.8889 2.0925 2.0274 0.9387 -0.6580 -0.7943 36  C   A "C4'" 
772 O "O4'" . C   A 36 ? 1.8745 2.0542 1.9950 0.9234 -0.6401 -0.7695 36  C   A "O4'" 
773 C "C3'" . C   A 36 ? 1.9482 2.1376 2.0836 0.9415 -0.6700 -0.7958 36  C   A "C3'" 
774 O "O3'" . C   A 36 ? 2.0641 2.2887 2.2230 0.9509 -0.6758 -0.8147 36  C   A "O3'" 
775 C "C2'" . C   A 36 ? 1.9076 2.1012 2.0406 0.9222 -0.6394 -0.7705 36  C   A "C2'" 
776 O "O2'" . C   A 36 ? 1.9267 2.1753 2.0874 0.9134 -0.6102 -0.7686 36  C   A "O2'" 
777 C "C1'" . C   A 36 ? 1.8142 1.9882 1.9310 0.9129 -0.6275 -0.7545 36  C   A "C1'" 
778 N N1    . C   A 36 ? 1.6796 1.7946 1.7643 0.9108 -0.6425 -0.7417 36  C   A N1    
779 C C2    . C   A 36 ? 1.6523 1.7548 1.7269 0.8957 -0.6230 -0.7189 36  C   A C2    
780 O O2    . C   A 36 ? 1.6103 1.7517 1.7034 0.8843 -0.5935 -0.7102 36  C   A O2    
781 N N3    . C   A 36 ? 1.6961 1.7430 1.7400 0.8932 -0.6367 -0.7066 36  C   A N3    
782 C C4    . C   A 36 ? 1.7192 1.7242 1.7431 0.9045 -0.6682 -0.7158 36  C   A C4    
783 N N4    . C   A 36 ? 1.7735 1.7230 1.7663 0.9002 -0.6805 -0.7020 36  C   A N4    
784 C C5    . C   A 36 ? 1.7473 1.7648 1.7815 0.9202 -0.6888 -0.7393 36  C   A C5    
785 C C6    . C   A 36 ? 1.7262 1.7987 1.7907 0.9231 -0.6751 -0.7516 36  C   A C6    
786 N N1    A TFX B .  ? 0.7785 0.8254 0.6942 0.4019 0.0997  -0.1757 101 TFX A N1    
787 N N1    B TFX B .  ? 0.9120 0.9564 0.8467 0.4925 0.0043  -0.2531 101 TFX A N1    
788 S S1    A TFX B .  ? 0.8311 0.8720 0.7553 0.4391 0.0619  -0.2053 101 TFX A S1    
789 S S1    B TFX B .  ? 0.8622 0.9045 0.7897 0.4595 0.0416  -0.2234 101 TFX A S1    
790 C C2    A TFX B .  ? 0.8047 0.7134 0.6333 0.3914 0.0895  -0.1374 101 TFX A C2    
791 C C2    B TFX B .  ? 0.8878 1.0762 0.8981 0.5023 0.0091  -0.2890 101 TFX A C2    
792 N N2    A TFX B .  ? 0.8690 0.7394 0.6699 0.3846 0.0897  -0.1223 101 TFX A N2    
793 N N2    B TFX B .  ? 0.9072 1.1347 0.9378 0.5074 0.0064  -0.3014 101 TFX A N2    
794 C C3    A TFX B .  ? 0.8138 0.7613 0.6726 0.4064 0.0819  -0.1595 101 TFX A C3    
795 C C3    B TFX B .  ? 0.8649 1.0233 0.8573 0.4825 0.0292  -0.2650 101 TFX A C3    
796 C C4    A TFX B .  ? 0.8119 0.7928 0.6927 0.4126 0.0811  -0.1715 101 TFX A C4    
797 C C4    B TFX B .  ? 0.8665 0.9896 0.8400 0.4776 0.0312  -0.2541 101 TFX A C4    
798 C C5    A TFX B .  ? 0.7995 0.7814 0.6785 0.4044 0.0885  -0.1646 101 TFX A C5    
799 C C5    B TFX B .  ? 0.8913 1.0021 0.8605 0.4917 0.0138  -0.2645 101 TFX A C5    
800 C C6    A TFX B .  ? 0.7917 0.7396 0.6449 0.3915 0.0951  -0.1460 101 TFX A C6    
801 C C6    B TFX B .  ? 0.9111 1.0480 0.8959 0.5090 -0.0036 -0.2853 101 TFX A C6    
802 C C7    A TFX B .  ? 0.7946 0.7037 0.6199 0.3846 0.0956  -0.1309 101 TFX A C7    
803 C C7    B TFX B .  ? 0.9092 1.0878 0.9158 0.5146 -0.0062 -0.2986 101 TFX A C7    
804 C C8    A TFX B .  ? 0.7991 0.8210 0.7042 0.4124 0.0864  -0.1794 101 TFX A C8    
805 C C8    B TFX B .  ? 0.8918 0.9598 0.8375 0.4841 0.0173  -0.2498 101 TFX A C8    
806 C C9    A TFX B .  ? 0.7828 0.8656 0.7221 0.4120 0.0944  -0.1910 101 TFX A C9    
807 C C9    B TFX B .  ? 0.9087 0.9136 0.8207 0.4823 0.0103  -0.2366 101 TFX A C9    
808 C C10   A TFX B .  ? 0.8117 0.8993 0.7598 0.4342 0.0728  -0.2099 101 TFX A C10   
809 C C10   B TFX B .  ? 0.8812 0.8772 0.7845 0.4626 0.0314  -0.2177 101 TFX A C10   
810 C C11   A TFX B .  ? 0.8497 0.9742 0.8209 0.4491 0.0613  -0.2291 101 TFX A C11   
811 C C11   B TFX B .  ? 0.8720 0.8285 0.7501 0.4479 0.0410  -0.1975 101 TFX A C11   
812 C C12   A TFX B .  ? 0.8314 0.9834 0.8152 0.4411 0.0723  -0.2276 101 TFX A C12   
813 C C12   B TFX B .  ? 0.8908 0.8196 0.7550 0.4537 0.0297  -0.1974 101 TFX A C12   
814 C C13   A TFX B .  ? 0.7741 0.9194 0.7484 0.4161 0.0969  -0.2060 101 TFX A C13   
815 C C13   B TFX B .  ? 0.9220 0.8596 0.7964 0.4756 0.0065  -0.2186 101 TFX A C13   
816 C C14   A TFX B .  ? 0.7637 0.8773 0.7172 0.4027 0.1065  -0.1894 101 TFX A C14   
817 C C14   B TFX B .  ? 0.9296 0.9033 0.8261 0.4886 -0.0023 -0.2368 101 TFX A C14   
818 C C15   A TFX B .  ? 0.8689 0.7235 0.6448 0.3630 0.1082  -0.0962 101 TFX A C15   
819 C C15   B TFX B .  ? 0.8637 1.1088 0.9004 0.4908 0.0269  -0.2897 101 TFX A C15   
820 C C16   A TFX B .  ? 0.8389 0.6862 0.6344 0.3995 0.0706  -0.1317 101 TFX A C16   
821 C C16   B TFX B .  ? 0.9140 1.1625 0.9585 0.5286 -0.0176 -0.3256 101 TFX A C16   
822 C C17   A TFX B .  ? 0.7498 0.7897 0.6523 0.3786 0.1197  -0.1548 101 TFX A C17   
823 C C17   B TFX B .  ? 0.9572 1.0147 0.9016 0.5129 -0.0184 -0.2741 101 TFX A C17   
824 C C18   A TFX B .  ? 0.8177 1.0076 0.8241 0.4558 0.0599  -0.2471 101 TFX A C18   
825 C C18   B TFX B .  ? 0.8829 0.7713 0.7196 0.4388 0.0384  -0.1765 101 TFX A C18   
826 K K     . K   C .  ? 1.0805 0.9585 0.9231 0.5072 -0.0457 -0.2266 102 K   A K     
# 
loop_
_pdbx_poly_seq_scheme.asym_id 
_pdbx_poly_seq_scheme.entity_id 
_pdbx_poly_seq_scheme.seq_id 
_pdbx_poly_seq_scheme.mon_id 
_pdbx_poly_seq_scheme.ndb_seq_num 
_pdbx_poly_seq_scheme.pdb_seq_num 
_pdbx_poly_seq_scheme.auth_seq_num 
_pdbx_poly_seq_scheme.pdb_mon_id 
_pdbx_poly_seq_scheme.auth_mon_id 
_pdbx_poly_seq_scheme.pdb_strand_id 
_pdbx_poly_seq_scheme.pdb_ins_code 
_pdbx_poly_seq_scheme.hetero 
A 1 1  G 1  1  1  G G A . n 
A 1 2  G 2  2  2  G G A . n 
A 1 3  C 3  3  3  C C A . n 
A 1 4  G 4  4  4  G G A . n 
A 1 5  C 5  5  5  C C A . n 
A 1 6  G 6  6  6  G G A . n 
A 1 7  A 7  7  7  A A A . n 
A 1 8  G 8  8  8  G G A . n 
A 1 9  G 9  9  9  G G A . n 
A 1 10 A 10 10 10 A A A . n 
A 1 11 A 11 11 11 A A A . n 
A 1 12 G 12 12 12 G G A . n 
A 1 13 G 13 13 13 G G A . n 
A 1 14 A 14 14 14 A A A . n 
A 1 15 G 15 15 15 G G A . n 
A 1 16 G 16 16 16 G G A . n 
A 1 17 U 17 17 17 U U A . n 
A 1 18 C 18 18 18 C C A . n 
A 1 19 U 19 19 19 U U A . n 
A 1 20 G 20 20 20 G G A . n 
A 1 21 A 21 21 21 A A A . n 
A 1 22 G 22 22 22 G G A . n 
A 1 23 G 23 23 23 G G A . n 
A 1 24 A 24 24 24 A A A . n 
A 1 25 G 25 25 25 G G A . n 
A 1 26 G 26 26 26 G G A . n 
A 1 27 U 27 27 27 U U A . n 
A 1 28 C 28 28 28 C C A . n 
A 1 29 A 29 29 29 A A A . n 
A 1 30 C 30 30 30 C C A . n 
A 1 31 U 31 31 31 U U A . n 
A 1 32 G 32 32 32 G G A . n 
A 1 33 C 33 33 33 C C A . n 
A 1 34 G 34 34 34 G G A . n 
A 1 35 C 35 35 35 C C A . n 
A 1 36 C 36 36 36 C C A . n 
# 
loop_
_pdbx_nonpoly_scheme.asym_id 
_pdbx_nonpoly_scheme.entity_id 
_pdbx_nonpoly_scheme.mon_id 
_pdbx_nonpoly_scheme.ndb_seq_num 
_pdbx_nonpoly_scheme.pdb_seq_num 
_pdbx_nonpoly_scheme.auth_seq_num 
_pdbx_nonpoly_scheme.pdb_mon_id 
_pdbx_nonpoly_scheme.auth_mon_id 
_pdbx_nonpoly_scheme.pdb_strand_id 
_pdbx_nonpoly_scheme.pdb_ins_code 
B 2 TFX 1 101 1 TFX TFX A . 
C 3 K   1 102 1 K   K   A . 
# 
_pdbx_struct_assembly.id                   1 
_pdbx_struct_assembly.details              author_defined_assembly 
_pdbx_struct_assembly.method_details       ? 
_pdbx_struct_assembly.oligomeric_details   dimeric 
_pdbx_struct_assembly.oligomeric_count     2 
# 
_pdbx_struct_assembly_gen.assembly_id       1 
_pdbx_struct_assembly_gen.oper_expression   1,2 
_pdbx_struct_assembly_gen.asym_id_list      A,B,C 
# 
loop_
_pdbx_struct_oper_list.id 
_pdbx_struct_oper_list.type 
_pdbx_struct_oper_list.name 
_pdbx_struct_oper_list.symmetry_operation 
_pdbx_struct_oper_list.matrix[1][1] 
_pdbx_struct_oper_list.matrix[1][2] 
_pdbx_struct_oper_list.matrix[1][3] 
_pdbx_struct_oper_list.vector[1] 
_pdbx_struct_oper_list.matrix[2][1] 
_pdbx_struct_oper_list.matrix[2][2] 
_pdbx_struct_oper_list.matrix[2][3] 
_pdbx_struct_oper_list.vector[2] 
_pdbx_struct_oper_list.matrix[3][1] 
_pdbx_struct_oper_list.matrix[3][2] 
_pdbx_struct_oper_list.matrix[3][3] 
_pdbx_struct_oper_list.vector[3] 
1 'identity operation'         1_555  x,y,z                  1.0000000000 0.0000000000  0.0000000000  0.0000000000  0.0000000000  1.0000000000  0.0000000000 0.0000000000  0.0000000000  0.0000000000 1.0000000000  0.0000000000   
2 'crystal symmetry operation' 12_556 -x+2/3,-x+y+1/3,-z+4/3 0.5099673060 -0.4205774388 -0.7503652209 -3.9675988253 -0.4205774388 -0.8828548265 0.2090023284 17.6853356504 -0.7503652209 0.2090023284 -0.6271124795 -17.8966152853 
# 
loop_
_pdbx_struct_conn_angle.id 
_pdbx_struct_conn_angle.ptnr1_label_atom_id 
_pdbx_struct_conn_angle.ptnr1_label_alt_id 
_pdbx_struct_conn_angle.ptnr1_label_asym_id 
_pdbx_struct_conn_angle.ptnr1_label_comp_id 
_pdbx_struct_conn_angle.ptnr1_label_seq_id 
_pdbx_struct_conn_angle.ptnr1_auth_atom_id 
_pdbx_struct_conn_angle.ptnr1_auth_asym_id 
_pdbx_struct_conn_angle.ptnr1_auth_comp_id 
_pdbx_struct_conn_angle.ptnr1_auth_seq_id 
_pdbx_struct_conn_angle.ptnr1_PDB_ins_code 
_pdbx_struct_conn_angle.ptnr1_symmetry 
_pdbx_struct_conn_angle.ptnr2_label_atom_id 
_pdbx_struct_conn_angle.ptnr2_label_alt_id 
_pdbx_struct_conn_angle.ptnr2_label_asym_id 
_pdbx_struct_conn_angle.ptnr2_label_comp_id 
_pdbx_struct_conn_angle.ptnr2_label_seq_id 
_pdbx_struct_conn_angle.ptnr2_auth_atom_id 
_pdbx_struct_conn_angle.ptnr2_auth_asym_id 
_pdbx_struct_conn_angle.ptnr2_auth_comp_id 
_pdbx_struct_conn_angle.ptnr2_auth_seq_id 
_pdbx_struct_conn_angle.ptnr2_PDB_ins_code 
_pdbx_struct_conn_angle.ptnr2_symmetry 
_pdbx_struct_conn_angle.ptnr3_label_atom_id 
_pdbx_struct_conn_angle.ptnr3_label_alt_id 
_pdbx_struct_conn_angle.ptnr3_label_asym_id 
_pdbx_struct_conn_angle.ptnr3_label_comp_id 
_pdbx_struct_conn_angle.ptnr3_label_seq_id 
_pdbx_struct_conn_angle.ptnr3_auth_atom_id 
_pdbx_struct_conn_angle.ptnr3_auth_asym_id 
_pdbx_struct_conn_angle.ptnr3_auth_comp_id 
_pdbx_struct_conn_angle.ptnr3_auth_seq_id 
_pdbx_struct_conn_angle.ptnr3_PDB_ins_code 
_pdbx_struct_conn_angle.ptnr3_symmetry 
_pdbx_struct_conn_angle.value 
_pdbx_struct_conn_angle.value_esd 
1  O6 ? A G 12 ? A G 12 ? 1_555 K ? C K . ? A K 102 ? 1_555 O6 ? A G 13 ? A G 13 ? 1_555 77.4  ? 
2  O6 ? A G 12 ? A G 12 ? 1_555 K ? C K . ? A K 102 ? 1_555 O6 ? A G 15 ? A G 15 ? 1_555 78.4  ? 
3  O6 ? A G 13 ? A G 13 ? 1_555 K ? C K . ? A K 102 ? 1_555 O6 ? A G 15 ? A G 15 ? 1_555 91.3  ? 
4  O6 ? A G 12 ? A G 12 ? 1_555 K ? C K . ? A K 102 ? 1_555 O6 ? A G 16 ? A G 16 ? 1_555 138.6 ? 
5  O6 ? A G 13 ? A G 13 ? 1_555 K ? C K . ? A K 102 ? 1_555 O6 ? A G 16 ? A G 16 ? 1_555 82.1  ? 
6  O6 ? A G 15 ? A G 15 ? 1_555 K ? C K . ? A K 102 ? 1_555 O6 ? A G 16 ? A G 16 ? 1_555 66.4  ? 
7  O6 ? A G 12 ? A G 12 ? 1_555 K ? C K . ? A K 102 ? 1_555 O6 ? A G 22 ? A G 22 ? 1_555 106.7 ? 
8  O6 ? A G 13 ? A G 13 ? 1_555 K ? C K . ? A K 102 ? 1_555 O6 ? A G 22 ? A G 22 ? 1_555 153.6 ? 
9  O6 ? A G 15 ? A G 15 ? 1_555 K ? C K . ? A K 102 ? 1_555 O6 ? A G 22 ? A G 22 ? 1_555 64.9  ? 
10 O6 ? A G 16 ? A G 16 ? 1_555 K ? C K . ? A K 102 ? 1_555 O6 ? A G 22 ? A G 22 ? 1_555 78.0  ? 
11 O6 ? A G 12 ? A G 12 ? 1_555 K ? C K . ? A K 102 ? 1_555 O6 ? A G 23 ? A G 23 ? 1_555 146.2 ? 
12 O6 ? A G 13 ? A G 13 ? 1_555 K ? C K . ? A K 102 ? 1_555 O6 ? A G 23 ? A G 23 ? 1_555 118.4 ? 
13 O6 ? A G 15 ? A G 15 ? 1_555 K ? C K . ? A K 102 ? 1_555 O6 ? A G 23 ? A G 23 ? 1_555 127.1 ? 
14 O6 ? A G 16 ? A G 16 ? 1_555 K ? C K . ? A K 102 ? 1_555 O6 ? A G 23 ? A G 23 ? 1_555 75.2  ? 
15 O6 ? A G 22 ? A G 22 ? 1_555 K ? C K . ? A K 102 ? 1_555 O6 ? A G 23 ? A G 23 ? 1_555 72.9  ? 
16 O6 ? A G 12 ? A G 12 ? 1_555 K ? C K . ? A K 102 ? 1_555 O6 ? A G 25 ? A G 25 ? 1_555 63.9  ? 
17 O6 ? A G 13 ? A G 13 ? 1_555 K ? C K . ? A K 102 ? 1_555 O6 ? A G 25 ? A G 25 ? 1_555 120.0 ? 
18 O6 ? A G 15 ? A G 15 ? 1_555 K ? C K . ? A K 102 ? 1_555 O6 ? A G 25 ? A G 25 ? 1_555 120.9 ? 
19 O6 ? A G 16 ? A G 16 ? 1_555 K ? C K . ? A K 102 ? 1_555 O6 ? A G 25 ? A G 25 ? 1_555 154.6 ? 
20 O6 ? A G 22 ? A G 22 ? 1_555 K ? C K . ? A K 102 ? 1_555 O6 ? A G 25 ? A G 25 ? 1_555 83.7  ? 
21 O6 ? A G 23 ? A G 23 ? 1_555 K ? C K . ? A K 102 ? 1_555 O6 ? A G 25 ? A G 25 ? 1_555 82.7  ? 
22 O6 ? A G 12 ? A G 12 ? 1_555 K ? C K . ? A K 102 ? 1_555 O6 ? A G 26 ? A G 26 ? 1_555 91.2  ? 
23 O6 ? A G 13 ? A G 13 ? 1_555 K ? C K . ? A K 102 ? 1_555 O6 ? A G 26 ? A G 26 ? 1_555 61.3  ? 
24 O6 ? A G 15 ? A G 15 ? 1_555 K ? C K . ? A K 102 ? 1_555 O6 ? A G 26 ? A G 26 ? 1_555 152.4 ? 
25 O6 ? A G 16 ? A G 16 ? 1_555 K ? C K . ? A K 102 ? 1_555 O6 ? A G 26 ? A G 26 ? 1_555 109.9 ? 
26 O6 ? A G 22 ? A G 22 ? 1_555 K ? C K . ? A K 102 ? 1_555 O6 ? A G 26 ? A G 26 ? 1_555 142.6 ? 
27 O6 ? A G 23 ? A G 23 ? 1_555 K ? C K . ? A K 102 ? 1_555 O6 ? A G 26 ? A G 26 ? 1_555 74.1  ? 
28 O6 ? A G 25 ? A G 25 ? 1_555 K ? C K . ? A K 102 ? 1_555 O6 ? A G 26 ? A G 26 ? 1_555 75.0  ? 
# 
loop_
_pdbx_audit_revision_history.ordinal 
_pdbx_audit_revision_history.data_content_type 
_pdbx_audit_revision_history.major_revision 
_pdbx_audit_revision_history.minor_revision 
_pdbx_audit_revision_history.revision_date 
1 'Structure model' 1 0 2019-07-31 
2 'Structure model' 1 1 2019-08-28 
3 'Structure model' 1 2 2023-10-11 
# 
_pdbx_audit_revision_details.ordinal             1 
_pdbx_audit_revision_details.revision_ordinal    1 
_pdbx_audit_revision_details.data_content_type   'Structure model' 
_pdbx_audit_revision_details.provider            repository 
_pdbx_audit_revision_details.type                'Initial release' 
_pdbx_audit_revision_details.description         ? 
_pdbx_audit_revision_details.details             ? 
# 
loop_
_pdbx_audit_revision_group.ordinal 
_pdbx_audit_revision_group.revision_ordinal 
_pdbx_audit_revision_group.data_content_type 
_pdbx_audit_revision_group.group 
1 2 'Structure model' 'Data collection'        
2 2 'Structure model' 'Database references'    
3 3 'Structure model' 'Data collection'        
4 3 'Structure model' 'Database references'    
5 3 'Structure model' 'Refinement description' 
# 
loop_
_pdbx_audit_revision_category.ordinal 
_pdbx_audit_revision_category.revision_ordinal 
_pdbx_audit_revision_category.data_content_type 
_pdbx_audit_revision_category.category 
1 2 'Structure model' citation                      
2 3 'Structure model' chem_comp_atom                
3 3 'Structure model' chem_comp_bond                
4 3 'Structure model' database_2                    
5 3 'Structure model' pdbx_initial_refinement_model 
# 
loop_
_pdbx_audit_revision_item.ordinal 
_pdbx_audit_revision_item.revision_ordinal 
_pdbx_audit_revision_item.data_content_type 
_pdbx_audit_revision_item.item 
1 2 'Structure model' '_citation.journal_volume'            
2 2 'Structure model' '_citation.page_first'                
3 3 'Structure model' '_database_2.pdbx_DOI'                
4 3 'Structure model' '_database_2.pdbx_database_accession' 
# 
_pdbx_refine_tls.pdbx_refine_id   'X-RAY DIFFRACTION' 
_pdbx_refine_tls.id               1 
_pdbx_refine_tls.details          ? 
_pdbx_refine_tls.method           refined 
_pdbx_refine_tls.origin_x         0.0112 
_pdbx_refine_tls.origin_y         -0.0957 
_pdbx_refine_tls.origin_z         0.0595 
_pdbx_refine_tls.T[1][1]          1.3498 
_pdbx_refine_tls.T[2][2]          0.9808 
_pdbx_refine_tls.T[3][3]          1.1868 
_pdbx_refine_tls.T[1][2]          1.0075 
_pdbx_refine_tls.T[1][3]          -0.3688 
_pdbx_refine_tls.T[2][3]          -0.5242 
_pdbx_refine_tls.L[1][1]          0.0098 
_pdbx_refine_tls.L[2][2]          0.2085 
_pdbx_refine_tls.L[3][3]          0.1182 
_pdbx_refine_tls.L[1][2]          -0.0888 
_pdbx_refine_tls.L[1][3]          0.0431 
_pdbx_refine_tls.L[2][3]          -0.0980 
_pdbx_refine_tls.S[1][1]          0.8089 
_pdbx_refine_tls.S[2][2]          0.2370 
_pdbx_refine_tls.S[3][3]          -0.7990 
_pdbx_refine_tls.S[1][2]          0.5624 
_pdbx_refine_tls.S[1][3]          -0.6952 
_pdbx_refine_tls.S[2][3]          -0.7381 
_pdbx_refine_tls.S[2][1]          0.7225 
_pdbx_refine_tls.S[3][1]          1.1435 
_pdbx_refine_tls.S[3][2]          0.9773 
# 
loop_
_pdbx_refine_tls_group.pdbx_refine_id 
_pdbx_refine_tls_group.id 
_pdbx_refine_tls_group.refine_tls_id 
_pdbx_refine_tls_group.beg_auth_asym_id 
_pdbx_refine_tls_group.beg_auth_seq_id 
_pdbx_refine_tls_group.end_auth_asym_id 
_pdbx_refine_tls_group.end_auth_seq_id 
_pdbx_refine_tls_group.selection_details 
_pdbx_refine_tls_group.beg_label_asym_id 
_pdbx_refine_tls_group.beg_label_seq_id 
_pdbx_refine_tls_group.end_label_asym_id 
_pdbx_refine_tls_group.end_label_seq_id 
_pdbx_refine_tls_group.selection 
'X-RAY DIFFRACTION' 1 1 A 1 A 36 all ? ? ? ? ? 
'X-RAY DIFFRACTION' 2 1 C 1 C 1  all ? ? ? ? ? 
'X-RAY DIFFRACTION' 3 1 D 1 D 1  all ? ? ? ? ? 
# 
_pdbx_phasing_MR.entry_id                     6E81 
_pdbx_phasing_MR.method_rotation              ? 
_pdbx_phasing_MR.method_translation           ? 
_pdbx_phasing_MR.model_details                ? 
_pdbx_phasing_MR.R_factor                     ? 
_pdbx_phasing_MR.R_rigid_body                 ? 
_pdbx_phasing_MR.correlation_coeff_Fo_to_Fc   ? 
_pdbx_phasing_MR.correlation_coeff_Io_to_Ic   ? 
_pdbx_phasing_MR.d_res_high_rotation          3.350 
_pdbx_phasing_MR.d_res_low_rotation           38.320 
_pdbx_phasing_MR.d_res_high_translation       3.350 
_pdbx_phasing_MR.d_res_low_translation        38.320 
_pdbx_phasing_MR.packing                      ? 
_pdbx_phasing_MR.reflns_percent_rotation      ? 
_pdbx_phasing_MR.reflns_percent_translation   ? 
_pdbx_phasing_MR.sigma_F_rotation             ? 
_pdbx_phasing_MR.sigma_F_translation          ? 
_pdbx_phasing_MR.sigma_I_rotation             ? 
_pdbx_phasing_MR.sigma_I_translation          ? 
# 
_phasing.method   MR 
# 
loop_
_software.citation_id 
_software.classification 
_software.compiler_name 
_software.compiler_version 
_software.contact_author 
_software.contact_author_email 
_software.date 
_software.description 
_software.dependencies 
_software.hardware 
_software.language 
_software.location 
_software.mods 
_software.name 
_software.os 
_software.os_version 
_software.type 
_software.version 
_software.pdbx_ordinal 
? refinement        ? ? ? ? ? ? ? ? ? ? ? PHENIX      ? ? ? 1.11.1_2575 1 
? 'data scaling'    ? ? ? ? ? ? ? ? ? ? ? Aimless     ? ? ? 0.5.27      2 
? phasing           ? ? ? ? ? ? ? ? ? ? ? PHASER      ? ? ? 2.7.16      3 
? 'data extraction' ? ? ? ? ? ? ? ? ? ? ? PDB_EXTRACT ? ? ? 3.24        4 
? 'data reduction'  ? ? ? ? ? ? ? ? ? ? ? MOSFLM      ? ? ? .           5 
# 
loop_
_chem_comp_atom.comp_id 
_chem_comp_atom.atom_id 
_chem_comp_atom.type_symbol 
_chem_comp_atom.pdbx_aromatic_flag 
_chem_comp_atom.pdbx_stereo_config 
_chem_comp_atom.pdbx_ordinal 
A   OP3    O N N 1   
A   P      P N N 2   
A   OP1    O N N 3   
A   OP2    O N N 4   
A   "O5'"  O N N 5   
A   "C5'"  C N N 6   
A   "C4'"  C N R 7   
A   "O4'"  O N N 8   
A   "C3'"  C N S 9   
A   "O3'"  O N N 10  
A   "C2'"  C N R 11  
A   "O2'"  O N N 12  
A   "C1'"  C N R 13  
A   N9     N Y N 14  
A   C8     C Y N 15  
A   N7     N Y N 16  
A   C5     C Y N 17  
A   C6     C Y N 18  
A   N6     N N N 19  
A   N1     N Y N 20  
A   C2     C Y N 21  
A   N3     N Y N 22  
A   C4     C Y N 23  
A   HOP3   H N N 24  
A   HOP2   H N N 25  
A   "H5'"  H N N 26  
A   "H5''" H N N 27  
A   "H4'"  H N N 28  
A   "H3'"  H N N 29  
A   "HO3'" H N N 30  
A   "H2'"  H N N 31  
A   "HO2'" H N N 32  
A   "H1'"  H N N 33  
A   H8     H N N 34  
A   H61    H N N 35  
A   H62    H N N 36  
A   H2     H N N 37  
C   OP3    O N N 38  
C   P      P N N 39  
C   OP1    O N N 40  
C   OP2    O N N 41  
C   "O5'"  O N N 42  
C   "C5'"  C N N 43  
C   "C4'"  C N R 44  
C   "O4'"  O N N 45  
C   "C3'"  C N S 46  
C   "O3'"  O N N 47  
C   "C2'"  C N R 48  
C   "O2'"  O N N 49  
C   "C1'"  C N R 50  
C   N1     N N N 51  
C   C2     C N N 52  
C   O2     O N N 53  
C   N3     N N N 54  
C   C4     C N N 55  
C   N4     N N N 56  
C   C5     C N N 57  
C   C6     C N N 58  
C   HOP3   H N N 59  
C   HOP2   H N N 60  
C   "H5'"  H N N 61  
C   "H5''" H N N 62  
C   "H4'"  H N N 63  
C   "H3'"  H N N 64  
C   "HO3'" H N N 65  
C   "H2'"  H N N 66  
C   "HO2'" H N N 67  
C   "H1'"  H N N 68  
C   H41    H N N 69  
C   H42    H N N 70  
C   H5     H N N 71  
C   H6     H N N 72  
G   OP3    O N N 73  
G   P      P N N 74  
G   OP1    O N N 75  
G   OP2    O N N 76  
G   "O5'"  O N N 77  
G   "C5'"  C N N 78  
G   "C4'"  C N R 79  
G   "O4'"  O N N 80  
G   "C3'"  C N S 81  
G   "O3'"  O N N 82  
G   "C2'"  C N R 83  
G   "O2'"  O N N 84  
G   "C1'"  C N R 85  
G   N9     N Y N 86  
G   C8     C Y N 87  
G   N7     N Y N 88  
G   C5     C Y N 89  
G   C6     C N N 90  
G   O6     O N N 91  
G   N1     N N N 92  
G   C2     C N N 93  
G   N2     N N N 94  
G   N3     N N N 95  
G   C4     C Y N 96  
G   HOP3   H N N 97  
G   HOP2   H N N 98  
G   "H5'"  H N N 99  
G   "H5''" H N N 100 
G   "H4'"  H N N 101 
G   "H3'"  H N N 102 
G   "HO3'" H N N 103 
G   "H2'"  H N N 104 
G   "HO2'" H N N 105 
G   "H1'"  H N N 106 
G   H8     H N N 107 
G   H1     H N N 108 
G   H21    H N N 109 
G   H22    H N N 110 
K   K      K N N 111 
TFX N1     N Y N 112 
TFX S1     S Y N 113 
TFX C2     C Y N 114 
TFX N2     N N N 115 
TFX C3     C Y N 116 
TFX C4     C Y N 117 
TFX C5     C Y N 118 
TFX C6     C Y N 119 
TFX C7     C Y N 120 
TFX C8     C Y N 121 
TFX C9     C Y N 122 
TFX C10    C Y N 123 
TFX C11    C Y N 124 
TFX C12    C Y N 125 
TFX C13    C Y N 126 
TFX C14    C Y N 127 
TFX C15    C N N 128 
TFX C16    C N N 129 
TFX C17    C N N 130 
TFX C18    C N N 131 
TFX H3     H N N 132 
TFX H4     H N N 133 
TFX H6     H N N 134 
TFX H7     H N N 135 
TFX H11    H N N 136 
TFX H13    H N N 137 
TFX H14    H N N 138 
TFX H15    H N N 139 
TFX H15A   H N N 140 
TFX H15B   H N N 141 
TFX H16    H N N 142 
TFX H16A   H N N 143 
TFX H16B   H N N 144 
TFX H17    H N N 145 
TFX H17A   H N N 146 
TFX H17B   H N N 147 
TFX H18    H N N 148 
TFX H18A   H N N 149 
TFX H18B   H N N 150 
U   OP3    O N N 151 
U   P      P N N 152 
U   OP1    O N N 153 
U   OP2    O N N 154 
U   "O5'"  O N N 155 
U   "C5'"  C N N 156 
U   "C4'"  C N R 157 
U   "O4'"  O N N 158 
U   "C3'"  C N S 159 
U   "O3'"  O N N 160 
U   "C2'"  C N R 161 
U   "O2'"  O N N 162 
U   "C1'"  C N R 163 
U   N1     N N N 164 
U   C2     C N N 165 
U   O2     O N N 166 
U   N3     N N N 167 
U   C4     C N N 168 
U   O4     O N N 169 
U   C5     C N N 170 
U   C6     C N N 171 
U   HOP3   H N N 172 
U   HOP2   H N N 173 
U   "H5'"  H N N 174 
U   "H5''" H N N 175 
U   "H4'"  H N N 176 
U   "H3'"  H N N 177 
U   "HO3'" H N N 178 
U   "H2'"  H N N 179 
U   "HO2'" H N N 180 
U   "H1'"  H N N 181 
U   H3     H N N 182 
U   H5     H N N 183 
U   H6     H N N 184 
# 
loop_
_chem_comp_bond.comp_id 
_chem_comp_bond.atom_id_1 
_chem_comp_bond.atom_id_2 
_chem_comp_bond.value_order 
_chem_comp_bond.pdbx_aromatic_flag 
_chem_comp_bond.pdbx_stereo_config 
_chem_comp_bond.pdbx_ordinal 
A   OP3   P      sing N N 1   
A   OP3   HOP3   sing N N 2   
A   P     OP1    doub N N 3   
A   P     OP2    sing N N 4   
A   P     "O5'"  sing N N 5   
A   OP2   HOP2   sing N N 6   
A   "O5'" "C5'"  sing N N 7   
A   "C5'" "C4'"  sing N N 8   
A   "C5'" "H5'"  sing N N 9   
A   "C5'" "H5''" sing N N 10  
A   "C4'" "O4'"  sing N N 11  
A   "C4'" "C3'"  sing N N 12  
A   "C4'" "H4'"  sing N N 13  
A   "O4'" "C1'"  sing N N 14  
A   "C3'" "O3'"  sing N N 15  
A   "C3'" "C2'"  sing N N 16  
A   "C3'" "H3'"  sing N N 17  
A   "O3'" "HO3'" sing N N 18  
A   "C2'" "O2'"  sing N N 19  
A   "C2'" "C1'"  sing N N 20  
A   "C2'" "H2'"  sing N N 21  
A   "O2'" "HO2'" sing N N 22  
A   "C1'" N9     sing N N 23  
A   "C1'" "H1'"  sing N N 24  
A   N9    C8     sing Y N 25  
A   N9    C4     sing Y N 26  
A   C8    N7     doub Y N 27  
A   C8    H8     sing N N 28  
A   N7    C5     sing Y N 29  
A   C5    C6     sing Y N 30  
A   C5    C4     doub Y N 31  
A   C6    N6     sing N N 32  
A   C6    N1     doub Y N 33  
A   N6    H61    sing N N 34  
A   N6    H62    sing N N 35  
A   N1    C2     sing Y N 36  
A   C2    N3     doub Y N 37  
A   C2    H2     sing N N 38  
A   N3    C4     sing Y N 39  
C   OP3   P      sing N N 40  
C   OP3   HOP3   sing N N 41  
C   P     OP1    doub N N 42  
C   P     OP2    sing N N 43  
C   P     "O5'"  sing N N 44  
C   OP2   HOP2   sing N N 45  
C   "O5'" "C5'"  sing N N 46  
C   "C5'" "C4'"  sing N N 47  
C   "C5'" "H5'"  sing N N 48  
C   "C5'" "H5''" sing N N 49  
C   "C4'" "O4'"  sing N N 50  
C   "C4'" "C3'"  sing N N 51  
C   "C4'" "H4'"  sing N N 52  
C   "O4'" "C1'"  sing N N 53  
C   "C3'" "O3'"  sing N N 54  
C   "C3'" "C2'"  sing N N 55  
C   "C3'" "H3'"  sing N N 56  
C   "O3'" "HO3'" sing N N 57  
C   "C2'" "O2'"  sing N N 58  
C   "C2'" "C1'"  sing N N 59  
C   "C2'" "H2'"  sing N N 60  
C   "O2'" "HO2'" sing N N 61  
C   "C1'" N1     sing N N 62  
C   "C1'" "H1'"  sing N N 63  
C   N1    C2     sing N N 64  
C   N1    C6     sing N N 65  
C   C2    O2     doub N N 66  
C   C2    N3     sing N N 67  
C   N3    C4     doub N N 68  
C   C4    N4     sing N N 69  
C   C4    C5     sing N N 70  
C   N4    H41    sing N N 71  
C   N4    H42    sing N N 72  
C   C5    C6     doub N N 73  
C   C5    H5     sing N N 74  
C   C6    H6     sing N N 75  
G   OP3   P      sing N N 76  
G   OP3   HOP3   sing N N 77  
G   P     OP1    doub N N 78  
G   P     OP2    sing N N 79  
G   P     "O5'"  sing N N 80  
G   OP2   HOP2   sing N N 81  
G   "O5'" "C5'"  sing N N 82  
G   "C5'" "C4'"  sing N N 83  
G   "C5'" "H5'"  sing N N 84  
G   "C5'" "H5''" sing N N 85  
G   "C4'" "O4'"  sing N N 86  
G   "C4'" "C3'"  sing N N 87  
G   "C4'" "H4'"  sing N N 88  
G   "O4'" "C1'"  sing N N 89  
G   "C3'" "O3'"  sing N N 90  
G   "C3'" "C2'"  sing N N 91  
G   "C3'" "H3'"  sing N N 92  
G   "O3'" "HO3'" sing N N 93  
G   "C2'" "O2'"  sing N N 94  
G   "C2'" "C1'"  sing N N 95  
G   "C2'" "H2'"  sing N N 96  
G   "O2'" "HO2'" sing N N 97  
G   "C1'" N9     sing N N 98  
G   "C1'" "H1'"  sing N N 99  
G   N9    C8     sing Y N 100 
G   N9    C4     sing Y N 101 
G   C8    N7     doub Y N 102 
G   C8    H8     sing N N 103 
G   N7    C5     sing Y N 104 
G   C5    C6     sing N N 105 
G   C5    C4     doub Y N 106 
G   C6    O6     doub N N 107 
G   C6    N1     sing N N 108 
G   N1    C2     sing N N 109 
G   N1    H1     sing N N 110 
G   C2    N2     sing N N 111 
G   C2    N3     doub N N 112 
G   N2    H21    sing N N 113 
G   N2    H22    sing N N 114 
G   N3    C4     sing N N 115 
TFX N1    C8     doub Y N 116 
TFX N1    C9     sing Y N 117 
TFX N1    C17    sing N N 118 
TFX S1    C8     sing Y N 119 
TFX S1    C10    sing Y N 120 
TFX C2    N2     sing N N 121 
TFX C2    C3     doub Y N 122 
TFX C2    C7     sing Y N 123 
TFX N2    C15    sing N N 124 
TFX N2    C16    sing N N 125 
TFX C3    C4     sing Y N 126 
TFX C4    C5     doub Y N 127 
TFX C5    C6     sing Y N 128 
TFX C5    C8     sing Y N 129 
TFX C6    C7     doub Y N 130 
TFX C9    C10    doub Y N 131 
TFX C9    C14    sing Y N 132 
TFX C10   C11    sing Y N 133 
TFX C11   C12    doub Y N 134 
TFX C12   C13    sing Y N 135 
TFX C12   C18    sing N N 136 
TFX C13   C14    doub Y N 137 
TFX C3    H3     sing N N 138 
TFX C4    H4     sing N N 139 
TFX C6    H6     sing N N 140 
TFX C7    H7     sing N N 141 
TFX C11   H11    sing N N 142 
TFX C13   H13    sing N N 143 
TFX C14   H14    sing N N 144 
TFX C15   H15    sing N N 145 
TFX C15   H15A   sing N N 146 
TFX C15   H15B   sing N N 147 
TFX C16   H16    sing N N 148 
TFX C16   H16A   sing N N 149 
TFX C16   H16B   sing N N 150 
TFX C17   H17    sing N N 151 
TFX C17   H17A   sing N N 152 
TFX C17   H17B   sing N N 153 
TFX C18   H18    sing N N 154 
TFX C18   H18A   sing N N 155 
TFX C18   H18B   sing N N 156 
U   OP3   P      sing N N 157 
U   OP3   HOP3   sing N N 158 
U   P     OP1    doub N N 159 
U   P     OP2    sing N N 160 
U   P     "O5'"  sing N N 161 
U   OP2   HOP2   sing N N 162 
U   "O5'" "C5'"  sing N N 163 
U   "C5'" "C4'"  sing N N 164 
U   "C5'" "H5'"  sing N N 165 
U   "C5'" "H5''" sing N N 166 
U   "C4'" "O4'"  sing N N 167 
U   "C4'" "C3'"  sing N N 168 
U   "C4'" "H4'"  sing N N 169 
U   "O4'" "C1'"  sing N N 170 
U   "C3'" "O3'"  sing N N 171 
U   "C3'" "C2'"  sing N N 172 
U   "C3'" "H3'"  sing N N 173 
U   "O3'" "HO3'" sing N N 174 
U   "C2'" "O2'"  sing N N 175 
U   "C2'" "C1'"  sing N N 176 
U   "C2'" "H2'"  sing N N 177 
U   "O2'" "HO2'" sing N N 178 
U   "C1'" N1     sing N N 179 
U   "C1'" "H1'"  sing N N 180 
U   N1    C2     sing N N 181 
U   N1    C6     sing N N 182 
U   C2    O2     doub N N 183 
U   C2    N3     sing N N 184 
U   N3    C4     sing N N 185 
U   N3    H3     sing N N 186 
U   C4    O4     doub N N 187 
U   C4    C5     sing N N 188 
U   C5    C6     doub N N 189 
U   C5    H5     sing N N 190 
U   C6    H6     sing N N 191 
# 
loop_
_ndb_struct_conf_na.entry_id 
_ndb_struct_conf_na.feature 
6E81 'double helix'        
6E81 'a-form double helix' 
6E81 'quadruple helix'     
# 
loop_
_ndb_struct_na_base_pair.model_number 
_ndb_struct_na_base_pair.i_label_asym_id 
_ndb_struct_na_base_pair.i_label_comp_id 
_ndb_struct_na_base_pair.i_label_seq_id 
_ndb_struct_na_base_pair.i_symmetry 
_ndb_struct_na_base_pair.j_label_asym_id 
_ndb_struct_na_base_pair.j_label_comp_id 
_ndb_struct_na_base_pair.j_label_seq_id 
_ndb_struct_na_base_pair.j_symmetry 
_ndb_struct_na_base_pair.shear 
_ndb_struct_na_base_pair.stretch 
_ndb_struct_na_base_pair.stagger 
_ndb_struct_na_base_pair.buckle 
_ndb_struct_na_base_pair.propeller 
_ndb_struct_na_base_pair.opening 
_ndb_struct_na_base_pair.pair_number 
_ndb_struct_na_base_pair.pair_name 
_ndb_struct_na_base_pair.i_auth_asym_id 
_ndb_struct_na_base_pair.i_auth_seq_id 
_ndb_struct_na_base_pair.i_PDB_ins_code 
_ndb_struct_na_base_pair.j_auth_asym_id 
_ndb_struct_na_base_pair.j_auth_seq_id 
_ndb_struct_na_base_pair.j_PDB_ins_code 
_ndb_struct_na_base_pair.hbond_type_28 
_ndb_struct_na_base_pair.hbond_type_12 
1 A G 1  1_555 A C 36 1_555 0.440  -0.132 -0.110 -4.729  -7.402  -11.143  1  A_G1:C36_A  A 1  ? A 36 ? 19 1 
1 A G 2  1_555 A C 35 1_555 -1.496 -0.610 -0.271 -4.459  -14.739 -3.956   2  A_G2:C35_A  A 2  ? A 35 ? 19 1 
1 A C 3  1_555 A G 34 1_555 -0.287 0.039  -0.374 -4.535  -2.070  1.729    3  A_C3:G34_A  A 3  ? A 34 ? 19 1 
1 A G 4  1_555 A C 33 1_555 -0.123 -0.568 -0.779 -15.162 8.116   -10.264  4  A_G4:C33_A  A 4  ? A 33 ? 19 1 
1 A C 5  1_555 A G 32 1_555 2.421  -0.313 -0.662 6.074   13.771  2.201    5  A_C5:G32_A  A 5  ? A 32 ? ?  1 
1 A A 7  1_555 A A 14 1_555 -5.492 5.168  -0.710 13.501  -9.318  -173.196 6  A_A7:A14_A  A 7  ? A 14 ? 2  8 
1 A G 9  1_555 A C 18 1_555 -0.298 0.141  -0.664 -31.605 10.599  1.971    7  A_G9:C18_A  A 9  ? A 18 ? 19 1 
1 A G 13 1_555 A G 26 1_555 -1.482 -2.814 -0.197 3.319   4.345   99.328   8  A_G13:G26_A A 13 ? A 26 ? 6  3 
1 A G 12 1_555 A G 25 1_555 -1.104 -3.192 -0.959 7.742   0.449   91.190   9  A_G12:G25_A A 12 ? A 25 ? 6  3 
1 A G 15 1_555 A G 22 1_555 1.352  3.227  -0.341 -10.598 6.617   -91.890  10 A_G15:G22_A A 15 ? A 22 ? 6  3 
1 A G 16 1_555 A G 23 1_555 1.813  3.055  -0.171 -0.298  1.638   -89.474  11 A_G16:G23_A A 16 ? A 23 ? 6  3 
1 A U 27 1_555 A A 21 1_555 -1.733 1.365  0.275  -16.727 18.620  -33.877  12 A_U27:A21_A A 27 ? A 21 ? ?  ? 
1 A C 28 1_555 A G 20 1_555 0.751  -0.262 -0.029 23.479  15.427  10.121   13 A_C28:G20_A A 28 ? A 20 ? 19 1 
# 
loop_
_ndb_struct_na_base_pair_step.model_number 
_ndb_struct_na_base_pair_step.i_label_asym_id_1 
_ndb_struct_na_base_pair_step.i_label_comp_id_1 
_ndb_struct_na_base_pair_step.i_label_seq_id_1 
_ndb_struct_na_base_pair_step.i_symmetry_1 
_ndb_struct_na_base_pair_step.j_label_asym_id_1 
_ndb_struct_na_base_pair_step.j_label_comp_id_1 
_ndb_struct_na_base_pair_step.j_label_seq_id_1 
_ndb_struct_na_base_pair_step.j_symmetry_1 
_ndb_struct_na_base_pair_step.i_label_asym_id_2 
_ndb_struct_na_base_pair_step.i_label_comp_id_2 
_ndb_struct_na_base_pair_step.i_label_seq_id_2 
_ndb_struct_na_base_pair_step.i_symmetry_2 
_ndb_struct_na_base_pair_step.j_label_asym_id_2 
_ndb_struct_na_base_pair_step.j_label_comp_id_2 
_ndb_struct_na_base_pair_step.j_label_seq_id_2 
_ndb_struct_na_base_pair_step.j_symmetry_2 
_ndb_struct_na_base_pair_step.shift 
_ndb_struct_na_base_pair_step.slide 
_ndb_struct_na_base_pair_step.rise 
_ndb_struct_na_base_pair_step.tilt 
_ndb_struct_na_base_pair_step.roll 
_ndb_struct_na_base_pair_step.twist 
_ndb_struct_na_base_pair_step.x_displacement 
_ndb_struct_na_base_pair_step.y_displacement 
_ndb_struct_na_base_pair_step.helical_rise 
_ndb_struct_na_base_pair_step.inclination 
_ndb_struct_na_base_pair_step.tip 
_ndb_struct_na_base_pair_step.helical_twist 
_ndb_struct_na_base_pair_step.step_number 
_ndb_struct_na_base_pair_step.step_name 
_ndb_struct_na_base_pair_step.i_auth_asym_id_1 
_ndb_struct_na_base_pair_step.i_auth_seq_id_1 
_ndb_struct_na_base_pair_step.i_PDB_ins_code_1 
_ndb_struct_na_base_pair_step.j_auth_asym_id_1 
_ndb_struct_na_base_pair_step.j_auth_seq_id_1 
_ndb_struct_na_base_pair_step.j_PDB_ins_code_1 
_ndb_struct_na_base_pair_step.i_auth_asym_id_2 
_ndb_struct_na_base_pair_step.i_auth_seq_id_2 
_ndb_struct_na_base_pair_step.i_PDB_ins_code_2 
_ndb_struct_na_base_pair_step.j_auth_asym_id_2 
_ndb_struct_na_base_pair_step.j_auth_seq_id_2 
_ndb_struct_na_base_pair_step.j_PDB_ins_code_2 
1 A G 1  1_555 A C 36 1_555 A G 2  1_555 A C 35 1_555 -0.120 -1.818 3.177 -4.800 7.504    30.521   -4.574 -0.581 2.654  13.887  
8.883   31.764   1 AA_G1G2:C35C36_AA   A 1  ? A 36 ? A 2  ? A 35 ? 
1 A G 2  1_555 A C 35 1_555 A C 3  1_555 A G 34 1_555 0.011  -1.450 3.215 -0.595 10.642   36.615   -3.469 -0.086 2.704  16.515  
0.923   38.084   2 AA_G2C3:G34C35_AA   A 2  ? A 35 ? A 3  ? A 34 ? 
1 A C 3  1_555 A G 34 1_555 A G 4  1_555 A C 33 1_555 -0.024 -0.822 3.455 4.546  7.593    31.927   -2.761 0.832  3.149  13.483  
-8.072  33.100   3 AA_C3G4:C33G34_AA   A 3  ? A 34 ? A 4  ? A 33 ? 
1 A G 4  1_555 A C 33 1_555 A C 5  1_555 A G 32 1_555 0.832  -1.575 2.651 -0.779 0.693    39.879   -2.373 -1.291 2.609  1.015   
1.141   39.892   4 AA_G4C5:G32C33_AA   A 4  ? A 33 ? A 5  ? A 32 ? 
1 A G 9  1_555 A C 18 1_555 A G 13 1_555 A G 26 1_555 6.444  1.675  0.322 36.366 -145.485 14.920   1.000  -3.301 -0.018 -85.378 
-21.341 150.221  5 AA_G9G13:G26C18_AA  A 9  ? A 18 ? A 13 ? A 26 ? 
1 A G 12 1_555 A G 25 1_555 A G 15 1_555 A G 22 1_555 -1.916 -3.025 0.747 9.716  -8.630   177.484  -1.512 0.959  0.748  -4.316  
-4.859  177.500  6 AA_G12G15:G22G25_AA A 12 ? A 25 ? A 15 ? A 22 ? 
1 A G 15 1_555 A G 22 1_555 A G 16 1_555 A G 23 1_555 -0.022 -1.777 2.843 7.315  5.331    36.333   -3.354 0.834  2.515  8.390   
-11.512 37.406   7 AA_G15G16:G23G22_AA A 15 ? A 22 ? A 16 ? A 23 ? 
1 A G 16 1_555 A G 23 1_555 A U 27 1_555 A A 21 1_555 1.112  -1.282 4.273 10.792 -0.886   -166.501 0.647  0.584  4.259  0.446   
5.434   -166.561 8 AA_G16U27:A21G23_AA A 16 ? A 23 ? A 27 ? A 21 ? 
1 A U 27 1_555 A A 21 1_555 A C 28 1_555 A G 20 1_555 0.771  0.718  2.429 -0.361 14.600   13.887   -3.579 -2.345 2.185  46.653  
1.152   20.127   9 AA_U27C28:G20A21_AA A 27 ? A 21 ? A 28 ? A 20 ? 
# 
loop_
_pdbx_entity_nonpoly.entity_id 
_pdbx_entity_nonpoly.name 
_pdbx_entity_nonpoly.comp_id 
2 '2-[4-(dimethylamino)phenyl]-3,6-dimethyl-1,3-benzothiazol-3-ium' TFX 
3 'POTASSIUM ION'                                                   K   
# 
_pdbx_initial_refinement_model.id               1 
_pdbx_initial_refinement_model.entity_id_list   ? 
_pdbx_initial_refinement_model.type             'experimental model' 
_pdbx_initial_refinement_model.source_name      PDB 
_pdbx_initial_refinement_model.accession_code   5BJP 
_pdbx_initial_refinement_model.details          ? 
# 
_pdbx_struct_assembly_auth_evidence.id                     1 
_pdbx_struct_assembly_auth_evidence.assembly_id            1 
_pdbx_struct_assembly_auth_evidence.experimental_support   'equilibrium centrifugation' 
_pdbx_struct_assembly_auth_evidence.details                'native polyacrylamide gel electrophoresis' 
# 
